data_7MZH
#
_entry.id   7MZH
#
_cell.length_a   93.704
_cell.length_b   72.833
_cell.length_c   103.988
_cell.angle_alpha   90.000
_cell.angle_beta   90.710
_cell.angle_gamma   90.000
#
_symmetry.space_group_name_H-M   'P 1 21 1'
#
loop_
_entity.id
_entity.type
_entity.pdbx_description
1 polymer 'Spike protein S1'
2 polymer 'WCSL 119 heavy chain'
3 polymer 'WCSL 119 light chain'
4 branched beta-D-mannopyranose-(1-4)-2-acetamido-2-deoxy-beta-D-glucopyranose-(1-4)-2-acetamido-2-deoxy-beta-D-glucopyranose
5 branched alpha-D-mannopyranose-(1-3)-beta-D-mannopyranose-(1-4)-2-acetamido-2-deoxy-beta-D-glucopyranose-(1-4)-[alpha-L-fucopyranose-(1-6)]2-acetamido-2-deoxy-beta-D-glucopyranose
6 water water
#
loop_
_entity_poly.entity_id
_entity_poly.type
_entity_poly.pdbx_seq_one_letter_code
_entity_poly.pdbx_strand_id
1 'polypeptide(L)'
;NITNLCPFGEVFNATRFASVYAWNRKRISNCVADYSVLYNSASFSTFKCYGVSPTKLNDLCFTNVYADSFVIRGDEVRQI
APGQTGKIADYNYKLPDDFTGCVIAWNSNNLDSKVGGNYNYLYRLFRKSNLKPFERDISTEIYQAGSTPCNGVEGFNCYF
PLQSYGFQPTNGVGYQPYRVVVLSFELLHAPATVCGPGSHHHHHH
;
E,A
2 'polypeptide(L)'
;EVQLVQSGAEVKKPGASVKVSCKASGYTFTGYYMHWVRQAPGQGLEWMGRINPNSGGTNYAQKFQGRVTMTRDTSISTAY
MELSRLRSDDTAVYYCARSYYDYWGQGTLVTVSSASTKGPSVFPLAPSSKSTSGGTAALGCLVKDYFPEPVTVSWNSGAL
TSGVHTFPAVLQSSGLYSLSSVVTVPSSSLGTQTYICNVNHKPSNTKVDKKVEPKSCDKTH
;
H,B
3 'polypeptide(L)'
;QSVLTQPPSVSEAPRQRVTISCSGSSSNIGHNAVHWYQQLPGKAPKLLIYYDDLLPAGVSDRFSGSKSGTSASLAISGLQ
SEDEADYYCAAWDDILNGPVFGGGTKLTVLGQPKANPTVTLFPPSSEELQANKATLVCLISDFYPGAVTVAWKADGSPVK
AGVETTKPSKQSNNKYAASSYLSLTPEQWKSHRSYSCQVTHEGSTVEKTVAPTECS
;
L,C
#
loop_
_chem_comp.id
_chem_comp.type
_chem_comp.name
_chem_comp.formula
BMA D-saccharide, beta linking beta-D-mannopyranose 'C6 H12 O6'
FUC L-saccharide, alpha linking alpha-L-fucopyranose 'C6 H12 O5'
MAN D-saccharide, alpha linking alpha-D-mannopyranose 'C6 H12 O6'
NAG D-saccharide, beta linking 2-acetamido-2-deoxy-beta-D-glucopyranose 'C8 H15 N O6'
#
# COMPACT_ATOMS: atom_id res chain seq x y z
N THR A 3 -1.38 65.24 24.73
CA THR A 3 -2.36 64.36 25.38
C THR A 3 -2.82 63.26 24.42
N ASN A 4 -1.97 62.28 24.18
CA ASN A 4 -2.37 61.05 23.50
C ASN A 4 -2.41 59.88 24.50
N LEU A 5 -3.60 59.40 24.88
CA LEU A 5 -3.61 58.30 25.84
C LEU A 5 -3.58 56.95 25.12
N CYS A 6 -3.06 55.94 25.81
CA CYS A 6 -2.83 54.68 25.11
C CYS A 6 -4.10 53.84 25.06
N PRO A 7 -4.35 53.17 23.93
CA PRO A 7 -5.60 52.42 23.75
C PRO A 7 -5.59 51.09 24.49
N PHE A 8 -5.52 51.17 25.83
CA PHE A 8 -5.52 49.96 26.64
C PHE A 8 -6.91 49.35 26.73
N GLY A 9 -7.95 50.20 26.84
CA GLY A 9 -9.31 49.69 26.82
C GLY A 9 -9.63 48.87 25.59
N GLU A 10 -8.92 49.10 24.50
CA GLU A 10 -9.16 48.31 23.30
C GLU A 10 -8.67 46.88 23.50
N VAL A 11 -7.63 46.72 24.30
CA VAL A 11 -7.10 45.41 24.64
C VAL A 11 -7.82 44.78 25.81
N PHE A 12 -7.94 45.52 26.91
CA PHE A 12 -8.48 44.94 28.13
C PHE A 12 -9.98 44.72 28.03
N ASN A 13 -10.69 45.63 27.38
CA ASN A 13 -12.14 45.57 27.30
C ASN A 13 -12.63 45.04 25.96
N ALA A 14 -11.77 44.40 25.18
CA ALA A 14 -12.20 43.86 23.90
C ALA A 14 -13.29 42.83 24.15
N THR A 15 -14.32 42.83 23.28
CA THR A 15 -15.44 41.89 23.46
C THR A 15 -15.05 40.45 23.21
N ARG A 16 -14.17 40.17 22.25
CA ARG A 16 -13.74 38.78 22.07
C ARG A 16 -12.23 38.69 22.15
N PHE A 17 -11.77 37.62 22.76
CA PHE A 17 -10.34 37.33 22.91
C PHE A 17 -9.94 36.20 21.98
N ALA A 18 -8.65 36.17 21.65
CA ALA A 18 -8.13 35.14 20.78
C ALA A 18 -7.89 33.85 21.54
N SER A 19 -7.82 32.75 20.80
CA SER A 19 -7.32 31.49 21.35
C SER A 19 -5.84 31.61 21.62
N VAL A 20 -5.39 30.92 22.67
CA VAL A 20 -4.00 31.08 23.09
C VAL A 20 -3.02 30.64 21.99
N TYR A 21 -3.35 29.64 21.17
CA TYR A 21 -2.38 29.23 20.15
C TYR A 21 -2.18 30.33 19.11
N ALA A 22 -3.24 31.07 18.79
CA ALA A 22 -3.17 32.22 17.89
C ALA A 22 -3.23 33.54 18.67
N TRP A 23 -2.37 33.66 19.69
CA TRP A 23 -2.48 34.79 20.62
C TRP A 23 -2.27 36.13 19.93
N ASN A 24 -3.15 37.07 20.25
CA ASN A 24 -3.12 38.41 19.68
C ASN A 24 -2.00 39.23 20.29
N ARG A 25 -1.34 40.05 19.47
CA ARG A 25 -0.36 41.02 19.93
C ARG A 25 -0.75 42.40 19.42
N LYS A 26 -0.67 43.40 20.28
CA LYS A 26 -0.94 44.79 19.91
C LYS A 26 0.25 45.63 20.33
N ARG A 27 0.82 46.37 19.38
CA ARG A 27 1.91 47.28 19.65
C ARG A 27 1.33 48.59 20.19
N ILE A 28 1.87 49.05 21.30
CA ILE A 28 1.48 50.33 21.91
C ILE A 28 2.62 51.31 21.67
N SER A 29 2.29 52.47 21.10
CA SER A 29 3.31 53.40 20.62
C SER A 29 2.76 54.82 20.72
N ASN A 30 3.66 55.78 20.87
CA ASN A 30 3.37 57.21 20.73
C ASN A 30 2.15 57.62 21.55
N CYS A 31 2.25 57.47 22.88
CA CYS A 31 1.08 57.70 23.71
C CYS A 31 1.50 57.78 25.18
N VAL A 32 0.60 58.32 25.99
CA VAL A 32 0.71 58.37 27.44
C VAL A 32 -0.14 57.26 28.02
N ALA A 33 0.45 56.43 28.87
CA ALA A 33 -0.23 55.30 29.49
C ALA A 33 -0.26 55.46 31.00
N ASP A 34 -1.46 55.41 31.56
CA ASP A 34 -1.65 55.37 33.01
C ASP A 34 -1.70 53.92 33.47
N TYR A 35 -0.57 53.41 33.94
CA TYR A 35 -0.55 52.05 34.45
C TYR A 35 -1.16 51.94 35.84
N SER A 36 -1.08 53.01 36.63
CA SER A 36 -1.68 53.04 37.96
C SER A 36 -3.10 52.49 37.96
N VAL A 37 -3.94 52.97 37.03
CA VAL A 37 -5.33 52.55 37.00
C VAL A 37 -5.44 51.02 36.86
N LEU A 38 -4.61 50.41 35.99
CA LEU A 38 -4.63 48.96 35.84
C LEU A 38 -4.12 48.25 37.08
N TYR A 39 -2.93 48.65 37.55
CA TYR A 39 -2.30 47.96 38.67
C TYR A 39 -3.17 48.00 39.91
N ASN A 40 -3.85 49.12 40.15
CA ASN A 40 -4.66 49.30 41.35
C ASN A 40 -6.09 48.79 41.18
N SER A 41 -6.42 48.23 40.03
CA SER A 41 -7.79 47.76 39.81
C SER A 41 -7.98 46.39 40.45
N ALA A 42 -9.01 46.29 41.30
CA ALA A 42 -9.35 45.03 41.94
C ALA A 42 -9.92 44.02 40.94
N SER A 43 -10.25 44.46 39.72
CA SER A 43 -10.74 43.58 38.65
C SER A 43 -9.74 42.49 38.28
N PHE A 44 -8.45 42.70 38.48
CA PHE A 44 -7.43 41.73 38.06
C PHE A 44 -7.03 40.88 39.26
N SER A 45 -7.33 39.57 39.18
CA SER A 45 -6.88 38.69 40.24
C SER A 45 -5.38 38.39 40.11
N THR A 46 -4.85 38.31 38.89
CA THR A 46 -3.42 38.12 38.71
C THR A 46 -2.79 39.42 38.18
N PHE A 47 -1.65 39.81 38.75
CA PHE A 47 -0.91 40.96 38.26
C PHE A 47 0.53 40.84 38.73
N LYS A 48 1.33 39.99 38.10
CA LYS A 48 2.71 39.79 38.50
C LYS A 48 3.67 40.26 37.42
N CYS A 49 4.61 41.10 37.83
CA CYS A 49 5.59 41.74 36.98
C CYS A 49 6.96 41.10 37.19
N TYR A 50 7.78 41.20 36.15
CA TYR A 50 9.10 40.61 36.08
C TYR A 50 10.00 41.68 35.48
N GLY A 51 11.13 41.96 36.13
CA GLY A 51 12.05 42.97 35.63
C GLY A 51 11.63 44.42 35.80
N VAL A 52 10.44 44.69 36.33
CA VAL A 52 9.98 46.06 36.52
C VAL A 52 9.13 46.12 37.78
N SER A 53 9.14 47.29 38.40
CA SER A 53 8.24 47.56 39.50
C SER A 53 6.96 48.14 38.94
N PRO A 54 5.80 47.59 39.28
CA PRO A 54 4.55 48.18 38.78
C PRO A 54 4.32 49.62 39.23
N THR A 55 4.66 49.94 40.49
CA THR A 55 4.46 51.31 40.97
C THR A 55 5.35 52.31 40.26
N LYS A 56 6.46 51.86 39.65
CA LYS A 56 7.36 52.77 38.97
C LYS A 56 6.96 53.02 37.53
N LEU A 57 5.97 52.32 37.01
CA LEU A 57 5.68 52.40 35.58
C LEU A 57 5.24 53.79 35.19
N ASN A 58 4.51 54.48 36.07
CA ASN A 58 3.97 55.78 35.72
C ASN A 58 5.05 56.82 35.50
N ASP A 59 6.30 56.55 35.92
CA ASP A 59 7.40 57.47 35.71
C ASP A 59 8.38 57.01 34.65
N LEU A 60 8.15 55.90 33.97
CA LEU A 60 9.10 55.39 33.00
C LEU A 60 8.65 55.67 31.57
N CYS A 61 9.63 55.69 30.67
CA CYS A 61 9.36 55.76 29.24
C CYS A 61 9.95 54.53 28.58
N PHE A 62 9.31 54.11 27.49
CA PHE A 62 9.77 52.93 26.77
C PHE A 62 9.69 53.23 25.28
N THR A 63 10.55 52.55 24.52
CA THR A 63 10.45 52.65 23.08
C THR A 63 9.10 52.12 22.61
N ASN A 64 8.70 50.97 23.14
CA ASN A 64 7.47 50.32 22.72
C ASN A 64 6.92 49.47 23.86
N VAL A 65 5.63 49.21 23.78
CA VAL A 65 4.97 48.28 24.69
C VAL A 65 4.08 47.34 23.89
N TYR A 66 4.15 46.05 24.18
CA TYR A 66 3.30 45.06 23.52
C TYR A 66 2.28 44.50 24.51
N ALA A 67 1.05 44.39 24.07
CA ALA A 67 -0.03 43.81 24.87
C ALA A 67 -0.48 42.54 24.14
N ASP A 68 -0.09 41.38 24.67
CA ASP A 68 -0.50 40.09 24.13
C ASP A 68 -1.72 39.58 24.91
N SER A 69 -2.75 39.11 24.21
CA SER A 69 -3.95 38.67 24.89
C SER A 69 -4.48 37.36 24.31
N PHE A 70 -5.15 36.61 25.18
CA PHE A 70 -5.65 35.28 24.90
C PHE A 70 -6.45 34.82 26.11
N VAL A 71 -7.09 33.66 25.97
CA VAL A 71 -7.84 32.99 27.03
C VAL A 71 -7.26 31.60 27.26
N ILE A 72 -7.10 31.23 28.54
CA ILE A 72 -6.66 29.90 28.94
C ILE A 72 -7.49 29.45 30.14
N ARG A 73 -7.13 28.30 30.70
CA ARG A 73 -7.82 27.80 31.89
C ARG A 73 -7.19 28.37 33.15
N GLY A 74 -8.00 28.45 34.20
CA GLY A 74 -7.53 29.05 35.45
C GLY A 74 -6.28 28.41 36.00
N ASP A 75 -6.24 27.07 35.98
CA ASP A 75 -5.05 26.39 36.47
C ASP A 75 -3.87 26.47 35.48
N GLU A 76 -4.05 27.09 34.31
CA GLU A 76 -2.97 27.32 33.35
C GLU A 76 -2.35 28.71 33.46
N VAL A 77 -2.95 29.61 34.24
CA VAL A 77 -2.36 30.94 34.43
C VAL A 77 -0.95 30.83 34.99
N ARG A 78 -0.72 29.92 35.95
CA ARG A 78 0.64 29.65 36.43
C ARG A 78 1.64 29.37 35.30
N GLN A 79 1.16 28.91 34.14
CA GLN A 79 2.11 28.64 33.05
C GLN A 79 2.57 29.92 32.36
N ILE A 80 1.85 31.03 32.50
CA ILE A 80 2.25 32.28 31.87
C ILE A 80 3.21 33.04 32.79
N ALA A 81 4.43 32.51 32.90
CA ALA A 81 5.49 33.10 33.72
C ALA A 81 6.80 32.57 33.20
N PRO A 82 7.91 33.28 33.40
CA PRO A 82 9.20 32.78 32.92
C PRO A 82 9.51 31.41 33.50
N GLY A 83 10.14 30.57 32.67
CA GLY A 83 10.65 29.27 33.10
C GLY A 83 9.60 28.25 33.46
N GLN A 84 8.41 28.33 32.90
CA GLN A 84 7.38 27.36 33.18
C GLN A 84 7.35 26.26 32.12
N THR A 85 6.77 25.12 32.50
CA THR A 85 6.59 24.01 31.58
C THR A 85 5.12 23.62 31.57
N GLY A 86 4.73 22.90 30.52
CA GLY A 86 3.34 22.52 30.30
C GLY A 86 2.92 22.82 28.89
N LYS A 87 1.75 22.28 28.53
CA LYS A 87 1.30 22.41 27.13
C LYS A 87 1.13 23.86 26.71
N ILE A 88 0.75 24.76 27.64
CA ILE A 88 0.59 26.16 27.29
C ILE A 88 1.94 26.83 27.11
N ALA A 89 2.83 26.69 28.10
CA ALA A 89 4.17 27.26 27.96
C ALA A 89 4.94 26.64 26.79
N ASP A 90 4.75 25.35 26.54
CA ASP A 90 5.58 24.66 25.54
C ASP A 90 5.09 24.85 24.11
N TYR A 91 3.78 24.80 23.87
CA TYR A 91 3.23 24.77 22.51
C TYR A 91 2.37 25.97 22.14
N ASN A 92 2.09 26.87 23.08
CA ASN A 92 1.12 27.92 22.80
C ASN A 92 1.68 29.34 23.02
N TYR A 93 2.32 29.61 24.16
CA TYR A 93 2.82 30.95 24.47
C TYR A 93 3.94 30.86 25.48
N LYS A 94 5.15 31.28 25.10
CA LYS A 94 6.36 31.07 25.89
C LYS A 94 6.94 32.42 26.29
N LEU A 95 7.22 32.60 27.60
CA LEU A 95 7.90 33.82 28.03
C LEU A 95 9.39 33.55 28.22
N PRO A 96 10.24 34.49 27.79
CA PRO A 96 11.69 34.31 27.93
C PRO A 96 12.10 34.35 29.39
N ASP A 97 13.30 33.81 29.68
CA ASP A 97 13.80 33.87 31.03
C ASP A 97 14.09 35.31 31.46
N ASP A 98 14.45 36.18 30.50
CA ASP A 98 14.75 37.57 30.79
C ASP A 98 13.55 38.49 30.56
N PHE A 99 12.34 37.99 30.82
CA PHE A 99 11.13 38.76 30.56
C PHE A 99 11.13 40.06 31.37
N THR A 100 10.75 41.15 30.70
CA THR A 100 10.57 42.45 31.33
C THR A 100 9.14 42.90 31.01
N GLY A 101 8.21 42.60 31.90
CA GLY A 101 6.82 42.99 31.71
C GLY A 101 5.94 42.40 32.78
N CYS A 102 4.62 42.57 32.60
CA CYS A 102 3.65 42.14 33.60
C CYS A 102 2.58 41.24 32.98
N VAL A 103 2.17 40.23 33.73
CA VAL A 103 1.13 39.30 33.34
C VAL A 103 -0.14 39.62 34.14
N ILE A 104 -1.22 39.98 33.43
CA ILE A 104 -2.49 40.35 34.02
C ILE A 104 -3.56 39.33 33.62
N ALA A 105 -4.38 38.92 34.58
CA ALA A 105 -5.40 37.92 34.30
C ALA A 105 -6.60 38.15 35.21
N TRP A 106 -7.79 37.83 34.68
CA TRP A 106 -9.04 37.95 35.42
C TRP A 106 -10.01 36.89 34.92
N ASN A 107 -10.89 36.42 35.82
CA ASN A 107 -11.84 35.34 35.53
C ASN A 107 -12.89 35.84 34.55
N SER A 108 -13.10 35.09 33.46
CA SER A 108 -14.01 35.51 32.39
C SER A 108 -15.16 34.54 32.22
N ASN A 109 -15.49 33.80 33.28
CA ASN A 109 -16.54 32.79 33.23
C ASN A 109 -17.86 33.37 32.72
N ASN A 110 -18.19 34.60 33.11
CA ASN A 110 -19.46 35.18 32.72
C ASN A 110 -19.52 35.57 31.25
N LEU A 111 -18.38 35.64 30.56
CA LEU A 111 -18.30 36.00 29.15
C LEU A 111 -17.96 34.84 28.22
N ASP A 112 -17.04 33.97 28.61
CA ASP A 112 -16.55 32.94 27.71
C ASP A 112 -17.12 31.56 27.99
N SER A 113 -17.98 31.44 29.01
CA SER A 113 -18.71 30.20 29.26
C SER A 113 -20.08 30.26 28.60
N LYS A 114 -20.53 29.11 28.09
CA LYS A 114 -21.88 28.92 27.58
C LYS A 114 -22.44 27.66 28.23
N VAL A 115 -23.73 27.71 28.58
CA VAL A 115 -24.43 26.53 29.13
C VAL A 115 -24.28 25.41 28.10
N GLY A 116 -23.58 24.35 28.49
CA GLY A 116 -23.30 23.25 27.58
C GLY A 116 -21.91 23.27 26.97
N GLY A 117 -21.10 24.28 27.31
CA GLY A 117 -19.74 24.35 26.80
C GLY A 117 -19.50 25.33 25.67
N ASN A 118 -18.51 26.20 25.82
CA ASN A 118 -18.03 27.03 24.73
C ASN A 118 -16.81 26.34 24.16
N TYR A 119 -16.86 26.01 22.87
CA TYR A 119 -15.78 25.32 22.20
C TYR A 119 -15.11 26.22 21.15
N ASN A 120 -15.20 27.53 21.35
CA ASN A 120 -14.59 28.48 20.43
C ASN A 120 -13.12 28.75 20.74
N TYR A 121 -12.69 28.52 21.96
CA TYR A 121 -11.31 28.80 22.36
C TYR A 121 -10.49 27.51 22.24
N LEU A 122 -9.39 27.59 21.48
CA LEU A 122 -8.58 26.43 21.13
C LEU A 122 -7.19 26.54 21.74
N TYR A 123 -6.51 25.40 21.80
CA TYR A 123 -5.11 25.37 22.18
C TYR A 123 -4.40 24.25 21.42
N ARG A 124 -3.08 24.39 21.28
CA ARG A 124 -2.25 23.42 20.60
C ARG A 124 -1.83 22.36 21.59
N LEU A 125 -2.10 21.08 21.28
CA LEU A 125 -1.67 20.01 22.16
C LEU A 125 -0.46 19.23 21.63
N PHE A 126 -0.20 19.25 20.32
CA PHE A 126 0.92 18.52 19.73
C PHE A 126 1.90 19.47 19.03
N ARG A 127 3.19 19.19 19.20
CA ARG A 127 4.24 19.91 18.49
C ARG A 127 5.53 19.10 18.60
N LYS A 128 6.23 18.93 17.48
CA LYS A 128 7.50 18.20 17.48
C LYS A 128 8.58 18.91 18.27
N SER A 129 8.27 20.10 18.81
CA SER A 129 9.30 21.03 19.25
C SER A 129 8.70 22.12 20.13
N ASN A 130 9.37 22.47 21.22
CA ASN A 130 8.86 23.58 22.03
C ASN A 130 8.88 24.91 21.27
N LEU A 131 8.05 25.83 21.73
CA LEU A 131 8.05 27.18 21.19
C LEU A 131 9.26 27.94 21.71
N LYS A 132 9.77 28.85 20.87
CA LYS A 132 10.73 29.83 21.34
C LYS A 132 9.98 30.99 22.00
N PRO A 133 10.64 31.73 22.89
CA PRO A 133 9.95 32.86 23.55
C PRO A 133 9.32 33.80 22.53
N PHE A 134 8.07 34.16 22.80
CA PHE A 134 7.28 35.06 21.97
C PHE A 134 7.02 34.51 20.57
N GLU A 135 7.26 33.22 20.34
CA GLU A 135 6.93 32.61 19.05
C GLU A 135 5.44 32.30 18.98
N ARG A 136 4.86 32.45 17.80
CA ARG A 136 3.48 32.09 17.54
C ARG A 136 3.42 31.07 16.42
N ASP A 137 2.63 30.03 16.64
CA ASP A 137 2.46 28.90 15.70
C ASP A 137 0.97 28.76 15.47
N ILE A 138 0.52 29.13 14.28
CA ILE A 138 -0.88 29.00 13.91
C ILE A 138 -1.07 27.91 12.85
N SER A 139 -0.11 26.98 12.74
CA SER A 139 -0.26 25.93 11.75
C SER A 139 -1.26 24.85 12.21
N THR A 140 -1.78 24.10 11.22
CA THR A 140 -2.74 23.03 11.48
C THR A 140 -2.39 21.78 10.68
N GLU A 141 -1.12 21.59 10.37
CA GLU A 141 -0.70 20.34 9.77
C GLU A 141 -0.96 19.21 10.75
N ILE A 142 -1.39 18.06 10.22
CA ILE A 142 -1.60 16.89 11.05
C ILE A 142 -0.30 16.48 11.70
N TYR A 143 -0.35 16.12 12.99
CA TYR A 143 0.87 15.77 13.70
C TYR A 143 1.15 14.28 13.46
N GLN A 144 2.33 14.01 12.93
CA GLN A 144 2.74 12.66 12.57
C GLN A 144 3.51 12.08 13.75
N ALA A 145 2.85 11.23 14.52
CA ALA A 145 3.48 10.61 15.70
C ALA A 145 4.18 9.30 15.38
N GLY A 146 4.06 8.79 14.16
CA GLY A 146 4.71 7.54 13.79
C GLY A 146 5.65 7.61 12.60
N SER A 147 6.05 6.42 12.13
CA SER A 147 6.93 6.32 10.95
C SER A 147 6.21 6.69 9.66
N THR A 148 4.93 6.40 9.57
CA THR A 148 4.17 6.56 8.33
C THR A 148 3.74 8.01 8.14
N PRO A 149 3.83 8.55 6.93
CA PRO A 149 3.32 9.89 6.68
C PRO A 149 1.80 9.96 6.74
N CYS A 150 1.28 11.14 7.10
CA CYS A 150 -0.17 11.33 7.29
C CYS A 150 -0.86 11.78 6.01
N ASN A 151 -0.16 12.52 5.15
CA ASN A 151 -0.67 12.88 3.84
C ASN A 151 -2.04 13.56 3.91
N GLY A 152 -2.24 14.39 4.93
CA GLY A 152 -3.47 15.18 5.04
C GLY A 152 -4.71 14.41 5.44
N VAL A 153 -4.55 13.21 6.00
CA VAL A 153 -5.67 12.42 6.49
C VAL A 153 -5.40 12.08 7.95
N GLU A 154 -6.40 12.27 8.81
CA GLU A 154 -6.26 11.93 10.22
C GLU A 154 -6.54 10.44 10.44
N GLY A 155 -5.80 9.84 11.38
CA GLY A 155 -5.96 8.43 11.68
C GLY A 155 -5.01 8.03 12.79
N PHE A 156 -4.80 6.74 12.97
CA PHE A 156 -3.85 6.29 14.00
C PHE A 156 -2.49 6.98 13.82
N ASN A 157 -1.98 7.54 14.93
CA ASN A 157 -0.69 8.24 14.94
C ASN A 157 -0.70 9.47 14.02
N CYS A 158 -1.87 9.97 13.64
CA CYS A 158 -2.01 11.12 12.75
C CYS A 158 -3.11 11.97 13.37
N TYR A 159 -2.70 12.98 14.15
CA TYR A 159 -3.62 13.71 15.02
C TYR A 159 -3.67 15.19 14.67
N PHE A 160 -4.89 15.72 14.62
CA PHE A 160 -5.05 17.16 14.44
C PHE A 160 -4.41 17.88 15.63
N PRO A 161 -3.66 18.97 15.39
CA PRO A 161 -2.81 19.53 16.47
C PRO A 161 -3.52 20.45 17.47
N LEU A 162 -4.73 20.93 17.17
CA LEU A 162 -5.47 21.82 18.07
C LEU A 162 -6.63 21.06 18.72
N GLN A 163 -6.94 21.43 19.95
CA GLN A 163 -8.07 20.89 20.70
C GLN A 163 -8.84 22.06 21.31
N SER A 164 -10.12 21.83 21.55
CA SER A 164 -10.99 22.89 21.99
C SER A 164 -11.20 22.80 23.49
N TYR A 165 -11.22 23.95 24.15
CA TYR A 165 -11.58 24.04 25.56
C TYR A 165 -13.07 23.78 25.73
N GLY A 166 -13.43 23.11 26.82
CA GLY A 166 -14.84 23.01 27.18
C GLY A 166 -15.22 23.95 28.32
N PHE A 167 -15.67 25.18 28.02
CA PHE A 167 -15.94 26.17 29.06
C PHE A 167 -17.42 26.13 29.43
N GLN A 168 -17.71 25.51 30.56
CA GLN A 168 -19.05 25.43 31.12
C GLN A 168 -19.12 26.20 32.43
N PRO A 169 -20.14 27.02 32.65
CA PRO A 169 -20.18 27.83 33.87
C PRO A 169 -20.14 27.00 35.15
N THR A 170 -20.52 25.73 35.06
CA THR A 170 -20.54 24.85 36.22
C THR A 170 -19.15 24.43 36.68
N ASN A 171 -18.13 24.48 35.81
CA ASN A 171 -16.83 23.93 36.15
C ASN A 171 -16.23 24.64 37.35
N GLY A 172 -15.32 23.93 38.04
CA GLY A 172 -14.53 24.56 39.07
C GLY A 172 -13.71 25.71 38.53
N VAL A 173 -13.23 26.56 39.45
CA VAL A 173 -12.52 27.76 39.02
C VAL A 173 -11.33 27.38 38.14
N GLY A 174 -10.60 26.33 38.53
CA GLY A 174 -9.44 25.87 37.78
C GLY A 174 -9.73 25.56 36.32
N TYR A 175 -10.98 25.27 35.96
CA TYR A 175 -11.37 24.96 34.60
C TYR A 175 -12.27 26.02 33.99
N GLN A 176 -12.34 27.18 34.59
CA GLN A 176 -13.09 28.27 33.99
C GLN A 176 -12.16 29.12 33.12
N PRO A 177 -12.70 29.86 32.17
CA PRO A 177 -11.85 30.69 31.32
C PRO A 177 -11.35 31.92 32.05
N TYR A 178 -10.08 32.26 31.80
CA TYR A 178 -9.44 33.46 32.30
C TYR A 178 -8.89 34.23 31.12
N ARG A 179 -9.23 35.51 31.04
CA ARG A 179 -8.60 36.38 30.06
C ARG A 179 -7.25 36.81 30.59
N VAL A 180 -6.26 36.84 29.71
CA VAL A 180 -4.89 37.15 30.10
C VAL A 180 -4.36 38.22 29.17
N VAL A 181 -3.69 39.21 29.75
CA VAL A 181 -3.00 40.24 29.00
C VAL A 181 -1.58 40.30 29.53
N VAL A 182 -0.60 40.13 28.64
CA VAL A 182 0.82 40.18 28.98
C VAL A 182 1.39 41.44 28.37
N LEU A 183 1.85 42.35 29.22
CA LEU A 183 2.48 43.59 28.78
C LEU A 183 3.99 43.42 28.83
N SER A 184 4.68 43.67 27.70
CA SER A 184 6.14 43.64 27.60
C SER A 184 6.67 45.04 27.35
N PHE A 185 7.75 45.40 28.03
CA PHE A 185 8.28 46.77 27.96
C PHE A 185 9.64 46.76 27.28
N GLU A 186 9.73 47.44 26.14
CA GLU A 186 10.90 47.39 25.27
C GLU A 186 11.65 48.71 25.28
N LEU A 187 12.94 48.63 25.55
CA LEU A 187 13.80 49.81 25.60
C LEU A 187 14.85 49.66 24.51
N LEU A 188 14.57 50.24 23.34
CA LEU A 188 15.46 50.13 22.19
C LEU A 188 16.21 51.45 21.95
N HIS A 189 17.26 51.37 21.12
CA HIS A 189 18.08 52.52 20.75
C HIS A 189 17.29 53.35 19.73
N ALA A 190 16.34 54.14 20.24
CA ALA A 190 15.45 54.98 19.45
C ALA A 190 14.70 55.88 20.42
N PRO A 191 14.03 56.93 19.95
CA PRO A 191 13.28 57.79 20.89
C PRO A 191 12.15 57.03 21.55
N ALA A 192 12.08 57.15 22.88
CA ALA A 192 11.00 56.53 23.64
C ALA A 192 9.67 57.23 23.35
N THR A 193 8.63 56.45 23.04
CA THR A 193 7.34 57.01 22.65
C THR A 193 6.20 56.69 23.61
N VAL A 194 6.40 55.75 24.52
CA VAL A 194 5.40 55.39 25.51
C VAL A 194 5.96 55.82 26.85
N CYS A 195 5.22 56.68 27.56
CA CYS A 195 5.63 57.17 28.86
C CYS A 195 4.42 57.21 29.79
N GLY A 196 4.71 57.15 31.08
CA GLY A 196 3.68 57.26 32.08
C GLY A 196 3.34 58.72 32.29
N PRO A 197 2.19 59.00 32.89
CA PRO A 197 1.76 60.40 33.04
C PRO A 197 2.75 61.23 33.84
N GLY A 198 3.35 60.68 34.89
CA GLY A 198 4.29 61.45 35.67
C GLY A 198 5.75 61.31 35.25
N SER A 199 5.99 60.83 34.03
CA SER A 199 7.32 60.84 33.43
C SER A 199 7.95 62.24 33.42
N GLU B 1 -22.66 17.89 13.88
CA GLU B 1 -22.32 16.64 14.56
C GLU B 1 -21.93 15.54 13.55
N VAL B 2 -20.85 14.83 13.87
CA VAL B 2 -20.40 13.70 13.05
C VAL B 2 -21.38 12.55 13.23
N GLN B 3 -21.79 11.94 12.12
CA GLN B 3 -22.65 10.77 12.20
C GLN B 3 -22.23 9.73 11.16
N LEU B 4 -22.28 8.46 11.54
CA LEU B 4 -22.02 7.34 10.65
C LEU B 4 -23.22 6.40 10.74
N VAL B 5 -24.00 6.31 9.66
CA VAL B 5 -25.23 5.52 9.63
C VAL B 5 -25.04 4.32 8.70
N GLN B 6 -25.28 3.13 9.22
CA GLN B 6 -25.05 1.90 8.46
C GLN B 6 -26.36 1.32 7.96
N SER B 7 -26.25 0.48 6.94
CA SER B 7 -27.42 -0.21 6.39
C SER B 7 -27.90 -1.27 7.36
N GLY B 8 -29.08 -1.84 7.06
CA GLY B 8 -29.79 -2.69 8.00
C GLY B 8 -29.32 -4.14 8.03
N ALA B 9 -29.89 -4.89 8.98
CA ALA B 9 -29.46 -6.25 9.25
C ALA B 9 -29.62 -7.15 8.02
N GLU B 10 -28.68 -8.08 7.86
CA GLU B 10 -28.64 -8.97 6.72
C GLU B 10 -28.67 -10.41 7.17
N VAL B 11 -29.33 -11.25 6.37
CA VAL B 11 -29.34 -12.71 6.53
C VAL B 11 -28.84 -13.27 5.21
N LYS B 12 -27.74 -14.02 5.27
CA LYS B 12 -27.11 -14.55 4.07
C LYS B 12 -26.79 -16.04 4.27
N LYS B 13 -26.81 -16.78 3.16
CA LYS B 13 -26.45 -18.19 3.27
C LYS B 13 -24.94 -18.34 3.20
N PRO B 14 -24.40 -19.40 3.79
CA PRO B 14 -22.98 -19.70 3.58
C PRO B 14 -22.70 -19.76 2.09
N GLY B 15 -21.52 -19.27 1.71
CA GLY B 15 -21.12 -19.16 0.32
C GLY B 15 -21.51 -17.85 -0.35
N ALA B 16 -22.57 -17.20 0.10
CA ALA B 16 -23.03 -15.97 -0.52
C ALA B 16 -22.09 -14.82 -0.10
N SER B 17 -22.48 -13.59 -0.41
CA SER B 17 -21.70 -12.41 -0.09
C SER B 17 -22.61 -11.37 0.55
N VAL B 18 -22.01 -10.46 1.33
CA VAL B 18 -22.74 -9.37 1.98
C VAL B 18 -22.02 -8.07 1.67
N LYS B 19 -22.78 -7.02 1.38
CA LYS B 19 -22.24 -5.69 1.19
C LYS B 19 -22.93 -4.75 2.17
N VAL B 20 -22.14 -4.15 3.07
CA VAL B 20 -22.62 -3.25 4.10
C VAL B 20 -22.15 -1.86 3.74
N SER B 21 -23.03 -0.88 3.94
CA SER B 21 -22.74 0.50 3.62
C SER B 21 -22.65 1.34 4.90
N CYS B 22 -21.97 2.47 4.80
CA CYS B 22 -21.73 3.36 5.93
C CYS B 22 -21.74 4.79 5.41
N LYS B 23 -22.80 5.53 5.70
CA LYS B 23 -22.93 6.89 5.19
C LYS B 23 -22.43 7.88 6.24
N ALA B 24 -21.46 8.70 5.85
CA ALA B 24 -20.85 9.68 6.73
C ALA B 24 -21.53 11.03 6.56
N SER B 25 -21.61 11.76 7.68
CA SER B 25 -22.20 13.09 7.70
C SER B 25 -21.44 13.93 8.73
N GLY B 26 -21.47 15.26 8.54
CA GLY B 26 -20.96 16.20 9.52
C GLY B 26 -19.47 16.46 9.51
N TYR B 27 -18.77 16.07 8.45
CA TYR B 27 -17.34 16.32 8.32
C TYR B 27 -16.97 16.13 6.84
N THR B 28 -15.73 16.45 6.53
CA THR B 28 -15.14 16.28 5.20
C THR B 28 -14.79 14.80 5.01
N PHE B 29 -15.58 14.10 4.18
CA PHE B 29 -15.45 12.63 4.06
C PHE B 29 -14.02 12.20 3.72
N THR B 30 -13.35 12.93 2.82
CA THR B 30 -12.02 12.53 2.39
C THR B 30 -10.91 12.92 3.37
N GLY B 31 -11.22 13.55 4.50
CA GLY B 31 -10.18 13.97 5.42
C GLY B 31 -9.82 13.00 6.51
N TYR B 32 -10.47 11.82 6.59
CA TYR B 32 -10.32 10.89 7.70
C TYR B 32 -10.39 9.45 7.20
N TYR B 33 -9.52 8.59 7.74
CA TYR B 33 -9.55 7.17 7.44
C TYR B 33 -10.88 6.55 7.81
N MET B 34 -11.25 5.46 7.12
CA MET B 34 -12.37 4.65 7.55
C MET B 34 -11.91 3.22 7.75
N HIS B 35 -12.35 2.61 8.87
CA HIS B 35 -12.06 1.24 9.25
C HIS B 35 -13.36 0.46 9.32
N TRP B 36 -13.23 -0.87 9.25
CA TRP B 36 -14.31 -1.81 9.53
C TRP B 36 -13.85 -2.75 10.63
N VAL B 37 -14.68 -2.88 11.66
CA VAL B 37 -14.42 -3.65 12.86
C VAL B 37 -15.64 -4.54 13.07
N ARG B 38 -15.42 -5.83 13.35
CA ARG B 38 -16.56 -6.72 13.56
C ARG B 38 -16.55 -7.26 14.99
N GLN B 39 -17.70 -7.77 15.42
CA GLN B 39 -17.85 -8.26 16.78
C GLN B 39 -18.84 -9.40 16.76
N ALA B 40 -18.34 -10.62 16.88
CA ALA B 40 -19.23 -11.76 16.97
C ALA B 40 -20.04 -11.62 18.26
N PRO B 41 -21.29 -12.15 18.29
CA PRO B 41 -22.13 -11.96 19.48
C PRO B 41 -21.44 -12.40 20.76
N GLY B 42 -21.37 -11.49 21.72
CA GLY B 42 -20.77 -11.76 23.00
C GLY B 42 -19.26 -11.86 22.99
N GLN B 43 -18.59 -11.44 21.93
CA GLN B 43 -17.14 -11.57 21.89
C GLN B 43 -16.51 -10.20 21.70
N GLY B 44 -15.21 -10.21 21.41
CA GLY B 44 -14.46 -8.97 21.36
C GLY B 44 -14.51 -8.35 19.98
N LEU B 45 -13.87 -7.19 19.87
CA LEU B 45 -13.81 -6.46 18.62
C LEU B 45 -12.64 -6.98 17.80
N GLU B 46 -12.83 -7.01 16.50
CA GLU B 46 -11.80 -7.53 15.61
C GLU B 46 -11.70 -6.60 14.42
N TRP B 47 -10.50 -6.10 14.14
CA TRP B 47 -10.27 -5.20 13.02
C TRP B 47 -10.17 -5.97 11.70
N MET B 48 -10.96 -5.56 10.71
CA MET B 48 -10.95 -6.22 9.40
C MET B 48 -10.08 -5.51 8.37
N GLY B 49 -10.04 -4.19 8.39
CA GLY B 49 -9.28 -3.46 7.38
C GLY B 49 -9.61 -1.98 7.39
N ARG B 50 -8.93 -1.25 6.48
CA ARG B 50 -9.12 0.19 6.42
C ARG B 50 -9.00 0.67 4.99
N ILE B 51 -9.64 1.81 4.72
CA ILE B 51 -9.60 2.45 3.42
C ILE B 51 -9.34 3.94 3.61
N ASN B 52 -8.39 4.46 2.85
CA ASN B 52 -8.15 5.89 2.73
C ASN B 52 -9.19 6.44 1.77
N PRO B 53 -10.17 7.23 2.27
CA PRO B 53 -11.24 7.73 1.37
C PRO B 53 -10.77 8.80 0.40
N ASN B 54 -9.58 9.37 0.59
CA ASN B 54 -9.00 10.34 -0.35
C ASN B 54 -8.36 9.61 -1.54
N SER B 55 -7.35 8.79 -1.26
CA SER B 55 -6.63 8.04 -2.29
C SER B 55 -7.37 6.77 -2.72
N GLY B 56 -8.22 6.21 -1.86
CA GLY B 56 -8.82 4.93 -2.16
C GLY B 56 -7.95 3.74 -1.84
N GLY B 57 -6.80 3.95 -1.22
CA GLY B 57 -5.96 2.83 -0.83
C GLY B 57 -6.59 2.01 0.27
N THR B 58 -6.40 0.69 0.20
CA THR B 58 -6.99 -0.24 1.14
C THR B 58 -5.88 -1.00 1.85
N ASN B 59 -6.17 -1.47 3.05
CA ASN B 59 -5.25 -2.37 3.73
C ASN B 59 -6.09 -3.34 4.55
N TYR B 60 -5.89 -4.64 4.39
CA TYR B 60 -6.77 -5.62 5.04
C TYR B 60 -6.02 -6.48 6.06
N ALA B 61 -6.73 -6.87 7.13
CA ALA B 61 -6.20 -7.90 8.02
C ALA B 61 -5.89 -9.18 7.22
N GLN B 62 -4.83 -9.86 7.62
CA GLN B 62 -4.39 -11.06 6.92
C GLN B 62 -5.54 -12.04 6.73
N LYS B 63 -6.27 -12.34 7.80
CA LYS B 63 -7.30 -13.39 7.72
C LYS B 63 -8.46 -13.04 6.79
N PHE B 64 -8.56 -11.81 6.31
CA PHE B 64 -9.61 -11.46 5.36
C PHE B 64 -9.06 -11.13 3.99
N GLN B 65 -7.75 -11.20 3.81
CA GLN B 65 -7.13 -10.98 2.52
C GLN B 65 -7.67 -11.97 1.50
N GLY B 66 -8.18 -11.47 0.38
CA GLY B 66 -8.77 -12.33 -0.63
C GLY B 66 -10.24 -12.57 -0.48
N ARG B 67 -10.84 -12.16 0.63
CA ARG B 67 -12.27 -12.33 0.87
C ARG B 67 -13.04 -11.02 1.06
N VAL B 68 -12.35 -9.91 1.35
CA VAL B 68 -13.05 -8.65 1.64
C VAL B 68 -12.66 -7.60 0.61
N THR B 69 -13.62 -6.74 0.29
CA THR B 69 -13.38 -5.59 -0.55
C THR B 69 -13.95 -4.36 0.15
N MET B 70 -13.09 -3.38 0.39
CA MET B 70 -13.53 -2.10 0.95
C MET B 70 -13.45 -1.04 -0.14
N THR B 71 -14.54 -0.30 -0.32
CA THR B 71 -14.61 0.78 -1.30
C THR B 71 -15.28 2.01 -0.67
N ARG B 72 -15.30 3.10 -1.44
CA ARG B 72 -15.85 4.38 -1.00
C ARG B 72 -16.42 5.08 -2.23
N ASP B 73 -17.56 5.73 -2.04
CA ASP B 73 -18.16 6.60 -3.04
C ASP B 73 -18.19 8.00 -2.43
N THR B 74 -17.24 8.85 -2.83
CA THR B 74 -17.14 10.18 -2.26
C THR B 74 -18.36 11.04 -2.59
N SER B 75 -18.97 10.84 -3.76
CA SER B 75 -20.11 11.67 -4.15
C SER B 75 -21.30 11.56 -3.17
N ILE B 76 -21.36 10.50 -2.37
CA ILE B 76 -22.43 10.39 -1.38
C ILE B 76 -21.86 10.08 -0.01
N SER B 77 -20.56 10.33 0.18
CA SER B 77 -19.91 10.19 1.48
C SER B 77 -20.16 8.82 2.11
N THR B 78 -20.07 7.76 1.30
CA THR B 78 -20.41 6.42 1.78
C THR B 78 -19.23 5.49 1.61
N ALA B 79 -18.94 4.71 2.64
CA ALA B 79 -17.96 3.63 2.57
C ALA B 79 -18.69 2.29 2.57
N TYR B 80 -18.09 1.30 1.91
CA TYR B 80 -18.68 -0.01 1.75
C TYR B 80 -17.70 -1.11 2.13
N MET B 81 -18.25 -2.20 2.67
CA MET B 81 -17.48 -3.39 3.01
C MET B 81 -18.24 -4.59 2.47
N GLU B 82 -17.59 -5.34 1.58
CA GLU B 82 -18.18 -6.51 0.94
C GLU B 82 -17.36 -7.72 1.37
N LEU B 83 -18.01 -8.69 2.01
CA LEU B 83 -17.35 -9.90 2.47
C LEU B 83 -17.93 -11.09 1.70
N SER B 84 -17.06 -11.84 1.02
CA SER B 84 -17.47 -12.88 0.10
C SER B 84 -17.30 -14.26 0.72
N ARG B 85 -17.91 -15.27 0.07
CA ARG B 85 -17.79 -16.67 0.48
C ARG B 85 -17.98 -16.82 1.99
N LEU B 86 -19.15 -16.37 2.46
CA LEU B 86 -19.41 -16.27 3.89
C LEU B 86 -19.45 -17.64 4.57
N ARG B 87 -18.93 -17.67 5.79
CA ARG B 87 -18.90 -18.86 6.62
C ARG B 87 -19.77 -18.63 7.86
N SER B 88 -20.17 -19.74 8.48
CA SER B 88 -21.00 -19.63 9.68
C SER B 88 -20.39 -18.68 10.69
N ASP B 89 -19.09 -18.77 10.90
CA ASP B 89 -18.46 -17.96 11.93
C ASP B 89 -18.21 -16.51 11.51
N ASP B 90 -18.78 -16.05 10.38
CA ASP B 90 -18.79 -14.64 10.03
C ASP B 90 -20.00 -13.91 10.58
N THR B 91 -20.92 -14.64 11.23
CA THR B 91 -22.03 -14.01 11.94
C THR B 91 -21.50 -13.02 12.97
N ALA B 92 -21.91 -11.76 12.86
CA ALA B 92 -21.32 -10.74 13.71
C ALA B 92 -22.04 -9.43 13.47
N VAL B 93 -21.84 -8.50 14.41
CA VAL B 93 -22.15 -7.11 14.19
C VAL B 93 -20.91 -6.46 13.59
N TYR B 94 -21.10 -5.83 12.44
CA TYR B 94 -20.02 -5.19 11.70
C TYR B 94 -20.16 -3.68 11.86
N TYR B 95 -19.07 -3.03 12.25
CA TYR B 95 -19.02 -1.58 12.46
C TYR B 95 -18.08 -0.92 11.47
N CYS B 96 -18.48 0.23 10.93
CA CYS B 96 -17.51 1.21 10.43
C CYS B 96 -17.13 2.18 11.55
N ALA B 97 -15.88 2.64 11.50
CA ALA B 97 -15.31 3.57 12.46
C ALA B 97 -14.33 4.48 11.73
N ARG B 98 -14.36 5.76 12.10
CA ARG B 98 -13.56 6.81 11.47
C ARG B 98 -12.22 7.00 12.17
N SER B 99 -11.18 7.35 11.42
CA SER B 99 -9.89 7.77 11.99
C SER B 99 -9.43 6.74 13.01
N TYR B 100 -8.93 7.14 14.19
CA TYR B 100 -8.54 6.21 15.25
C TYR B 100 -9.77 5.76 16.03
N TYR B 101 -10.79 5.27 15.32
CA TYR B 101 -12.11 4.90 15.88
C TYR B 101 -12.68 6.02 16.75
N ASP B 102 -12.52 7.29 16.32
CA ASP B 102 -13.04 8.39 17.14
C ASP B 102 -14.53 8.59 16.99
N TYR B 103 -15.14 8.03 15.94
CA TYR B 103 -16.58 7.95 15.78
C TYR B 103 -16.92 6.60 15.15
N TRP B 104 -17.99 5.97 15.63
CA TRP B 104 -18.44 4.64 15.22
C TRP B 104 -19.82 4.69 14.59
N GLY B 105 -20.05 3.87 13.58
CA GLY B 105 -21.43 3.62 13.14
C GLY B 105 -22.21 2.84 14.17
N GLN B 106 -23.53 2.77 13.99
CA GLN B 106 -24.36 2.03 14.94
C GLN B 106 -24.27 0.51 14.78
N GLY B 107 -23.63 0.02 13.73
CA GLY B 107 -23.44 -1.41 13.59
C GLY B 107 -24.51 -2.06 12.75
N THR B 108 -24.11 -3.11 12.02
CA THR B 108 -24.97 -3.88 11.14
C THR B 108 -24.84 -5.36 11.50
N LEU B 109 -25.94 -6.00 11.89
CA LEU B 109 -25.94 -7.43 12.18
C LEU B 109 -25.98 -8.22 10.87
N VAL B 110 -25.05 -9.15 10.72
CA VAL B 110 -25.05 -10.09 9.59
C VAL B 110 -25.11 -11.49 10.17
N THR B 111 -26.20 -12.20 9.88
CA THR B 111 -26.37 -13.58 10.31
C THR B 111 -26.21 -14.50 9.11
N VAL B 112 -25.27 -15.42 9.18
CA VAL B 112 -24.95 -16.33 8.07
C VAL B 112 -25.54 -17.69 8.42
N SER B 113 -26.66 -18.06 7.81
CA SER B 113 -27.25 -19.35 8.08
C SER B 113 -27.95 -19.91 6.85
N SER B 114 -27.83 -21.23 6.66
CA SER B 114 -28.42 -21.88 5.48
C SER B 114 -29.86 -22.27 5.69
N ALA B 115 -30.54 -21.68 6.66
CA ALA B 115 -31.76 -22.27 7.20
C ALA B 115 -32.98 -21.45 6.79
N SER B 116 -34.10 -22.14 6.75
CA SER B 116 -35.42 -21.59 6.49
C SER B 116 -36.26 -21.66 7.76
N THR B 117 -37.45 -21.09 7.69
CA THR B 117 -38.41 -21.19 8.77
C THR B 117 -38.53 -22.64 9.24
N LYS B 118 -38.29 -22.85 10.54
CA LYS B 118 -38.36 -24.18 11.13
C LYS B 118 -38.71 -24.09 12.61
N GLY B 119 -39.67 -24.91 13.05
CA GLY B 119 -40.04 -24.97 14.44
C GLY B 119 -39.07 -25.80 15.25
N PRO B 120 -39.02 -25.57 16.56
CA PRO B 120 -38.05 -26.28 17.40
C PRO B 120 -38.56 -27.68 17.76
N SER B 121 -37.64 -28.54 18.17
CA SER B 121 -38.01 -29.73 18.91
C SER B 121 -37.54 -29.57 20.35
N VAL B 122 -38.35 -30.06 21.30
CA VAL B 122 -38.19 -29.73 22.71
C VAL B 122 -37.80 -30.99 23.49
N PHE B 123 -36.69 -30.91 24.20
CA PHE B 123 -36.25 -32.03 25.00
C PHE B 123 -36.24 -31.68 26.48
N PRO B 124 -36.53 -32.64 27.35
CA PRO B 124 -36.61 -32.36 28.78
C PRO B 124 -35.25 -32.47 29.45
N LEU B 125 -35.00 -31.57 30.41
CA LEU B 125 -33.80 -31.61 31.24
C LEU B 125 -34.24 -32.06 32.64
N ALA B 126 -34.13 -33.37 32.92
CA ALA B 126 -34.66 -33.96 34.14
C ALA B 126 -33.78 -33.70 35.36
N PRO B 127 -34.38 -33.56 36.55
CA PRO B 127 -33.60 -33.49 37.79
C PRO B 127 -33.21 -34.89 38.28
N SER B 128 -32.18 -34.97 39.13
CA SER B 128 -31.74 -36.30 39.57
C SER B 128 -30.98 -36.24 40.89
N SER B 129 -31.08 -37.34 41.67
CA SER B 129 -30.37 -37.58 42.92
C SER B 129 -30.74 -36.62 44.05
N LYS B 130 -31.93 -36.00 43.97
CA LYS B 130 -32.46 -35.15 45.03
C LYS B 130 -33.78 -35.76 45.53
N SER B 131 -33.82 -36.12 46.81
CA SER B 131 -35.02 -36.70 47.40
C SER B 131 -35.94 -35.65 48.02
N THR B 132 -35.57 -35.14 49.19
CA THR B 132 -36.40 -34.27 49.99
C THR B 132 -35.61 -33.13 50.62
N GLY B 135 -31.84 -29.91 48.88
CA GLY B 135 -33.26 -29.64 49.01
C GLY B 135 -33.90 -28.98 47.79
N THR B 136 -33.09 -28.44 46.88
CA THR B 136 -33.63 -27.84 45.67
C THR B 136 -33.13 -28.62 44.45
N ALA B 137 -33.90 -28.55 43.39
CA ALA B 137 -33.56 -29.26 42.15
C ALA B 137 -33.80 -28.36 40.96
N ALA B 138 -32.88 -28.38 40.02
CA ALA B 138 -33.03 -27.64 38.79
C ALA B 138 -33.60 -28.57 37.73
N LEU B 139 -34.55 -28.06 36.95
CA LEU B 139 -35.04 -28.79 35.79
C LEU B 139 -35.36 -27.78 34.69
N GLY B 140 -35.50 -28.28 33.48
CA GLY B 140 -35.76 -27.37 32.39
C GLY B 140 -36.10 -28.08 31.11
N CYS B 141 -36.03 -27.33 30.00
N CYS B 141 -36.01 -27.31 30.02
CA CYS B 141 -36.22 -27.95 28.71
CA CYS B 141 -36.29 -27.78 28.68
C CYS B 141 -35.38 -27.22 27.67
C CYS B 141 -35.27 -27.20 27.72
N LEU B 142 -34.85 -28.02 26.76
CA LEU B 142 -33.91 -27.60 25.74
C LEU B 142 -34.69 -27.40 24.45
N VAL B 143 -34.73 -26.17 23.97
CA VAL B 143 -35.50 -25.79 22.80
C VAL B 143 -34.51 -25.70 21.65
N LYS B 144 -34.54 -26.69 20.75
CA LYS B 144 -33.43 -27.00 19.87
C LYS B 144 -33.80 -26.79 18.40
N ASP B 145 -32.87 -26.23 17.64
CA ASP B 145 -32.90 -26.25 16.17
C ASP B 145 -34.15 -25.56 15.60
N TYR B 146 -34.23 -24.25 15.83
CA TYR B 146 -35.34 -23.45 15.32
C TYR B 146 -34.79 -22.24 14.56
N PHE B 147 -35.64 -21.67 13.72
CA PHE B 147 -35.22 -20.56 12.90
C PHE B 147 -36.45 -19.87 12.34
N PRO B 148 -36.48 -18.53 12.26
CA PRO B 148 -35.54 -17.61 12.91
C PRO B 148 -35.92 -17.37 14.37
N GLU B 149 -35.14 -16.52 15.04
CA GLU B 149 -35.50 -16.10 16.38
C GLU B 149 -36.78 -15.28 16.33
N PRO B 150 -37.54 -15.21 17.43
CA PRO B 150 -37.30 -15.82 18.73
C PRO B 150 -38.36 -16.83 19.11
N VAL B 151 -38.12 -17.47 20.24
CA VAL B 151 -39.07 -18.37 20.87
C VAL B 151 -39.46 -17.81 22.23
N THR B 152 -40.68 -18.16 22.67
CA THR B 152 -41.17 -17.83 23.99
C THR B 152 -41.36 -19.12 24.78
N VAL B 153 -41.04 -19.08 26.07
CA VAL B 153 -41.18 -20.23 26.96
C VAL B 153 -41.87 -19.77 28.23
N SER B 154 -42.92 -20.47 28.64
CA SER B 154 -43.57 -20.32 29.93
C SER B 154 -43.60 -21.68 30.60
N TRP B 155 -43.94 -21.70 31.88
CA TRP B 155 -44.03 -22.94 32.64
C TRP B 155 -45.40 -23.07 33.26
N ASN B 156 -46.04 -24.23 33.04
CA ASN B 156 -47.39 -24.51 33.53
C ASN B 156 -48.36 -23.41 33.11
N SER B 157 -48.33 -23.09 31.82
CA SER B 157 -49.18 -22.05 31.24
C SER B 157 -49.10 -20.72 32.00
N GLY B 158 -47.93 -20.43 32.57
CA GLY B 158 -47.72 -19.16 33.24
C GLY B 158 -47.97 -19.17 34.73
N ALA B 159 -48.37 -20.31 35.30
CA ALA B 159 -48.60 -20.38 36.74
C ALA B 159 -47.28 -20.41 37.51
N LEU B 160 -46.20 -20.88 36.89
CA LEU B 160 -44.90 -21.00 37.54
C LEU B 160 -43.96 -19.95 36.94
N THR B 161 -43.62 -18.95 37.74
CA THR B 161 -42.65 -17.92 37.36
C THR B 161 -41.48 -17.80 38.33
N SER B 162 -41.67 -18.12 39.61
CA SER B 162 -40.58 -18.03 40.59
C SER B 162 -39.48 -19.03 40.25
N GLY B 163 -38.23 -18.56 40.26
CA GLY B 163 -37.11 -19.44 39.92
C GLY B 163 -36.94 -19.77 38.45
N VAL B 164 -37.73 -19.15 37.59
CA VAL B 164 -37.71 -19.41 36.17
C VAL B 164 -36.67 -18.52 35.51
N HIS B 165 -35.82 -19.09 34.66
CA HIS B 165 -34.98 -18.28 33.80
C HIS B 165 -34.86 -18.92 32.43
N THR B 166 -35.08 -18.12 31.39
CA THR B 166 -34.92 -18.54 30.01
C THR B 166 -33.71 -17.82 29.43
N PHE B 167 -32.77 -18.59 28.91
CA PHE B 167 -31.53 -18.02 28.44
C PHE B 167 -31.69 -17.44 27.05
N PRO B 168 -30.78 -16.57 26.63
CA PRO B 168 -30.71 -16.19 25.22
C PRO B 168 -30.27 -17.39 24.38
N ALA B 169 -30.55 -17.30 23.08
CA ALA B 169 -30.26 -18.36 22.15
C ALA B 169 -28.79 -18.38 21.73
N VAL B 170 -28.37 -19.55 21.28
CA VAL B 170 -27.10 -19.67 20.58
C VAL B 170 -27.38 -20.05 19.15
N LEU B 171 -26.52 -19.60 18.24
CA LEU B 171 -26.56 -19.97 16.83
C LEU B 171 -25.55 -21.10 16.63
N GLN B 172 -26.06 -22.31 16.39
CA GLN B 172 -25.18 -23.47 16.22
C GLN B 172 -24.52 -23.43 14.83
N SER B 173 -23.40 -24.16 14.71
CA SER B 173 -22.75 -24.37 13.43
C SER B 173 -23.75 -24.79 12.35
N SER B 174 -24.79 -25.53 12.74
CA SER B 174 -25.87 -25.93 11.84
C SER B 174 -26.55 -24.75 11.15
N GLY B 175 -26.42 -23.54 11.68
CA GLY B 175 -27.28 -22.47 11.21
C GLY B 175 -28.62 -22.41 11.86
N LEU B 176 -28.86 -23.21 12.90
CA LEU B 176 -30.11 -23.25 13.65
C LEU B 176 -29.88 -22.74 15.07
N TYR B 177 -30.91 -22.15 15.67
CA TYR B 177 -30.82 -21.65 17.03
C TYR B 177 -31.28 -22.70 18.05
N SER B 178 -30.70 -22.62 19.26
CA SER B 178 -31.13 -23.39 20.42
C SER B 178 -31.10 -22.51 21.66
N LEU B 179 -32.01 -22.79 22.59
CA LEU B 179 -31.92 -22.20 23.92
C LEU B 179 -32.46 -23.18 24.95
N SER B 180 -32.29 -22.79 26.21
CA SER B 180 -32.78 -23.54 27.35
C SER B 180 -33.55 -22.62 28.28
N SER B 181 -34.53 -23.20 28.95
CA SER B 181 -35.22 -22.52 30.04
C SER B 181 -35.20 -23.47 31.21
N VAL B 182 -34.82 -22.96 32.38
CA VAL B 182 -34.65 -23.75 33.60
C VAL B 182 -35.61 -23.23 34.67
N VAL B 183 -35.96 -24.10 35.62
CA VAL B 183 -36.62 -23.66 36.84
C VAL B 183 -35.95 -24.36 38.02
N THR B 184 -35.79 -23.63 39.12
CA THR B 184 -35.33 -24.18 40.38
C THR B 184 -36.50 -24.38 41.34
N VAL B 185 -36.63 -25.59 41.86
CA VAL B 185 -37.81 -26.00 42.64
C VAL B 185 -37.31 -26.83 43.85
N PRO B 186 -38.20 -26.94 44.86
CA PRO B 186 -37.85 -27.81 46.00
C PRO B 186 -37.84 -29.27 45.58
N SER B 187 -36.80 -30.02 46.00
CA SER B 187 -36.73 -31.41 45.59
C SER B 187 -37.90 -32.21 46.12
N SER B 188 -38.39 -31.85 47.32
CA SER B 188 -39.56 -32.51 47.92
C SER B 188 -40.86 -32.23 47.16
N SER B 189 -40.86 -31.35 46.14
CA SER B 189 -42.04 -31.12 45.33
C SER B 189 -42.11 -32.01 44.08
N LEU B 190 -41.06 -32.78 43.80
CA LEU B 190 -40.98 -33.47 42.50
C LEU B 190 -42.00 -34.60 42.40
N GLY B 191 -42.26 -35.31 43.48
CA GLY B 191 -43.18 -36.43 43.44
C GLY B 191 -44.63 -36.03 43.35
N THR B 192 -44.89 -34.73 43.22
CA THR B 192 -46.27 -34.29 43.30
C THR B 192 -46.62 -33.24 42.25
N GLN B 193 -45.81 -32.19 42.20
CA GLN B 193 -46.08 -31.08 41.30
C GLN B 193 -45.62 -31.46 39.91
N THR B 194 -46.41 -31.07 38.92
CA THR B 194 -46.14 -31.41 37.54
C THR B 194 -45.60 -30.17 36.86
N TYR B 195 -44.52 -30.35 36.11
CA TYR B 195 -43.79 -29.26 35.48
C TYR B 195 -43.80 -29.44 33.97
N ILE B 196 -44.45 -28.52 33.27
CA ILE B 196 -44.55 -28.56 31.83
C ILE B 196 -44.07 -27.24 31.29
N CYS B 197 -43.17 -27.29 30.32
N CYS B 197 -43.16 -27.30 30.32
CA CYS B 197 -42.69 -26.08 29.68
CA CYS B 197 -42.67 -26.12 29.64
C CYS B 197 -43.45 -25.89 28.38
C CYS B 197 -43.49 -25.92 28.37
N ASN B 198 -44.03 -24.71 28.21
CA ASN B 198 -44.81 -24.35 27.04
C ASN B 198 -43.93 -23.52 26.14
N VAL B 199 -43.67 -24.03 24.93
CA VAL B 199 -42.77 -23.43 23.97
C VAL B 199 -43.60 -22.98 22.78
N ASN B 200 -43.49 -21.70 22.42
CA ASN B 200 -44.19 -21.15 21.28
C ASN B 200 -43.20 -20.49 20.33
N HIS B 201 -43.19 -20.93 19.06
CA HIS B 201 -42.35 -20.34 18.01
C HIS B 201 -43.24 -19.55 17.05
N LYS B 202 -43.25 -18.23 17.18
CA LYS B 202 -44.12 -17.41 16.32
C LYS B 202 -43.59 -17.20 14.89
N PRO B 203 -42.27 -17.24 14.63
CA PRO B 203 -41.83 -17.23 13.21
C PRO B 203 -42.34 -18.43 12.42
N SER B 204 -42.24 -19.64 12.96
CA SER B 204 -43.01 -20.77 12.44
C SER B 204 -44.34 -20.69 13.17
N ASN B 205 -45.18 -21.72 13.11
CA ASN B 205 -46.35 -21.74 13.98
C ASN B 205 -46.38 -22.96 14.90
N THR B 206 -45.21 -23.39 15.31
CA THR B 206 -45.05 -24.50 16.26
C THR B 206 -45.33 -24.04 17.69
N LYS B 207 -46.12 -24.83 18.40
CA LYS B 207 -46.32 -24.62 19.83
C LYS B 207 -46.29 -25.99 20.49
N VAL B 208 -45.35 -26.19 21.42
CA VAL B 208 -45.09 -27.50 22.00
C VAL B 208 -45.16 -27.40 23.52
N ASP B 209 -45.73 -28.43 24.14
CA ASP B 209 -45.76 -28.57 25.59
C ASP B 209 -45.00 -29.84 25.93
N LYS B 210 -43.94 -29.72 26.72
CA LYS B 210 -43.14 -30.88 27.11
C LYS B 210 -43.16 -31.03 28.63
N LYS B 211 -43.68 -32.17 29.08
CA LYS B 211 -43.65 -32.56 30.48
C LYS B 211 -42.25 -32.95 30.87
N VAL B 212 -41.75 -32.40 31.98
CA VAL B 212 -40.44 -32.72 32.52
C VAL B 212 -40.67 -33.50 33.81
N GLU B 213 -40.42 -34.80 33.78
CA GLU B 213 -40.63 -35.58 34.99
C GLU B 213 -39.30 -36.15 35.47
N PRO B 214 -39.18 -36.51 36.75
CA PRO B 214 -37.93 -37.06 37.27
C PRO B 214 -37.57 -38.33 36.52
N LYS B 215 -36.33 -38.79 36.69
CA LYS B 215 -35.85 -39.94 35.92
C LYS B 215 -35.49 -41.08 36.84
N SER B 216 -35.55 -42.28 36.27
CA SER B 216 -35.25 -43.51 37.01
C SER B 216 -33.83 -43.98 36.67
N CYS B 217 -32.87 -43.66 37.56
CA CYS B 217 -31.59 -44.31 37.50
C CYS B 217 -31.56 -45.70 38.04
N SER C 2 -6.98 -10.56 23.08
CA SER C 2 -6.41 -11.14 21.81
C SER C 2 -4.99 -10.64 21.42
N VAL C 3 -4.64 -9.62 20.59
CA VAL C 3 -3.18 -9.30 20.59
C VAL C 3 -2.76 -8.61 21.88
N LEU C 4 -3.53 -7.60 22.33
CA LEU C 4 -3.26 -6.99 23.64
C LEU C 4 -4.06 -7.77 24.67
N THR C 5 -3.51 -7.94 25.87
CA THR C 5 -4.15 -8.71 26.93
C THR C 5 -4.66 -7.75 28.00
N GLN C 6 -5.96 -7.81 28.26
CA GLN C 6 -6.64 -7.11 29.34
C GLN C 6 -7.19 -8.11 30.34
N PRO C 7 -7.38 -7.72 31.59
CA PRO C 7 -8.14 -8.55 32.51
C PRO C 7 -9.53 -8.79 31.95
N PRO C 8 -10.06 -10.00 32.05
CA PRO C 8 -11.42 -10.22 31.54
C PRO C 8 -12.47 -9.45 32.33
N SER C 9 -12.19 -9.16 33.59
CA SER C 9 -13.22 -8.73 34.53
C SER C 9 -12.58 -7.86 35.60
N VAL C 10 -13.26 -6.76 35.97
CA VAL C 10 -12.91 -5.99 37.17
C VAL C 10 -14.19 -5.43 37.77
N SER C 11 -14.14 -5.15 39.07
CA SER C 11 -15.29 -4.55 39.73
C SER C 11 -14.83 -3.71 40.92
N GLU C 12 -15.61 -2.67 41.21
CA GLU C 12 -15.39 -1.79 42.36
C GLU C 12 -16.71 -1.15 42.76
N ALA C 13 -16.76 -0.65 44.01
CA ALA C 13 -17.95 0.01 44.54
C ALA C 13 -18.14 1.39 43.90
N PRO C 14 -19.37 1.89 43.87
CA PRO C 14 -19.60 3.26 43.40
C PRO C 14 -18.78 4.26 44.21
N ARG C 15 -18.41 5.36 43.54
CA ARG C 15 -17.64 6.48 44.09
C ARG C 15 -16.18 6.14 44.37
N GLN C 16 -15.75 4.91 44.09
CA GLN C 16 -14.36 4.52 44.27
C GLN C 16 -13.60 4.59 42.94
N ARG C 17 -12.36 4.10 42.95
CA ARG C 17 -11.45 4.17 41.83
C ARG C 17 -11.08 2.76 41.38
N VAL C 18 -11.28 2.47 40.10
CA VAL C 18 -10.85 1.21 39.52
C VAL C 18 -9.82 1.48 38.43
N THR C 19 -8.97 0.48 38.16
CA THR C 19 -7.96 0.55 37.11
C THR C 19 -8.04 -0.68 36.20
N ILE C 20 -7.84 -0.48 34.90
CA ILE C 20 -7.90 -1.55 33.91
C ILE C 20 -6.58 -1.59 33.14
N SER C 21 -5.90 -2.72 33.20
CA SER C 21 -4.59 -2.85 32.58
C SER C 21 -4.70 -3.32 31.13
N CYS C 22 -3.75 -2.87 30.32
CA CYS C 22 -3.63 -3.28 28.93
C CYS C 22 -2.19 -3.63 28.67
N SER C 23 -1.94 -4.90 28.34
CA SER C 23 -0.59 -5.43 28.23
C SER C 23 -0.26 -5.77 26.78
N GLY C 24 0.88 -5.29 26.30
CA GLY C 24 1.27 -5.52 24.93
C GLY C 24 2.70 -5.98 24.82
N SER C 25 3.33 -5.58 23.72
CA SER C 25 4.70 -5.96 23.43
C SER C 25 5.41 -4.78 22.80
N SER C 26 6.67 -5.02 22.40
CA SER C 26 7.50 -3.96 21.83
C SER C 26 6.92 -3.40 20.55
N SER C 27 6.27 -4.25 19.74
CA SER C 27 5.85 -3.84 18.41
C SER C 27 4.64 -2.92 18.43
N ASN C 28 3.81 -2.98 19.48
CA ASN C 28 2.59 -2.19 19.50
C ASN C 28 2.78 -1.11 20.60
N ILE C 29 2.45 -1.42 21.85
CA ILE C 29 2.47 -0.41 22.90
C ILE C 29 3.84 0.22 23.03
N GLY C 30 4.91 -0.56 22.84
CA GLY C 30 6.25 -0.02 23.03
C GLY C 30 6.57 1.18 22.15
N HIS C 31 5.96 1.26 20.96
CA HIS C 31 6.28 2.30 19.99
C HIS C 31 5.09 3.14 19.55
N ASN C 32 3.87 2.82 19.96
CA ASN C 32 2.70 3.49 19.44
C ASN C 32 1.77 3.88 20.58
N ALA C 33 0.88 4.84 20.31
CA ALA C 33 -0.03 5.39 21.29
C ALA C 33 -1.18 4.43 21.60
N VAL C 34 -1.59 4.39 22.87
CA VAL C 34 -2.67 3.50 23.28
C VAL C 34 -3.98 4.28 23.25
N HIS C 35 -5.09 3.59 22.94
CA HIS C 35 -6.40 4.20 22.89
C HIS C 35 -7.36 3.33 23.67
N TRP C 36 -8.39 3.95 24.21
CA TRP C 36 -9.37 3.26 25.04
C TRP C 36 -10.75 3.57 24.50
N TYR C 37 -11.61 2.55 24.59
CA TYR C 37 -12.97 2.58 24.07
C TYR C 37 -13.90 2.05 25.14
N GLN C 38 -15.08 2.66 25.23
CA GLN C 38 -16.13 2.22 26.14
C GLN C 38 -17.29 1.69 25.32
N GLN C 39 -17.76 0.48 25.63
CA GLN C 39 -18.93 -0.05 24.94
C GLN C 39 -20.00 -0.36 25.97
N LEU C 40 -21.02 0.50 26.03
CA LEU C 40 -22.14 0.28 26.93
C LEU C 40 -22.97 -0.90 26.41
N PRO C 41 -23.67 -1.60 27.30
CA PRO C 41 -24.39 -2.81 26.85
C PRO C 41 -25.38 -2.50 25.74
N GLY C 42 -25.30 -3.33 24.70
CA GLY C 42 -26.16 -3.23 23.53
C GLY C 42 -25.89 -2.04 22.63
N LYS C 43 -24.79 -1.31 22.84
CA LYS C 43 -24.49 -0.10 22.08
C LYS C 43 -23.17 -0.27 21.31
N ALA C 44 -22.89 0.71 20.45
CA ALA C 44 -21.63 0.74 19.77
C ALA C 44 -20.52 1.27 20.68
N PRO C 45 -19.27 0.90 20.41
CA PRO C 45 -18.16 1.48 21.16
C PRO C 45 -18.10 2.99 20.98
N LYS C 46 -17.37 3.64 21.88
CA LYS C 46 -17.11 5.07 21.80
C LYS C 46 -15.70 5.33 22.29
N LEU C 47 -15.05 6.32 21.69
CA LEU C 47 -13.71 6.72 22.10
C LEU C 47 -13.73 7.39 23.48
N LEU C 48 -12.82 6.96 24.35
CA LEU C 48 -12.63 7.46 25.71
C LEU C 48 -11.30 8.17 25.90
N ILE C 49 -10.22 7.55 25.43
CA ILE C 49 -8.87 8.09 25.54
C ILE C 49 -8.14 7.84 24.22
N TYR C 50 -7.37 8.84 23.79
CA TYR C 50 -6.53 8.71 22.60
C TYR C 50 -5.15 9.27 22.93
N TYR C 51 -4.15 8.80 22.18
CA TYR C 51 -2.74 9.14 22.40
C TYR C 51 -2.35 9.01 23.87
N ASP C 52 -2.67 7.84 24.45
CA ASP C 52 -2.30 7.45 25.81
C ASP C 52 -3.10 8.13 26.91
N ASP C 53 -3.14 9.47 26.94
CA ASP C 53 -3.77 10.18 28.05
C ASP C 53 -4.73 11.30 27.66
N LEU C 54 -4.92 11.58 26.38
CA LEU C 54 -5.76 12.69 25.96
C LEU C 54 -7.23 12.31 25.92
N LEU C 55 -8.07 13.27 26.27
CA LEU C 55 -9.50 13.08 26.39
C LEU C 55 -10.20 13.75 25.22
N PRO C 56 -11.12 13.08 24.55
CA PRO C 56 -11.92 13.74 23.52
C PRO C 56 -12.82 14.75 24.18
N ALA C 57 -13.25 15.74 23.39
CA ALA C 57 -14.15 16.75 23.91
C ALA C 57 -15.42 16.07 24.40
N GLY C 58 -15.88 16.47 25.59
CA GLY C 58 -17.09 15.90 26.14
C GLY C 58 -16.92 14.62 26.92
N VAL C 59 -15.69 14.15 27.12
CA VAL C 59 -15.45 12.95 27.93
C VAL C 59 -15.02 13.40 29.33
N SER C 60 -15.67 12.85 30.36
CA SER C 60 -15.43 13.31 31.73
C SER C 60 -14.01 13.01 32.19
N ASP C 61 -13.43 13.96 32.96
CA ASP C 61 -12.07 13.81 33.47
C ASP C 61 -11.99 12.80 34.61
N ARG C 62 -13.10 12.16 34.98
CA ARG C 62 -12.99 10.97 35.81
C ARG C 62 -12.21 9.86 35.08
N PHE C 63 -12.16 9.86 33.76
CA PHE C 63 -11.39 8.88 33.00
C PHE C 63 -10.00 9.39 32.71
N SER C 64 -8.98 8.58 33.01
CA SER C 64 -7.62 8.98 32.65
C SER C 64 -6.84 7.75 32.21
N GLY C 65 -5.77 7.98 31.45
CA GLY C 65 -4.96 6.89 30.95
C GLY C 65 -3.48 7.18 31.05
N SER C 66 -2.69 6.10 31.10
CA SER C 66 -1.24 6.23 31.13
C SER C 66 -0.61 5.01 30.47
N LYS C 67 0.63 5.22 30.01
CA LYS C 67 1.44 4.18 29.39
C LYS C 67 2.83 4.21 30.02
N SER C 68 3.35 3.04 30.34
CA SER C 68 4.72 2.92 30.83
C SER C 68 5.29 1.65 30.22
N GLY C 69 6.32 1.80 29.39
CA GLY C 69 6.92 0.68 28.70
C GLY C 69 6.02 0.07 27.65
N THR C 70 5.73 -1.23 27.78
CA THR C 70 4.84 -1.93 26.86
C THR C 70 3.49 -2.21 27.50
N SER C 71 3.07 -1.33 28.41
CA SER C 71 1.84 -1.52 29.15
C SER C 71 1.15 -0.18 29.36
N ALA C 72 -0.15 -0.26 29.58
CA ALA C 72 -0.98 0.92 29.70
C ALA C 72 -2.10 0.62 30.66
N SER C 73 -2.65 1.67 31.24
CA SER C 73 -3.76 1.47 32.16
C SER C 73 -4.75 2.60 32.01
N LEU C 74 -6.02 2.27 32.17
CA LEU C 74 -7.11 3.22 32.25
C LEU C 74 -7.59 3.25 33.69
N ALA C 75 -7.74 4.45 34.23
CA ALA C 75 -8.18 4.68 35.61
C ALA C 75 -9.52 5.39 35.60
N ILE C 76 -10.50 4.86 36.35
CA ILE C 76 -11.82 5.48 36.49
C ILE C 76 -12.06 5.83 37.97
N SER C 77 -12.06 7.11 38.29
CA SER C 77 -12.35 7.62 39.62
C SER C 77 -13.81 8.07 39.69
N GLY C 78 -14.32 8.21 40.93
CA GLY C 78 -15.70 8.56 41.17
C GLY C 78 -16.65 7.60 40.47
N LEU C 79 -16.40 6.29 40.59
CA LEU C 79 -17.13 5.31 39.80
C LEU C 79 -18.63 5.53 39.88
N GLN C 80 -19.28 5.55 38.72
CA GLN C 80 -20.72 5.72 38.62
C GLN C 80 -21.31 4.47 37.97
N SER C 81 -22.58 4.19 38.25
CA SER C 81 -23.18 2.96 37.75
C SER C 81 -23.33 2.99 36.23
N GLU C 82 -23.43 4.18 35.66
CA GLU C 82 -23.42 4.39 34.22
C GLU C 82 -22.08 4.03 33.57
N ASP C 83 -21.04 3.80 34.36
CA ASP C 83 -19.76 3.39 33.79
C ASP C 83 -19.68 1.89 33.50
N GLU C 84 -20.68 1.10 33.90
CA GLU C 84 -20.69 -0.33 33.62
C GLU C 84 -20.69 -0.59 32.13
N ALA C 85 -19.66 -1.25 31.65
CA ALA C 85 -19.47 -1.38 30.20
C ALA C 85 -18.29 -2.30 30.00
N ASP C 86 -18.06 -2.68 28.73
CA ASP C 86 -16.83 -3.32 28.32
C ASP C 86 -15.88 -2.24 27.85
N TYR C 87 -14.62 -2.34 28.28
CA TYR C 87 -13.61 -1.36 27.93
C TYR C 87 -12.53 -2.07 27.13
N TYR C 88 -12.13 -1.46 26.02
CA TYR C 88 -11.14 -2.05 25.12
C TYR C 88 -10.02 -1.07 24.92
N CYS C 89 -8.78 -1.55 24.92
CA CYS C 89 -7.65 -0.74 24.49
C CYS C 89 -7.30 -1.11 23.05
N ALA C 90 -6.65 -0.17 22.37
CA ALA C 90 -6.11 -0.47 21.04
C ALA C 90 -4.90 0.41 20.77
N ALA C 91 -3.96 -0.15 20.00
CA ALA C 91 -2.75 0.54 19.55
C ALA C 91 -2.34 -0.01 18.19
N TRP C 92 -1.58 0.82 17.45
CA TRP C 92 -0.97 0.36 16.21
C TRP C 92 0.16 -0.61 16.51
N ASP C 93 0.27 -1.64 15.67
CA ASP C 93 1.33 -2.64 15.79
C ASP C 93 2.22 -2.59 14.56
N ASP C 94 3.52 -2.36 14.77
CA ASP C 94 4.44 -2.21 13.65
C ASP C 94 4.65 -3.52 12.89
N ILE C 95 4.61 -4.67 13.56
CA ILE C 95 4.87 -5.94 12.91
C ILE C 95 3.71 -6.34 12.02
N LEU C 96 2.48 -6.22 12.52
CA LEU C 96 1.32 -6.59 11.73
C LEU C 96 0.81 -5.48 10.83
N ASN C 97 1.40 -4.29 10.92
CA ASN C 97 1.06 -3.14 10.06
C ASN C 97 -0.41 -2.75 10.15
N GLY C 98 -0.93 -2.71 11.37
CA GLY C 98 -2.29 -2.30 11.61
C GLY C 98 -2.64 -2.24 13.09
N PRO C 99 -3.80 -1.67 13.40
CA PRO C 99 -4.20 -1.55 14.82
C PRO C 99 -4.69 -2.86 15.38
N VAL C 100 -4.24 -3.18 16.61
CA VAL C 100 -4.64 -4.39 17.32
C VAL C 100 -5.45 -4.00 18.55
N PHE C 101 -6.33 -4.93 18.95
CA PHE C 101 -7.25 -4.77 20.07
C PHE C 101 -6.81 -5.58 21.28
N GLY C 102 -7.26 -5.12 22.48
CA GLY C 102 -7.30 -6.00 23.63
C GLY C 102 -8.60 -6.78 23.65
N GLY C 103 -8.63 -7.87 24.43
CA GLY C 103 -9.81 -8.72 24.52
C GLY C 103 -11.01 -8.09 25.18
N GLY C 104 -10.83 -6.94 25.84
CA GLY C 104 -11.94 -6.29 26.51
C GLY C 104 -12.04 -6.65 27.97
N THR C 105 -12.50 -5.69 28.76
CA THR C 105 -12.70 -5.88 30.19
C THR C 105 -14.10 -5.43 30.56
N LYS C 106 -14.86 -6.33 31.21
CA LYS C 106 -16.18 -6.00 31.72
C LYS C 106 -16.04 -5.33 33.10
N LEU C 107 -16.58 -4.12 33.24
CA LEU C 107 -16.54 -3.41 34.52
C LEU C 107 -17.88 -3.55 35.20
N THR C 108 -17.89 -4.05 36.43
CA THR C 108 -19.08 -4.06 37.27
C THR C 108 -18.92 -3.01 38.38
N VAL C 109 -19.93 -2.17 38.54
CA VAL C 109 -19.99 -1.24 39.68
C VAL C 109 -20.87 -1.91 40.73
N LEU C 110 -20.25 -2.36 41.83
CA LEU C 110 -20.94 -3.21 42.81
C LEU C 110 -22.17 -2.57 43.43
N GLY C 111 -23.35 -3.03 43.02
CA GLY C 111 -24.60 -2.54 43.57
C GLY C 111 -25.40 -3.60 44.31
N GLN C 112 -24.80 -4.78 44.54
CA GLN C 112 -25.44 -5.82 45.32
C GLN C 112 -24.33 -6.71 45.87
N PRO C 113 -24.65 -7.66 46.75
CA PRO C 113 -23.60 -8.53 47.28
C PRO C 113 -23.12 -9.50 46.22
N LYS C 114 -21.82 -9.81 46.28
CA LYS C 114 -21.28 -10.86 45.44
C LYS C 114 -21.95 -12.18 45.78
N ALA C 115 -22.18 -13.00 44.75
CA ALA C 115 -22.92 -14.23 44.91
C ALA C 115 -22.30 -15.31 44.04
N ASN C 116 -22.04 -16.48 44.61
CA ASN C 116 -21.38 -17.59 43.89
C ASN C 116 -22.36 -18.28 42.94
N PRO C 117 -21.87 -18.81 41.82
CA PRO C 117 -22.77 -19.50 40.89
C PRO C 117 -23.20 -20.86 41.41
N THR C 118 -24.46 -21.20 41.19
CA THR C 118 -24.89 -22.58 41.27
C THR C 118 -24.87 -23.14 39.84
N VAL C 119 -24.43 -24.39 39.71
CA VAL C 119 -24.16 -25.00 38.42
C VAL C 119 -24.86 -26.34 38.36
N THR C 120 -25.52 -26.62 37.23
CA THR C 120 -26.10 -27.94 36.98
C THR C 120 -25.72 -28.39 35.58
N LEU C 121 -25.07 -29.54 35.48
CA LEU C 121 -24.68 -30.11 34.21
C LEU C 121 -25.66 -31.22 33.87
N PHE C 122 -26.46 -30.99 32.80
CA PHE C 122 -27.43 -31.97 32.35
C PHE C 122 -26.80 -32.84 31.27
N PRO C 123 -26.89 -34.16 31.40
CA PRO C 123 -26.49 -35.04 30.31
C PRO C 123 -27.53 -35.02 29.21
N PRO C 124 -27.19 -35.50 28.01
CA PRO C 124 -28.18 -35.61 26.93
C PRO C 124 -29.41 -36.36 27.41
N SER C 125 -30.59 -35.89 26.99
CA SER C 125 -31.81 -36.60 27.36
C SER C 125 -32.00 -37.89 26.57
N SER C 126 -32.78 -38.80 27.15
CA SER C 126 -33.12 -40.06 26.50
C SER C 126 -33.82 -39.80 25.17
N GLU C 127 -34.66 -38.78 25.14
CA GLU C 127 -35.35 -38.40 23.92
CA GLU C 127 -35.35 -38.42 23.92
C GLU C 127 -34.35 -37.93 22.87
N GLU C 128 -33.41 -37.06 23.26
CA GLU C 128 -32.44 -36.53 22.29
C GLU C 128 -31.56 -37.65 21.75
N LEU C 129 -31.10 -38.53 22.62
CA LEU C 129 -30.28 -39.66 22.17
C LEU C 129 -31.04 -40.52 21.16
N GLN C 130 -32.35 -40.68 21.36
CA GLN C 130 -33.15 -41.42 20.43
C GLN C 130 -33.34 -40.67 19.14
N ALA C 131 -33.06 -39.38 19.12
CA ALA C 131 -33.00 -38.64 17.87
C ALA C 131 -31.60 -38.64 17.30
N ASN C 132 -30.69 -39.41 17.88
CA ASN C 132 -29.32 -39.55 17.37
C ASN C 132 -28.49 -38.28 17.55
N LYS C 133 -28.77 -37.57 18.62
CA LYS C 133 -28.02 -36.38 19.09
C LYS C 133 -27.65 -36.47 20.55
N ALA C 134 -26.65 -35.68 20.92
CA ALA C 134 -26.19 -35.66 22.30
C ALA C 134 -25.67 -34.27 22.68
N THR C 135 -26.45 -33.52 23.45
CA THR C 135 -26.07 -32.19 23.89
C THR C 135 -25.96 -32.18 25.40
N LEU C 136 -24.76 -31.93 25.91
CA LEU C 136 -24.59 -31.65 27.33
C LEU C 136 -24.92 -30.17 27.57
N VAL C 137 -25.71 -29.89 28.60
CA VAL C 137 -26.23 -28.55 28.86
C VAL C 137 -25.82 -28.14 30.27
N CYS C 138 -24.94 -27.14 30.36
CA CYS C 138 -24.42 -26.64 31.62
C CYS C 138 -25.07 -25.29 31.91
N LEU C 139 -25.89 -25.24 32.95
CA LEU C 139 -26.63 -24.05 33.32
C LEU C 139 -26.03 -23.44 34.59
N ILE C 140 -25.86 -22.13 34.56
CA ILE C 140 -25.16 -21.37 35.60
C ILE C 140 -26.09 -20.22 35.98
N SER C 141 -26.39 -20.08 37.29
CA SER C 141 -27.36 -19.09 37.71
C SER C 141 -26.98 -18.47 39.05
N ASP C 142 -27.62 -17.34 39.35
CA ASP C 142 -27.59 -16.68 40.67
C ASP C 142 -26.18 -16.23 41.05
N PHE C 143 -25.43 -15.67 40.10
CA PHE C 143 -24.11 -15.16 40.42
C PHE C 143 -24.05 -13.65 40.17
N TYR C 144 -23.13 -12.99 40.89
CA TYR C 144 -22.89 -11.55 40.81
C TYR C 144 -21.47 -11.29 41.27
N PRO C 145 -20.69 -10.47 40.56
CA PRO C 145 -20.97 -9.77 39.29
C PRO C 145 -21.23 -10.79 38.16
N GLY C 146 -21.89 -10.37 37.09
CA GLY C 146 -22.24 -11.26 35.98
C GLY C 146 -21.08 -11.45 35.03
N ALA C 147 -20.05 -12.14 35.48
CA ALA C 147 -18.87 -12.39 34.66
C ALA C 147 -18.32 -13.75 35.06
N VAL C 148 -18.29 -14.69 34.12
CA VAL C 148 -17.77 -16.03 34.33
C VAL C 148 -16.94 -16.46 33.13
N THR C 149 -16.06 -17.41 33.39
CA THR C 149 -15.36 -18.16 32.36
C THR C 149 -15.79 -19.62 32.47
N VAL C 150 -16.12 -20.23 31.33
CA VAL C 150 -16.62 -21.60 31.29
C VAL C 150 -15.61 -22.42 30.52
N ALA C 151 -15.24 -23.57 31.09
CA ALA C 151 -14.31 -24.49 30.48
C ALA C 151 -14.88 -25.91 30.51
N TRP C 152 -14.70 -26.63 29.41
CA TRP C 152 -15.14 -28.02 29.29
C TRP C 152 -13.92 -28.93 29.21
N LYS C 153 -14.00 -30.07 29.89
CA LYS C 153 -12.97 -31.11 29.81
C LYS C 153 -13.68 -32.43 29.58
N ALA C 154 -13.14 -33.24 28.67
CA ALA C 154 -13.61 -34.61 28.48
C ALA C 154 -12.49 -35.52 28.93
N ASP C 155 -12.78 -36.32 29.96
CA ASP C 155 -11.70 -37.08 30.58
C ASP C 155 -10.60 -36.11 30.99
N GLY C 156 -9.44 -36.17 30.34
CA GLY C 156 -8.37 -35.24 30.64
C GLY C 156 -7.99 -34.24 29.59
N SER C 157 -8.82 -34.01 28.57
CA SER C 157 -8.39 -33.05 27.57
C SER C 157 -9.35 -31.87 27.48
N PRO C 158 -8.84 -30.65 27.33
CA PRO C 158 -9.74 -29.51 27.16
C PRO C 158 -10.53 -29.61 25.86
N VAL C 159 -11.82 -29.34 25.94
CA VAL C 159 -12.71 -29.40 24.80
C VAL C 159 -12.99 -27.98 24.34
N LYS C 160 -12.58 -27.66 23.12
CA LYS C 160 -12.87 -26.37 22.49
C LYS C 160 -13.93 -26.46 21.41
N ALA C 161 -13.91 -27.51 20.57
CA ALA C 161 -14.89 -27.62 19.50
C ALA C 161 -16.21 -28.13 20.04
N GLY C 162 -17.29 -27.65 19.44
CA GLY C 162 -18.62 -28.02 19.85
C GLY C 162 -19.18 -27.24 21.03
N VAL C 163 -18.48 -26.22 21.50
CA VAL C 163 -18.89 -25.49 22.70
C VAL C 163 -19.53 -24.19 22.28
N GLU C 164 -20.71 -23.93 22.80
CA GLU C 164 -21.33 -22.62 22.63
C GLU C 164 -21.80 -22.13 24.00
N THR C 165 -21.55 -20.86 24.31
CA THR C 165 -21.79 -20.28 25.63
C THR C 165 -22.44 -18.90 25.52
N THR C 166 -23.49 -18.64 26.29
CA THR C 166 -24.17 -17.34 26.29
C THR C 166 -23.50 -16.36 27.26
N LYS C 167 -23.49 -15.08 26.89
CA LYS C 167 -23.02 -14.07 27.82
C LYS C 167 -23.98 -13.96 28.99
N PRO C 168 -23.47 -13.73 30.20
CA PRO C 168 -24.35 -13.62 31.36
C PRO C 168 -25.52 -12.70 31.08
N SER C 169 -26.70 -13.15 31.47
CA SER C 169 -27.95 -12.44 31.32
C SER C 169 -28.54 -12.23 32.70
N LYS C 170 -29.23 -11.10 32.87
CA LYS C 170 -29.81 -10.75 34.16
C LYS C 170 -31.06 -11.56 34.43
N GLN C 171 -31.18 -12.07 35.64
CA GLN C 171 -32.34 -12.82 36.09
C GLN C 171 -33.41 -11.89 36.66
N SER C 172 -34.57 -12.46 36.92
CA SER C 172 -35.66 -11.69 37.51
C SER C 172 -35.33 -11.20 38.92
N ASN C 173 -34.47 -11.90 39.64
CA ASN C 173 -34.03 -11.48 40.96
C ASN C 173 -32.84 -10.53 40.92
N ASN C 174 -32.40 -10.15 39.73
CA ASN C 174 -31.29 -9.25 39.43
C ASN C 174 -29.90 -9.87 39.61
N LYS C 175 -29.80 -11.14 39.99
CA LYS C 175 -28.53 -11.83 39.80
C LYS C 175 -28.38 -12.23 38.33
N TYR C 176 -27.23 -12.81 37.99
CA TYR C 176 -26.95 -13.15 36.59
C TYR C 176 -26.91 -14.67 36.40
N ALA C 177 -27.12 -15.07 35.15
CA ALA C 177 -27.09 -16.46 34.74
C ALA C 177 -26.49 -16.59 33.33
N ALA C 178 -25.88 -17.75 33.08
CA ALA C 178 -25.30 -18.05 31.77
C ALA C 178 -25.49 -19.53 31.46
N SER C 179 -25.41 -19.86 30.17
CA SER C 179 -25.57 -21.23 29.71
C SER C 179 -24.43 -21.60 28.77
N SER C 180 -24.07 -22.88 28.78
CA SER C 180 -23.06 -23.46 27.90
C SER C 180 -23.52 -24.83 27.43
N TYR C 181 -23.23 -25.10 26.15
CA TYR C 181 -23.61 -26.32 25.46
C TYR C 181 -22.39 -27.01 24.90
N LEU C 182 -22.34 -28.33 25.03
CA LEU C 182 -21.37 -29.17 24.33
C LEU C 182 -22.16 -30.12 23.45
N SER C 183 -22.11 -29.89 22.13
CA SER C 183 -22.89 -30.67 21.19
C SER C 183 -22.05 -31.81 20.64
N LEU C 184 -22.47 -33.04 20.90
CA LEU C 184 -21.72 -34.22 20.47
C LEU C 184 -22.61 -35.16 19.68
N THR C 185 -21.96 -36.10 18.95
CA THR C 185 -22.70 -37.25 18.47
C THR C 185 -22.85 -38.24 19.62
N PRO C 186 -23.82 -39.15 19.53
CA PRO C 186 -23.90 -40.20 20.56
C PRO C 186 -22.62 -41.01 20.70
N GLU C 187 -21.85 -41.19 19.61
CA GLU C 187 -20.65 -42.00 19.70
C GLU C 187 -19.56 -41.25 20.45
N GLN C 188 -19.39 -39.96 20.16
CA GLN C 188 -18.48 -39.17 20.98
C GLN C 188 -18.91 -39.20 22.44
N TRP C 189 -20.21 -39.02 22.69
CA TRP C 189 -20.71 -38.99 24.06
C TRP C 189 -20.38 -40.28 24.81
N LYS C 190 -20.58 -41.45 24.16
CA LYS C 190 -20.32 -42.71 24.86
C LYS C 190 -18.86 -43.14 24.84
N SER C 191 -18.01 -42.46 24.10
CA SER C 191 -16.60 -42.84 23.98
C SER C 191 -15.73 -42.31 25.13
N HIS C 192 -16.22 -41.38 25.95
CA HIS C 192 -15.44 -40.89 27.07
C HIS C 192 -16.05 -41.35 28.38
N ARG C 193 -15.23 -41.33 29.44
CA ARG C 193 -15.73 -41.83 30.72
C ARG C 193 -16.39 -40.73 31.54
N SER C 194 -15.92 -39.48 31.42
CA SER C 194 -16.49 -38.39 32.20
C SER C 194 -16.37 -37.08 31.43
N TYR C 195 -17.38 -36.22 31.63
CA TYR C 195 -17.34 -34.87 31.11
C TYR C 195 -17.53 -33.90 32.25
N SER C 196 -16.89 -32.75 32.15
CA SER C 196 -16.99 -31.77 33.21
C SER C 196 -17.10 -30.36 32.65
N CYS C 197 -17.95 -29.59 33.29
CA CYS C 197 -18.15 -28.18 33.03
C CYS C 197 -17.55 -27.41 34.22
N GLN C 198 -16.60 -26.52 33.94
CA GLN C 198 -15.85 -25.81 34.97
C GLN C 198 -16.13 -24.32 34.86
N VAL C 199 -16.64 -23.73 35.95
CA VAL C 199 -17.10 -22.36 35.94
C VAL C 199 -16.23 -21.55 36.89
N THR C 200 -15.45 -20.61 36.35
CA THR C 200 -14.61 -19.73 37.15
C THR C 200 -15.33 -18.39 37.36
N HIS C 201 -15.42 -17.98 38.62
CA HIS C 201 -16.11 -16.75 39.01
C HIS C 201 -15.32 -16.09 40.13
N GLU C 202 -14.93 -14.82 39.92
CA GLU C 202 -14.19 -14.02 40.91
C GLU C 202 -13.04 -14.81 41.51
N GLY C 203 -12.25 -15.45 40.63
CA GLY C 203 -11.10 -16.21 41.07
C GLY C 203 -11.40 -17.58 41.66
N SER C 204 -12.66 -17.97 41.77
CA SER C 204 -13.01 -19.30 42.27
C SER C 204 -13.54 -20.16 41.11
N THR C 205 -13.19 -21.45 41.10
CA THR C 205 -13.58 -22.35 40.02
C THR C 205 -14.36 -23.51 40.62
N VAL C 206 -15.62 -23.66 40.19
CA VAL C 206 -16.48 -24.76 40.58
C VAL C 206 -16.67 -25.68 39.37
N GLU C 207 -16.88 -26.97 39.62
CA GLU C 207 -16.89 -27.99 38.58
C GLU C 207 -18.02 -28.98 38.83
N LYS C 208 -18.75 -29.31 37.77
CA LYS C 208 -19.72 -30.39 37.82
C LYS C 208 -19.40 -31.36 36.70
N THR C 209 -19.66 -32.64 36.92
CA THR C 209 -19.27 -33.67 35.99
C THR C 209 -20.42 -34.64 35.78
N VAL C 210 -20.49 -35.22 34.58
CA VAL C 210 -21.43 -36.30 34.30
C VAL C 210 -20.69 -37.44 33.59
N ALA C 211 -21.29 -38.62 33.65
CA ALA C 211 -20.68 -39.80 33.08
C ALA C 211 -21.74 -40.61 32.36
N PRO C 212 -21.43 -41.08 31.15
CA PRO C 212 -22.44 -41.76 30.32
C PRO C 212 -23.10 -42.97 30.97
N THR C 213 -22.42 -43.68 31.86
CA THR C 213 -23.05 -44.86 32.45
C THR C 213 -23.84 -44.58 33.74
N GLU C 214 -23.43 -43.58 34.51
CA GLU C 214 -24.05 -43.19 35.78
C GLU C 214 -25.07 -42.08 35.54
N CYS C 215 -25.74 -41.66 36.58
CA CYS C 215 -26.54 -40.44 36.52
C CYS C 215 -26.07 -39.47 37.65
N ILE D 2 -19.60 -56.89 -33.99
CA ILE D 2 -20.02 -56.23 -35.23
C ILE D 2 -19.11 -55.03 -35.53
N THR D 3 -19.10 -54.61 -36.81
CA THR D 3 -18.16 -53.60 -37.31
C THR D 3 -18.72 -52.20 -37.10
N ASN D 4 -18.54 -51.72 -35.87
CA ASN D 4 -18.61 -50.30 -35.57
C ASN D 4 -17.16 -49.84 -35.65
N LEU D 5 -16.86 -48.94 -36.58
CA LEU D 5 -15.47 -48.58 -36.79
C LEU D 5 -15.01 -47.53 -35.78
N CYS D 6 -13.70 -47.53 -35.50
CA CYS D 6 -13.23 -46.62 -34.47
C CYS D 6 -13.07 -45.23 -35.08
N PRO D 7 -13.50 -44.18 -34.37
CA PRO D 7 -13.46 -42.82 -34.94
C PRO D 7 -12.05 -42.21 -34.91
N PHE D 8 -11.13 -42.86 -35.65
CA PHE D 8 -9.77 -42.37 -35.71
C PHE D 8 -9.66 -41.17 -36.64
N GLY D 9 -10.44 -41.15 -37.72
CA GLY D 9 -10.43 -39.99 -38.59
C GLY D 9 -10.76 -38.70 -37.87
N GLU D 10 -11.53 -38.80 -36.78
CA GLU D 10 -11.92 -37.64 -35.98
C GLU D 10 -10.74 -37.10 -35.18
N VAL D 11 -9.83 -37.99 -34.78
CA VAL D 11 -8.68 -37.61 -33.98
C VAL D 11 -7.57 -37.06 -34.86
N PHE D 12 -7.21 -37.79 -35.90
CA PHE D 12 -6.06 -37.43 -36.72
C PHE D 12 -6.36 -36.23 -37.63
N ASN D 13 -7.57 -36.17 -38.17
CA ASN D 13 -7.93 -35.14 -39.13
C ASN D 13 -8.78 -34.02 -38.55
N ALA D 14 -8.78 -33.88 -37.22
CA ALA D 14 -9.62 -32.90 -36.55
C ALA D 14 -9.36 -31.48 -37.09
N THR D 15 -10.41 -30.66 -37.04
CA THR D 15 -10.32 -29.33 -37.62
C THR D 15 -9.30 -28.48 -36.86
N ARG D 16 -9.31 -28.55 -35.54
CA ARG D 16 -8.32 -27.89 -34.71
C ARG D 16 -7.79 -28.87 -33.67
N PHE D 17 -6.53 -28.65 -33.28
CA PHE D 17 -5.87 -29.42 -32.23
C PHE D 17 -5.72 -28.56 -30.97
N ALA D 18 -5.60 -29.22 -29.83
CA ALA D 18 -5.49 -28.53 -28.55
C ALA D 18 -4.07 -28.05 -28.30
N SER D 19 -3.98 -27.05 -27.43
CA SER D 19 -2.69 -26.66 -26.89
C SER D 19 -2.18 -27.78 -26.01
N VAL D 20 -0.86 -27.95 -25.99
CA VAL D 20 -0.29 -29.08 -25.26
C VAL D 20 -0.61 -29.02 -23.77
N TYR D 21 -0.69 -27.82 -23.18
CA TYR D 21 -1.00 -27.75 -21.75
C TYR D 21 -2.43 -28.21 -21.47
N ALA D 22 -3.38 -27.92 -22.37
CA ALA D 22 -4.73 -28.43 -22.23
C ALA D 22 -4.99 -29.58 -23.19
N TRP D 23 -4.10 -30.57 -23.19
CA TRP D 23 -4.11 -31.61 -24.20
C TRP D 23 -5.41 -32.39 -24.21
N ASN D 24 -5.94 -32.62 -25.39
CA ASN D 24 -7.21 -33.33 -25.51
C ASN D 24 -7.03 -34.85 -25.37
N ARG D 25 -8.01 -35.49 -24.72
CA ARG D 25 -8.06 -36.95 -24.66
C ARG D 25 -9.39 -37.44 -25.20
N LYS D 26 -9.32 -38.47 -26.05
CA LYS D 26 -10.50 -39.14 -26.57
C LYS D 26 -10.39 -40.63 -26.28
N ARG D 27 -11.39 -41.18 -25.57
CA ARG D 27 -11.49 -42.59 -25.28
C ARG D 27 -12.08 -43.32 -26.47
N ILE D 28 -11.43 -44.39 -26.91
CA ILE D 28 -11.90 -45.22 -28.02
C ILE D 28 -12.33 -46.58 -27.47
N SER D 29 -13.55 -46.98 -27.79
CA SER D 29 -14.19 -48.13 -27.16
C SER D 29 -15.14 -48.78 -28.15
N ASN D 30 -15.36 -50.08 -27.96
CA ASN D 30 -16.42 -50.80 -28.64
C ASN D 30 -16.43 -50.51 -30.14
N CYS D 31 -15.34 -50.91 -30.78
CA CYS D 31 -15.15 -50.53 -32.16
C CYS D 31 -14.03 -51.38 -32.73
N VAL D 32 -14.00 -51.44 -34.06
CA VAL D 32 -12.95 -52.10 -34.81
C VAL D 32 -12.01 -51.04 -35.38
N ALA D 33 -10.71 -51.22 -35.15
CA ALA D 33 -9.68 -50.32 -35.64
C ALA D 33 -8.70 -51.06 -36.52
N ASP D 34 -8.48 -50.54 -37.72
CA ASP D 34 -7.40 -51.00 -38.58
C ASP D 34 -6.18 -50.15 -38.23
N TYR D 35 -5.27 -50.69 -37.42
CA TYR D 35 -4.07 -49.93 -37.13
C TYR D 35 -3.13 -49.91 -38.34
N SER D 36 -3.22 -50.95 -39.19
CA SER D 36 -2.42 -51.02 -40.41
C SER D 36 -2.40 -49.73 -41.20
N VAL D 37 -3.56 -49.14 -41.46
CA VAL D 37 -3.61 -47.90 -42.23
C VAL D 37 -2.75 -46.81 -41.58
N LEU D 38 -2.82 -46.70 -40.26
CA LEU D 38 -2.03 -45.66 -39.58
C LEU D 38 -0.54 -45.97 -39.67
N TYR D 39 -0.15 -47.19 -39.30
CA TYR D 39 1.28 -47.52 -39.24
C TYR D 39 1.95 -47.38 -40.61
N ASN D 40 1.24 -47.74 -41.69
CA ASN D 40 1.82 -47.71 -43.02
C ASN D 40 1.66 -46.38 -43.73
N SER D 41 1.07 -45.38 -43.06
CA SER D 41 0.83 -44.09 -43.70
C SER D 41 2.11 -43.26 -43.71
N ALA D 42 2.54 -42.84 -44.90
CA ALA D 42 3.70 -41.97 -45.02
C ALA D 42 3.45 -40.56 -44.50
N SER D 43 2.19 -40.18 -44.28
CA SER D 43 1.91 -38.85 -43.75
C SER D 43 2.51 -38.64 -42.36
N PHE D 44 2.78 -39.72 -41.63
CA PHE D 44 3.32 -39.61 -40.28
C PHE D 44 4.84 -39.70 -40.34
N SER D 45 5.51 -38.61 -39.97
CA SER D 45 6.97 -38.63 -39.89
C SER D 45 7.44 -39.39 -38.65
N THR D 46 6.73 -39.27 -37.53
CA THR D 46 7.03 -40.02 -36.32
C THR D 46 5.94 -41.05 -36.09
N PHE D 47 6.35 -42.28 -35.77
CA PHE D 47 5.42 -43.33 -35.40
C PHE D 47 6.22 -44.31 -34.56
N LYS D 48 6.40 -43.99 -33.28
CA LYS D 48 7.27 -44.77 -32.40
C LYS D 48 6.43 -45.42 -31.33
N CYS D 49 6.52 -46.74 -31.23
CA CYS D 49 5.73 -47.49 -30.26
C CYS D 49 6.63 -47.96 -29.12
N TYR D 50 6.00 -48.17 -27.95
CA TYR D 50 6.68 -48.61 -26.74
C TYR D 50 5.82 -49.67 -26.09
N GLY D 51 6.42 -50.79 -25.73
CA GLY D 51 5.68 -51.86 -25.07
C GLY D 51 4.79 -52.70 -25.97
N VAL D 52 4.72 -52.40 -27.27
CA VAL D 52 3.99 -53.21 -28.24
C VAL D 52 4.66 -53.06 -29.59
N SER D 53 4.54 -54.12 -30.44
CA SER D 53 5.02 -53.97 -31.83
C SER D 53 3.88 -53.47 -32.70
N PRO D 54 4.11 -52.44 -33.53
CA PRO D 54 3.02 -51.93 -34.38
C PRO D 54 2.45 -52.94 -35.38
N THR D 55 3.31 -53.73 -36.03
CA THR D 55 2.82 -54.71 -37.01
C THR D 55 1.97 -55.77 -36.36
N LYS D 56 2.12 -55.89 -35.05
CA LYS D 56 1.42 -56.88 -34.23
C LYS D 56 0.06 -56.45 -33.75
N LEU D 57 -0.29 -55.17 -33.93
CA LEU D 57 -1.49 -54.55 -33.37
C LEU D 57 -2.79 -55.04 -34.00
N ASN D 58 -2.81 -55.29 -35.30
CA ASN D 58 -4.09 -55.56 -35.97
C ASN D 58 -4.78 -56.82 -35.48
N ASP D 59 -4.07 -57.69 -34.75
CA ASP D 59 -4.67 -58.90 -34.21
C ASP D 59 -4.85 -58.83 -32.70
N LEU D 60 -4.63 -57.67 -32.08
CA LEU D 60 -4.76 -57.57 -30.63
C LEU D 60 -6.08 -56.92 -30.24
N CYS D 61 -6.54 -57.24 -29.02
CA CYS D 61 -7.71 -56.62 -28.41
C CYS D 61 -7.31 -55.90 -27.12
N PHE D 62 -8.03 -54.84 -26.81
CA PHE D 62 -7.71 -54.05 -25.64
C PHE D 62 -8.98 -53.64 -24.92
N THR D 63 -8.86 -53.49 -23.60
CA THR D 63 -9.98 -53.00 -22.81
C THR D 63 -10.35 -51.59 -23.25
N ASN D 64 -9.34 -50.72 -23.37
CA ASN D 64 -9.55 -49.34 -23.75
C ASN D 64 -8.33 -48.80 -24.47
N VAL D 65 -8.55 -47.83 -25.34
CA VAL D 65 -7.45 -47.13 -26.01
C VAL D 65 -7.73 -45.65 -25.91
N TYR D 66 -6.73 -44.88 -25.51
CA TYR D 66 -6.85 -43.43 -25.39
C TYR D 66 -6.02 -42.78 -26.47
N ALA D 67 -6.58 -41.74 -27.07
CA ALA D 67 -5.91 -40.96 -28.10
C ALA D 67 -5.77 -39.53 -27.55
N ASP D 68 -4.55 -39.19 -27.13
CA ASP D 68 -4.23 -37.86 -26.65
C ASP D 68 -3.63 -37.06 -27.80
N SER D 69 -4.11 -35.83 -28.01
CA SER D 69 -3.61 -35.04 -29.13
C SER D 69 -3.35 -33.59 -28.73
N PHE D 70 -2.39 -32.98 -29.42
CA PHE D 70 -1.96 -31.62 -29.08
C PHE D 70 -0.93 -31.19 -30.12
N VAL D 71 -0.54 -29.92 -30.03
CA VAL D 71 0.43 -29.34 -30.94
C VAL D 71 1.65 -28.90 -30.15
N ILE D 72 2.84 -29.19 -30.69
CA ILE D 72 4.10 -28.71 -30.12
C ILE D 72 5.02 -28.30 -31.27
N ARG D 73 6.25 -27.93 -30.92
CA ARG D 73 7.26 -27.58 -31.91
C ARG D 73 8.01 -28.83 -32.35
N GLY D 74 8.57 -28.77 -33.56
CA GLY D 74 9.22 -29.93 -34.12
C GLY D 74 10.32 -30.48 -33.23
N ASP D 75 11.16 -29.58 -32.70
CA ASP D 75 12.25 -30.08 -31.87
C ASP D 75 11.78 -30.52 -30.49
N GLU D 76 10.49 -30.42 -30.17
CA GLU D 76 9.96 -30.94 -28.91
C GLU D 76 9.31 -32.31 -29.06
N VAL D 77 9.10 -32.80 -30.28
CA VAL D 77 8.55 -34.14 -30.47
C VAL D 77 9.39 -35.17 -29.72
N ARG D 78 10.72 -34.99 -29.75
CA ARG D 78 11.62 -35.84 -28.99
C ARG D 78 11.18 -36.01 -27.53
N GLN D 79 10.47 -35.03 -26.96
CA GLN D 79 10.06 -35.10 -25.56
C GLN D 79 8.86 -35.99 -25.32
N ILE D 80 8.07 -36.32 -26.34
CA ILE D 80 6.89 -37.17 -26.16
C ILE D 80 7.35 -38.63 -26.27
N ALA D 81 8.05 -39.08 -25.24
CA ALA D 81 8.62 -40.41 -25.15
C ALA D 81 8.87 -40.71 -23.68
N PRO D 82 8.93 -41.98 -23.30
CA PRO D 82 9.20 -42.30 -21.90
C PRO D 82 10.51 -41.69 -21.43
N GLY D 83 10.51 -41.21 -20.19
CA GLY D 83 11.75 -40.78 -19.56
C GLY D 83 12.41 -39.59 -20.18
N GLN D 84 11.65 -38.71 -20.82
CA GLN D 84 12.20 -37.49 -21.38
C GLN D 84 12.01 -36.35 -20.37
N THR D 85 12.86 -35.33 -20.48
CA THR D 85 12.73 -34.10 -19.70
C THR D 85 12.81 -32.90 -20.63
N GLY D 86 12.40 -31.76 -20.10
CA GLY D 86 12.21 -30.54 -20.86
C GLY D 86 10.89 -29.89 -20.52
N LYS D 87 10.70 -28.68 -21.03
CA LYS D 87 9.52 -27.90 -20.67
C LYS D 87 8.22 -28.63 -21.01
N ILE D 88 8.21 -29.41 -22.11
CA ILE D 88 6.99 -30.14 -22.47
C ILE D 88 6.80 -31.36 -21.58
N ALA D 89 7.84 -32.19 -21.48
CA ALA D 89 7.73 -33.36 -20.62
C ALA D 89 7.54 -32.97 -19.14
N ASP D 90 8.17 -31.87 -18.69
CA ASP D 90 8.10 -31.52 -17.27
C ASP D 90 6.77 -30.86 -16.91
N TYR D 91 6.29 -29.90 -17.71
CA TYR D 91 5.18 -29.07 -17.30
C TYR D 91 3.93 -29.21 -18.16
N ASN D 92 3.93 -30.01 -19.24
CA ASN D 92 2.80 -29.99 -20.16
C ASN D 92 2.15 -31.35 -20.41
N TYR D 93 2.95 -32.38 -20.70
CA TYR D 93 2.44 -33.71 -21.00
C TYR D 93 3.52 -34.73 -20.67
N LYS D 94 3.25 -35.66 -19.77
CA LYS D 94 4.24 -36.59 -19.26
C LYS D 94 3.84 -38.02 -19.61
N LEU D 95 4.76 -38.76 -20.20
CA LEU D 95 4.42 -40.17 -20.39
C LEU D 95 5.06 -41.01 -19.30
N PRO D 96 4.37 -42.03 -18.80
CA PRO D 96 4.96 -42.85 -17.74
C PRO D 96 6.20 -43.55 -18.25
N ASP D 97 7.05 -43.95 -17.30
CA ASP D 97 8.28 -44.65 -17.68
C ASP D 97 8.01 -46.01 -18.29
N ASP D 98 6.92 -46.68 -17.89
CA ASP D 98 6.53 -47.99 -18.42
C ASP D 98 5.47 -47.88 -19.52
N PHE D 99 5.56 -46.83 -20.33
CA PHE D 99 4.52 -46.55 -21.30
C PHE D 99 4.31 -47.71 -22.26
N THR D 100 3.05 -48.02 -22.53
CA THR D 100 2.65 -49.03 -23.53
C THR D 100 1.73 -48.35 -24.54
N GLY D 101 2.30 -47.91 -25.67
CA GLY D 101 1.52 -47.25 -26.70
C GLY D 101 2.42 -46.71 -27.79
N CYS D 102 1.82 -45.92 -28.69
CA CYS D 102 2.55 -45.36 -29.82
C CYS D 102 2.41 -43.84 -29.85
N VAL D 103 3.50 -43.17 -30.20
CA VAL D 103 3.56 -41.72 -30.34
C VAL D 103 3.61 -41.40 -31.84
N ILE D 104 2.59 -40.71 -32.33
CA ILE D 104 2.49 -40.38 -33.75
C ILE D 104 2.52 -38.87 -33.92
N ALA D 105 3.27 -38.40 -34.91
CA ALA D 105 3.44 -36.96 -35.12
C ALA D 105 3.69 -36.68 -36.59
N TRP D 106 3.21 -35.52 -37.03
CA TRP D 106 3.44 -35.04 -38.39
C TRP D 106 3.50 -33.52 -38.40
N ASN D 107 4.25 -33.00 -39.38
CA ASN D 107 4.46 -31.58 -39.55
C ASN D 107 3.14 -30.93 -39.97
N SER D 108 2.75 -29.88 -39.24
CA SER D 108 1.50 -29.18 -39.54
C SER D 108 1.77 -27.71 -39.88
N ASN D 109 2.98 -27.41 -40.36
CA ASN D 109 3.37 -26.03 -40.67
C ASN D 109 2.39 -25.36 -41.64
N ASN D 110 1.82 -26.14 -42.57
CA ASN D 110 0.92 -25.57 -43.57
C ASN D 110 -0.44 -25.22 -42.99
N LEU D 111 -0.79 -25.73 -41.82
CA LEU D 111 -2.08 -25.45 -41.20
C LEU D 111 -1.97 -24.53 -40.01
N ASP D 112 -0.97 -24.75 -39.17
CA ASP D 112 -0.91 -24.09 -37.87
C ASP D 112 0.07 -22.94 -37.84
N SER D 113 0.70 -22.61 -38.97
CA SER D 113 1.48 -21.38 -39.11
C SER D 113 0.63 -20.32 -39.81
N LYS D 114 0.87 -19.04 -39.46
CA LYS D 114 0.23 -17.92 -40.13
C LYS D 114 1.31 -16.95 -40.60
N VAL D 115 1.10 -16.36 -41.78
CA VAL D 115 2.07 -15.43 -42.36
C VAL D 115 2.45 -14.34 -41.36
N GLY D 116 1.48 -13.88 -40.57
CA GLY D 116 1.73 -12.87 -39.56
C GLY D 116 2.11 -13.42 -38.21
N GLY D 117 2.15 -14.74 -38.08
CA GLY D 117 2.45 -15.42 -36.82
C GLY D 117 1.19 -15.99 -36.21
N ASN D 118 1.19 -17.28 -35.89
CA ASN D 118 0.08 -17.87 -35.16
C ASN D 118 0.45 -17.98 -33.69
N TYR D 119 -0.32 -17.29 -32.84
CA TYR D 119 -0.11 -17.31 -31.40
C TYR D 119 -1.26 -17.97 -30.65
N ASN D 120 -2.01 -18.86 -31.30
CA ASN D 120 -3.13 -19.54 -30.65
C ASN D 120 -2.72 -20.80 -29.89
N TYR D 121 -1.56 -21.38 -30.17
CA TYR D 121 -1.12 -22.58 -29.47
C TYR D 121 -0.23 -22.17 -28.29
N LEU D 122 -0.59 -22.63 -27.09
CA LEU D 122 0.10 -22.27 -25.85
C LEU D 122 0.74 -23.50 -25.21
N TYR D 123 1.68 -23.22 -24.30
CA TYR D 123 2.34 -24.20 -23.48
C TYR D 123 2.59 -23.58 -22.10
N ARG D 124 2.76 -24.45 -21.09
CA ARG D 124 3.03 -24.00 -19.72
C ARG D 124 4.53 -23.80 -19.55
N LEU D 125 4.92 -22.64 -19.00
CA LEU D 125 6.33 -22.32 -18.81
C LEU D 125 6.84 -22.66 -17.43
N PHE D 126 6.00 -22.56 -16.41
CA PHE D 126 6.41 -22.76 -15.03
C PHE D 126 5.48 -23.70 -14.31
N ARG D 127 6.04 -24.43 -13.36
CA ARG D 127 5.26 -25.27 -12.47
C ARG D 127 6.15 -25.57 -11.28
N LYS D 128 5.61 -25.40 -10.08
CA LYS D 128 6.42 -25.64 -8.89
C LYS D 128 6.80 -27.11 -8.71
N SER D 129 6.31 -27.99 -9.58
CA SER D 129 6.62 -29.41 -9.52
C SER D 129 6.29 -30.02 -10.87
N ASN D 130 7.14 -30.95 -11.32
CA ASN D 130 6.89 -31.62 -12.58
C ASN D 130 5.55 -32.36 -12.55
N LEU D 131 5.02 -32.60 -13.73
CA LEU D 131 3.79 -33.36 -13.88
C LEU D 131 4.06 -34.85 -13.63
N LYS D 132 3.08 -35.53 -13.04
CA LYS D 132 3.11 -36.98 -13.06
C LYS D 132 2.48 -37.47 -14.37
N PRO D 133 2.79 -38.70 -14.78
CA PRO D 133 2.32 -39.21 -16.07
C PRO D 133 0.81 -39.06 -16.26
N PHE D 134 0.42 -38.58 -17.44
CA PHE D 134 -0.96 -38.37 -17.86
C PHE D 134 -1.68 -37.33 -17.00
N GLU D 135 -0.96 -36.54 -16.21
CA GLU D 135 -1.59 -35.43 -15.52
C GLU D 135 -1.76 -34.25 -16.49
N ARG D 136 -2.88 -33.55 -16.35
CA ARG D 136 -3.12 -32.33 -17.10
C ARG D 136 -3.45 -31.18 -16.15
N ASP D 137 -2.83 -30.03 -16.40
CA ASP D 137 -2.90 -28.85 -15.55
C ASP D 137 -3.34 -27.69 -16.42
N ILE D 138 -4.55 -27.22 -16.21
CA ILE D 138 -5.04 -26.07 -16.96
C ILE D 138 -5.13 -24.82 -16.07
N SER D 139 -4.42 -24.81 -14.94
CA SER D 139 -4.52 -23.64 -14.08
C SER D 139 -3.72 -22.45 -14.61
N THR D 140 -4.14 -21.26 -14.21
CA THR D 140 -3.51 -20.02 -14.66
C THR D 140 -3.18 -19.12 -13.47
N GLU D 141 -2.88 -19.71 -12.33
CA GLU D 141 -2.37 -18.91 -11.22
C GLU D 141 -1.02 -18.31 -11.60
N ILE D 142 -0.77 -17.08 -11.14
CA ILE D 142 0.51 -16.42 -11.33
C ILE D 142 1.59 -17.27 -10.69
N TYR D 143 2.72 -17.40 -11.36
CA TYR D 143 3.82 -18.20 -10.83
C TYR D 143 4.76 -17.36 -9.98
N GLN D 144 4.97 -17.77 -8.73
CA GLN D 144 5.80 -16.99 -7.81
C GLN D 144 7.24 -17.47 -7.94
N ALA D 145 8.07 -16.70 -8.64
CA ALA D 145 9.47 -17.08 -8.81
C ALA D 145 10.37 -16.56 -7.71
N GLY D 146 9.87 -15.70 -6.83
CA GLY D 146 10.69 -15.12 -5.79
C GLY D 146 10.19 -15.43 -4.40
N SER D 147 10.74 -14.76 -3.39
CA SER D 147 10.31 -14.94 -1.99
C SER D 147 8.95 -14.32 -1.72
N THR D 148 8.63 -13.25 -2.38
CA THR D 148 7.42 -12.49 -2.08
C THR D 148 6.20 -13.14 -2.73
N PRO D 149 5.07 -13.18 -2.04
CA PRO D 149 3.84 -13.68 -2.68
C PRO D 149 3.34 -12.71 -3.75
N CYS D 150 2.67 -13.27 -4.76
CA CYS D 150 2.22 -12.46 -5.89
C CYS D 150 0.82 -11.92 -5.71
N ASN D 151 -0.04 -12.63 -4.97
CA ASN D 151 -1.39 -12.18 -4.62
C ASN D 151 -2.21 -11.78 -5.85
N GLY D 152 -2.06 -12.55 -6.92
CA GLY D 152 -2.83 -12.34 -8.13
C GLY D 152 -2.43 -11.14 -8.96
N VAL D 153 -1.23 -10.58 -8.75
CA VAL D 153 -0.75 -9.44 -9.54
C VAL D 153 0.56 -9.82 -10.23
N GLU D 154 0.64 -9.53 -11.52
CA GLU D 154 1.86 -9.79 -12.27
C GLU D 154 2.87 -8.66 -12.08
N GLY D 155 4.15 -9.02 -12.00
CA GLY D 155 5.23 -8.06 -11.84
C GLY D 155 6.55 -8.79 -11.75
N PHE D 156 7.60 -8.08 -11.31
CA PHE D 156 8.90 -8.70 -11.10
C PHE D 156 8.75 -9.96 -10.25
N ASN D 157 9.34 -11.06 -10.73
CA ASN D 157 9.32 -12.37 -10.09
C ASN D 157 7.91 -12.95 -9.98
N CYS D 158 6.95 -12.44 -10.74
CA CYS D 158 5.56 -12.91 -10.69
C CYS D 158 5.04 -12.98 -12.13
N TYR D 159 5.05 -14.19 -12.70
CA TYR D 159 4.85 -14.39 -14.14
C TYR D 159 3.63 -15.24 -14.47
N PHE D 160 2.93 -14.85 -15.52
CA PHE D 160 1.86 -15.69 -16.05
C PHE D 160 2.46 -17.01 -16.52
N PRO D 161 1.81 -18.15 -16.21
CA PRO D 161 2.48 -19.44 -16.42
C PRO D 161 2.40 -20.01 -17.82
N LEU D 162 1.56 -19.48 -18.69
CA LEU D 162 1.46 -19.95 -20.07
C LEU D 162 2.10 -18.93 -21.01
N GLN D 163 2.64 -19.43 -22.12
CA GLN D 163 3.20 -18.60 -23.18
C GLN D 163 2.76 -19.16 -24.52
N SER D 164 2.77 -18.30 -25.52
CA SER D 164 2.28 -18.65 -26.84
C SER D 164 3.44 -19.08 -27.72
N TYR D 165 3.22 -20.13 -28.53
CA TYR D 165 4.19 -20.49 -29.56
C TYR D 165 4.19 -19.43 -30.64
N GLY D 166 5.36 -19.15 -31.20
CA GLY D 166 5.36 -18.28 -32.36
C GLY D 166 5.46 -19.08 -33.65
N PHE D 167 4.32 -19.44 -34.26
CA PHE D 167 4.32 -20.32 -35.44
C PHE D 167 4.20 -19.50 -36.72
N GLN D 168 5.34 -19.29 -37.38
CA GLN D 168 5.33 -18.65 -38.69
C GLN D 168 5.87 -19.62 -39.75
N PRO D 169 5.23 -19.67 -40.92
CA PRO D 169 5.68 -20.65 -41.95
C PRO D 169 7.14 -20.49 -42.32
N THR D 170 7.71 -19.31 -42.11
CA THR D 170 9.11 -19.00 -42.39
C THR D 170 10.07 -19.73 -41.46
N ASN D 171 9.62 -20.13 -40.26
CA ASN D 171 10.50 -20.70 -39.25
C ASN D 171 11.20 -21.96 -39.77
N GLY D 172 12.33 -22.29 -39.16
CA GLY D 172 12.95 -23.59 -39.40
C GLY D 172 12.07 -24.74 -38.97
N VAL D 173 12.41 -25.95 -39.43
CA VAL D 173 11.59 -27.12 -39.12
C VAL D 173 11.48 -27.33 -37.62
N GLY D 174 12.58 -27.18 -36.89
CA GLY D 174 12.57 -27.35 -35.44
C GLY D 174 11.59 -26.43 -34.73
N TYR D 175 11.21 -25.32 -35.35
CA TYR D 175 10.25 -24.37 -34.77
C TYR D 175 8.95 -24.34 -35.57
N GLN D 176 8.69 -25.37 -36.36
CA GLN D 176 7.41 -25.48 -37.04
C GLN D 176 6.44 -26.27 -36.18
N PRO D 177 5.14 -26.07 -36.36
CA PRO D 177 4.17 -26.83 -35.57
C PRO D 177 4.08 -28.27 -36.03
N TYR D 178 3.96 -29.18 -35.05
CA TYR D 178 3.72 -30.60 -35.32
C TYR D 178 2.50 -31.04 -34.54
N ARG D 179 1.57 -31.71 -35.22
CA ARG D 179 0.45 -32.34 -34.57
C ARG D 179 0.85 -33.72 -34.03
N VAL D 180 0.38 -34.05 -32.83
CA VAL D 180 0.80 -35.25 -32.12
C VAL D 180 -0.42 -36.02 -31.63
N VAL D 181 -0.40 -37.34 -31.82
CA VAL D 181 -1.41 -38.23 -31.29
C VAL D 181 -0.69 -39.32 -30.51
N VAL D 182 -1.08 -39.49 -29.25
CA VAL D 182 -0.52 -40.54 -28.39
C VAL D 182 -1.62 -41.58 -28.18
N LEU D 183 -1.38 -42.80 -28.65
CA LEU D 183 -2.32 -43.91 -28.41
C LEU D 183 -1.81 -44.74 -27.25
N SER D 184 -2.64 -44.91 -26.23
CA SER D 184 -2.33 -45.75 -25.08
C SER D 184 -3.21 -47.00 -25.13
N PHE D 185 -2.61 -48.17 -24.92
CA PHE D 185 -3.32 -49.43 -25.07
C PHE D 185 -3.46 -50.07 -23.70
N GLU D 186 -4.69 -50.21 -23.23
CA GLU D 186 -4.94 -50.68 -21.89
C GLU D 186 -5.58 -52.07 -21.94
N LEU D 187 -4.96 -53.01 -21.24
CA LEU D 187 -5.45 -54.37 -21.12
C LEU D 187 -5.77 -54.57 -19.64
N LEU D 188 -7.03 -54.32 -19.28
CA LEU D 188 -7.48 -54.39 -17.90
C LEU D 188 -8.30 -55.66 -17.66
N HIS D 189 -8.51 -55.97 -16.39
CA HIS D 189 -9.33 -57.13 -16.01
C HIS D 189 -10.78 -56.78 -16.29
N ALA D 190 -11.15 -56.84 -17.58
CA ALA D 190 -12.48 -56.48 -18.10
C ALA D 190 -12.60 -56.94 -19.54
N PRO D 191 -13.79 -56.97 -20.12
CA PRO D 191 -13.92 -57.42 -21.52
C PRO D 191 -13.20 -56.47 -22.49
N ALA D 192 -12.37 -57.06 -23.35
CA ALA D 192 -11.70 -56.27 -24.38
C ALA D 192 -12.71 -55.82 -25.43
N THR D 193 -12.75 -54.50 -25.69
CA THR D 193 -13.79 -53.90 -26.50
C THR D 193 -13.29 -53.27 -27.81
N VAL D 194 -12.01 -52.95 -27.93
CA VAL D 194 -11.42 -52.41 -29.15
C VAL D 194 -10.46 -53.47 -29.70
N CYS D 195 -10.69 -53.85 -30.95
CA CYS D 195 -9.87 -54.87 -31.59
C CYS D 195 -9.61 -54.45 -33.03
N GLY D 196 -8.59 -55.06 -33.62
CA GLY D 196 -8.32 -54.96 -35.04
C GLY D 196 -9.18 -55.95 -35.80
N PRO D 197 -9.31 -55.76 -37.12
CA PRO D 197 -10.14 -56.67 -37.93
C PRO D 197 -9.66 -58.13 -37.90
N GLY D 198 -8.35 -58.34 -37.85
CA GLY D 198 -7.79 -59.67 -37.86
C GLY D 198 -7.71 -60.27 -36.46
N SER D 199 -8.61 -59.79 -35.59
CA SER D 199 -8.81 -60.28 -34.24
C SER D 199 -8.78 -61.80 -34.07
N GLU E 1 -5.09 -4.44 -27.62
CA GLU E 1 -3.66 -4.19 -27.46
C GLU E 1 -3.48 -3.35 -26.19
N VAL E 2 -2.43 -3.66 -25.41
CA VAL E 2 -2.12 -2.92 -24.19
C VAL E 2 -1.60 -1.53 -24.55
N GLN E 3 -2.13 -0.51 -23.86
CA GLN E 3 -1.68 0.86 -24.06
C GLN E 3 -1.58 1.60 -22.72
N LEU E 4 -0.54 2.41 -22.61
CA LEU E 4 -0.31 3.31 -21.47
C LEU E 4 -0.10 4.70 -22.05
N VAL E 5 -1.07 5.59 -21.82
CA VAL E 5 -1.04 6.94 -22.36
C VAL E 5 -0.87 7.92 -21.20
N GLN E 6 0.17 8.76 -21.30
CA GLN E 6 0.53 9.71 -20.26
C GLN E 6 0.12 11.11 -20.65
N SER E 7 0.02 11.97 -19.63
CA SER E 7 -0.29 13.38 -19.83
C SER E 7 0.91 14.09 -20.50
N GLY E 8 0.68 15.35 -20.90
CA GLY E 8 1.63 16.07 -21.73
C GLY E 8 2.76 16.76 -20.97
N ALA E 9 3.68 17.32 -21.75
CA ALA E 9 4.88 17.93 -21.19
C ALA E 9 4.53 19.06 -20.23
N GLU E 10 5.33 19.18 -19.18
CA GLU E 10 5.14 20.20 -18.15
C GLU E 10 6.40 21.06 -18.03
N VAL E 11 6.20 22.33 -17.71
CA VAL E 11 7.27 23.25 -17.36
C VAL E 11 6.93 23.79 -15.97
N LYS E 12 7.82 23.57 -15.00
CA LYS E 12 7.56 23.89 -13.61
C LYS E 12 8.73 24.67 -13.02
N LYS E 13 8.42 25.56 -12.03
CA LYS E 13 9.46 26.30 -11.32
C LYS E 13 10.02 25.45 -10.19
N PRO E 14 11.28 25.65 -9.81
CA PRO E 14 11.82 24.97 -8.64
C PRO E 14 10.95 25.23 -7.43
N GLY E 15 10.83 24.24 -6.55
CA GLY E 15 9.97 24.33 -5.41
C GLY E 15 8.53 23.92 -5.68
N ALA E 16 8.05 24.01 -6.92
CA ALA E 16 6.67 23.67 -7.17
C ALA E 16 6.53 22.14 -7.19
N SER E 17 5.36 21.65 -7.60
CA SER E 17 5.12 20.22 -7.67
C SER E 17 4.53 19.89 -9.04
N VAL E 18 4.69 18.65 -9.48
CA VAL E 18 4.16 18.20 -10.76
C VAL E 18 3.40 16.91 -10.55
N LYS E 19 2.23 16.80 -11.20
CA LYS E 19 1.42 15.59 -11.18
C LYS E 19 1.22 15.05 -12.59
N VAL E 20 1.69 13.83 -12.83
CA VAL E 20 1.61 13.20 -14.15
C VAL E 20 0.64 12.02 -14.06
N SER E 21 -0.19 11.85 -15.10
CA SER E 21 -1.15 10.75 -15.16
C SER E 21 -0.76 9.76 -16.25
N CYS E 22 -1.26 8.53 -16.11
CA CYS E 22 -0.92 7.41 -16.98
C CYS E 22 -2.19 6.59 -17.13
N LYS E 23 -2.83 6.66 -18.29
CA LYS E 23 -4.08 5.95 -18.49
C LYS E 23 -3.83 4.61 -19.18
N ALA E 24 -4.27 3.52 -18.55
CA ALA E 24 -4.06 2.15 -19.03
C ALA E 24 -5.28 1.68 -19.79
N SER E 25 -5.05 0.90 -20.85
CA SER E 25 -6.16 0.35 -21.63
C SER E 25 -5.75 -1.02 -22.17
N GLY E 26 -6.77 -1.81 -22.52
CA GLY E 26 -6.54 -3.08 -23.17
C GLY E 26 -6.15 -4.22 -22.26
N TYR E 27 -6.38 -4.10 -20.95
CA TYR E 27 -6.11 -5.19 -20.02
C TYR E 27 -6.85 -4.90 -18.72
N THR E 28 -6.83 -5.88 -17.82
CA THR E 28 -7.43 -5.76 -16.49
C THR E 28 -6.50 -4.92 -15.62
N PHE E 29 -6.93 -3.68 -15.33
CA PHE E 29 -6.04 -2.71 -14.71
C PHE E 29 -5.44 -3.24 -13.41
N THR E 30 -6.26 -3.88 -12.57
CA THR E 30 -5.82 -4.34 -11.25
C THR E 30 -4.97 -5.60 -11.26
N GLY E 31 -4.69 -6.20 -12.41
CA GLY E 31 -3.94 -7.44 -12.41
C GLY E 31 -2.42 -7.30 -12.54
N TYR E 32 -1.90 -6.08 -12.66
CA TYR E 32 -0.49 -5.86 -12.97
C TYR E 32 0.01 -4.64 -12.21
N TYR E 33 1.19 -4.76 -11.60
CA TYR E 33 1.82 -3.63 -10.94
C TYR E 33 2.02 -2.48 -11.92
N MET E 34 2.10 -1.28 -11.37
CA MET E 34 2.49 -0.10 -12.13
C MET E 34 3.72 0.51 -11.49
N HIS E 35 4.66 0.92 -12.33
CA HIS E 35 5.88 1.58 -11.88
C HIS E 35 5.98 2.97 -12.48
N TRP E 36 6.84 3.80 -11.86
CA TRP E 36 7.26 5.06 -12.42
C TRP E 36 8.79 5.07 -12.52
N VAL E 37 9.29 5.36 -13.72
CA VAL E 37 10.71 5.38 -14.06
C VAL E 37 11.00 6.71 -14.73
N ARG E 38 12.08 7.37 -14.37
CA ARG E 38 12.41 8.63 -15.02
C ARG E 38 13.76 8.53 -15.73
N GLN E 39 14.00 9.47 -16.65
CA GLN E 39 15.23 9.45 -17.45
C GLN E 39 15.65 10.88 -17.74
N ALA E 40 16.72 11.34 -17.09
CA ALA E 40 17.23 12.67 -17.39
C ALA E 40 17.73 12.72 -18.84
N PRO E 41 17.69 13.89 -19.49
CA PRO E 41 18.10 13.98 -20.89
C PRO E 41 19.46 13.38 -21.16
N GLY E 42 19.52 12.38 -22.03
CA GLY E 42 20.77 11.72 -22.37
C GLY E 42 21.38 10.82 -21.31
N GLN E 43 20.62 10.42 -20.31
CA GLN E 43 21.16 9.57 -19.25
C GLN E 43 20.34 8.28 -19.16
N GLY E 44 20.53 7.55 -18.06
CA GLY E 44 19.98 6.23 -17.90
C GLY E 44 18.58 6.25 -17.26
N LEU E 45 18.03 5.05 -17.09
CA LEU E 45 16.73 4.87 -16.46
C LEU E 45 16.88 4.78 -14.95
N GLU E 46 15.92 5.37 -14.23
CA GLU E 46 15.97 5.37 -12.77
C GLU E 46 14.59 5.09 -12.21
N TRP E 47 14.48 4.09 -11.34
CA TRP E 47 13.18 3.68 -10.79
C TRP E 47 12.77 4.58 -9.63
N MET E 48 11.54 5.10 -9.67
CA MET E 48 11.07 5.99 -8.60
C MET E 48 10.20 5.29 -7.57
N GLY E 49 9.40 4.31 -7.99
CA GLY E 49 8.50 3.61 -7.08
C GLY E 49 7.46 2.82 -7.84
N ARG E 50 6.64 2.11 -7.07
CA ARG E 50 5.62 1.22 -7.64
C ARG E 50 4.33 1.32 -6.84
N ILE E 51 3.23 1.02 -7.50
CA ILE E 51 1.94 1.04 -6.86
C ILE E 51 1.16 -0.20 -7.27
N ASN E 52 0.56 -0.86 -6.30
CA ASN E 52 -0.36 -1.97 -6.52
C ASN E 52 -1.68 -1.35 -6.96
N PRO E 53 -2.09 -1.51 -8.22
CA PRO E 53 -3.32 -0.83 -8.67
C PRO E 53 -4.58 -1.38 -8.03
N ASN E 54 -4.53 -2.55 -7.39
CA ASN E 54 -5.72 -3.05 -6.71
C ASN E 54 -5.85 -2.37 -5.34
N SER E 55 -4.89 -2.61 -4.46
CA SER E 55 -4.89 -2.05 -3.11
C SER E 55 -4.48 -0.57 -3.10
N GLY E 56 -3.67 -0.14 -4.05
CA GLY E 56 -3.13 1.20 -3.97
C GLY E 56 -1.95 1.32 -3.05
N GLY E 57 -1.43 0.21 -2.52
CA GLY E 57 -0.24 0.26 -1.71
C GLY E 57 0.97 0.62 -2.55
N THR E 58 1.86 1.43 -1.97
CA THR E 58 3.01 1.99 -2.64
C THR E 58 4.31 1.57 -1.96
N ASN E 59 5.37 1.57 -2.76
CA ASN E 59 6.75 1.38 -2.28
C ASN E 59 7.60 2.33 -3.12
N TYR E 60 8.35 3.21 -2.47
CA TYR E 60 9.07 4.28 -3.12
C TYR E 60 10.58 4.05 -3.01
N ALA E 61 11.34 4.46 -4.04
CA ALA E 61 12.78 4.47 -3.90
C ALA E 61 13.17 5.40 -2.77
N GLN E 62 14.21 5.01 -2.03
CA GLN E 62 14.64 5.79 -0.87
C GLN E 62 14.80 7.26 -1.25
N LYS E 63 15.50 7.54 -2.35
CA LYS E 63 15.81 8.94 -2.65
C LYS E 63 14.58 9.80 -2.95
N PHE E 64 13.39 9.20 -3.12
CA PHE E 64 12.17 9.98 -3.31
C PHE E 64 11.18 9.84 -2.15
N GLN E 65 11.50 9.05 -1.14
CA GLN E 65 10.63 8.93 0.03
C GLN E 65 10.49 10.30 0.70
N GLY E 66 9.24 10.72 0.93
CA GLY E 66 8.95 12.04 1.48
C GLY E 66 8.71 13.12 0.45
N ARG E 67 8.98 12.86 -0.84
CA ARG E 67 8.79 13.80 -1.94
C ARG E 67 7.82 13.35 -3.01
N VAL E 68 7.53 12.06 -3.11
CA VAL E 68 6.71 11.54 -4.20
C VAL E 68 5.46 10.87 -3.63
N THR E 69 4.35 11.02 -4.34
CA THR E 69 3.09 10.37 -4.03
C THR E 69 2.54 9.69 -5.28
N MET E 70 2.30 8.40 -5.21
CA MET E 70 1.70 7.64 -6.30
C MET E 70 0.29 7.23 -5.92
N THR E 71 -0.67 7.50 -6.80
CA THR E 71 -2.06 7.13 -6.56
C THR E 71 -2.63 6.48 -7.81
N ARG E 72 -3.86 5.98 -7.68
CA ARG E 72 -4.51 5.17 -8.69
C ARG E 72 -6.01 5.45 -8.67
N ASP E 73 -6.63 5.54 -9.85
CA ASP E 73 -8.09 5.61 -9.97
C ASP E 73 -8.55 4.44 -10.82
N THR E 74 -9.03 3.39 -10.16
CA THR E 74 -9.45 2.21 -10.92
C THR E 74 -10.64 2.50 -11.82
N SER E 75 -11.53 3.42 -11.43
CA SER E 75 -12.71 3.66 -12.26
C SER E 75 -12.36 4.14 -13.67
N ILE E 76 -11.17 4.74 -13.85
CA ILE E 76 -10.73 5.21 -15.17
C ILE E 76 -9.35 4.67 -15.50
N SER E 77 -8.95 3.58 -14.81
CA SER E 77 -7.72 2.84 -15.15
C SER E 77 -6.52 3.77 -15.27
N THR E 78 -6.37 4.70 -14.32
CA THR E 78 -5.33 5.71 -14.39
C THR E 78 -4.47 5.68 -13.12
N ALA E 79 -3.15 5.72 -13.31
CA ALA E 79 -2.18 5.86 -12.24
C ALA E 79 -1.59 7.27 -12.28
N TYR E 80 -1.24 7.79 -11.11
CA TYR E 80 -0.73 9.15 -10.99
C TYR E 80 0.57 9.14 -10.22
N MET E 81 1.46 10.08 -10.58
CA MET E 81 2.69 10.29 -9.85
C MET E 81 2.85 11.80 -9.63
N GLU E 82 2.94 12.19 -8.37
CA GLU E 82 3.09 13.59 -7.96
C GLU E 82 4.43 13.74 -7.27
N LEU E 83 5.28 14.59 -7.82
CA LEU E 83 6.61 14.85 -7.27
C LEU E 83 6.65 16.29 -6.80
N SER E 84 6.98 16.48 -5.53
CA SER E 84 6.91 17.79 -4.89
C SER E 84 8.28 18.43 -4.74
N ARG E 85 8.30 19.71 -4.38
CA ARG E 85 9.53 20.45 -4.11
C ARG E 85 10.54 20.22 -5.22
N LEU E 86 10.12 20.55 -6.44
CA LEU E 86 10.87 20.20 -7.64
C LEU E 86 12.21 20.91 -7.68
N ARG E 87 13.24 20.17 -8.10
CA ARG E 87 14.60 20.69 -8.21
C ARG E 87 15.02 20.68 -9.68
N SER E 88 16.02 21.50 -10.00
CA SER E 88 16.52 21.56 -11.37
C SER E 88 16.88 20.18 -11.87
N ASP E 89 17.51 19.38 -11.03
CA ASP E 89 17.93 18.07 -11.50
C ASP E 89 16.79 17.03 -11.52
N ASP E 90 15.55 17.47 -11.34
CA ASP E 90 14.37 16.64 -11.58
C ASP E 90 13.91 16.74 -13.02
N THR E 91 14.53 17.61 -13.81
CA THR E 91 14.25 17.65 -15.24
C THR E 91 14.50 16.28 -15.86
N ALA E 92 13.48 15.73 -16.49
CA ALA E 92 13.58 14.36 -17.01
C ALA E 92 12.31 14.03 -17.77
N VAL E 93 12.39 12.94 -18.54
CA VAL E 93 11.21 12.26 -19.06
C VAL E 93 10.78 11.25 -18.02
N TYR E 94 9.51 11.32 -17.63
CA TYR E 94 8.95 10.42 -16.63
C TYR E 94 8.10 9.36 -17.33
N TYR E 95 8.35 8.09 -17.03
CA TYR E 95 7.62 6.99 -17.62
C TYR E 95 6.80 6.28 -16.55
N CYS E 96 5.57 5.92 -16.92
CA CYS E 96 4.89 4.80 -16.27
C CYS E 96 5.20 3.53 -17.04
N ALA E 97 5.30 2.42 -16.31
CA ALA E 97 5.58 1.13 -16.92
C ALA E 97 4.87 0.05 -16.11
N ARG E 98 4.29 -0.91 -16.82
CA ARG E 98 3.47 -1.98 -16.23
C ARG E 98 4.30 -3.21 -15.89
N SER E 99 3.93 -3.88 -14.80
CA SER E 99 4.48 -5.21 -14.44
C SER E 99 6.00 -5.14 -14.41
N TYR E 100 6.71 -6.13 -15.00
CA TYR E 100 8.17 -6.07 -15.08
C TYR E 100 8.60 -5.18 -16.25
N TYR E 101 8.02 -3.98 -16.31
CA TYR E 101 8.17 -3.03 -17.42
C TYR E 101 7.89 -3.70 -18.77
N ASP E 102 6.85 -4.56 -18.81
CA ASP E 102 6.58 -5.24 -20.08
C ASP E 102 5.86 -4.34 -21.07
N TYR E 103 5.26 -3.23 -20.60
CA TYR E 103 4.74 -2.18 -21.47
C TYR E 103 5.06 -0.82 -20.84
N TRP E 104 5.45 0.15 -21.67
CA TRP E 104 5.80 1.49 -21.20
C TRP E 104 4.87 2.55 -21.79
N GLY E 105 4.56 3.58 -21.00
CA GLY E 105 3.93 4.76 -21.58
C GLY E 105 4.90 5.49 -22.51
N GLN E 106 4.36 6.45 -23.27
CA GLN E 106 5.20 7.20 -24.19
C GLN E 106 6.09 8.24 -23.51
N GLY E 107 5.88 8.52 -22.22
CA GLY E 107 6.74 9.42 -21.46
C GLY E 107 6.21 10.84 -21.41
N THR E 108 6.51 11.54 -20.31
CA THR E 108 6.11 12.93 -20.12
C THR E 108 7.36 13.75 -19.77
N LEU E 109 7.66 14.74 -20.59
CA LEU E 109 8.80 15.59 -20.28
C LEU E 109 8.41 16.59 -19.20
N VAL E 110 9.20 16.65 -18.13
CA VAL E 110 9.05 17.68 -17.09
C VAL E 110 10.33 18.49 -17.07
N THR E 111 10.20 19.77 -17.40
CA THR E 111 11.30 20.73 -17.38
C THR E 111 11.14 21.65 -16.16
N VAL E 112 12.13 21.63 -15.27
CA VAL E 112 12.13 22.39 -14.01
C VAL E 112 13.07 23.58 -14.21
N SER E 113 12.48 24.77 -14.40
CA SER E 113 13.25 25.99 -14.59
C SER E 113 12.55 27.19 -13.97
N SER E 114 13.37 28.21 -13.65
CA SER E 114 13.10 29.45 -12.96
C SER E 114 12.49 30.48 -13.93
N ALA E 115 12.46 30.16 -15.22
CA ALA E 115 12.83 31.21 -16.12
C ALA E 115 11.66 31.63 -16.98
N SER E 116 11.79 32.85 -17.49
CA SER E 116 10.85 33.41 -18.44
C SER E 116 11.49 33.44 -19.81
N THR E 117 10.64 33.73 -20.80
CA THR E 117 11.11 33.94 -22.16
C THR E 117 12.26 34.93 -22.20
N LYS E 118 13.38 34.49 -22.78
CA LYS E 118 14.54 35.35 -22.86
C LYS E 118 15.36 34.97 -24.09
N GLY E 119 15.74 35.98 -24.87
CA GLY E 119 16.55 35.78 -26.03
C GLY E 119 17.97 35.51 -25.63
N PRO E 120 18.73 34.89 -26.53
CA PRO E 120 20.10 34.50 -26.19
C PRO E 120 21.03 35.69 -26.29
N SER E 121 22.19 35.55 -25.67
CA SER E 121 23.33 36.39 -26.02
C SER E 121 24.35 35.50 -26.73
N VAL E 122 24.97 36.07 -27.76
CA VAL E 122 25.76 35.33 -28.74
C VAL E 122 27.20 35.76 -28.63
N PHE E 123 28.08 34.80 -28.40
CA PHE E 123 29.48 35.12 -28.29
C PHE E 123 30.24 34.42 -29.39
N PRO E 124 31.32 35.01 -29.88
CA PRO E 124 32.07 34.40 -30.98
C PRO E 124 33.13 33.43 -30.51
N LEU E 125 33.26 32.33 -31.22
CA LEU E 125 34.33 31.38 -30.96
C LEU E 125 35.35 31.57 -32.09
N ALA E 126 36.39 32.36 -31.81
CA ALA E 126 37.31 32.77 -32.86
C ALA E 126 38.22 31.60 -33.27
N PRO E 127 38.57 31.48 -34.55
CA PRO E 127 39.47 30.40 -34.96
C PRO E 127 40.87 30.64 -34.41
N SER E 128 41.62 29.55 -34.32
CA SER E 128 42.95 29.58 -33.71
C SER E 128 43.83 30.66 -34.32
N SER E 129 44.71 31.24 -33.51
CA SER E 129 45.72 32.14 -34.02
C SER E 129 46.97 31.37 -34.42
N LYS E 130 46.85 30.05 -34.51
CA LYS E 130 47.91 29.16 -34.95
C LYS E 130 47.47 28.43 -36.21
N SER E 131 46.48 28.97 -36.91
CA SER E 131 46.03 28.39 -38.16
C SER E 131 46.96 28.86 -39.26
N THR E 132 47.21 27.99 -40.22
CA THR E 132 48.21 28.25 -41.25
C THR E 132 47.61 27.82 -42.58
N SER E 133 47.91 28.62 -43.61
CA SER E 133 47.51 28.31 -44.98
C SER E 133 47.72 26.83 -45.30
N GLY E 134 46.77 26.26 -46.03
CA GLY E 134 46.81 24.85 -46.36
C GLY E 134 46.16 23.93 -45.35
N GLY E 135 45.83 24.44 -44.16
CA GLY E 135 45.15 23.66 -43.15
C GLY E 135 43.67 24.02 -43.04
N THR E 136 43.04 23.56 -41.96
CA THR E 136 41.66 23.88 -41.68
C THR E 136 41.54 24.52 -40.30
N ALA E 137 40.51 25.31 -40.12
CA ALA E 137 40.30 26.00 -38.86
C ALA E 137 38.83 25.91 -38.49
N ALA E 138 38.55 25.61 -37.23
CA ALA E 138 37.19 25.58 -36.72
C ALA E 138 36.89 26.92 -36.05
N LEU E 139 35.68 27.44 -36.28
CA LEU E 139 35.21 28.64 -35.62
C LEU E 139 33.72 28.47 -35.38
N GLY E 140 33.17 29.27 -34.47
CA GLY E 140 31.76 29.11 -34.17
C GLY E 140 31.15 30.21 -33.31
N CYS E 141 29.96 29.90 -32.79
CA CYS E 141 29.15 30.82 -32.00
C CYS E 141 28.58 30.08 -30.80
N LEU E 142 28.85 30.64 -29.64
CA LEU E 142 28.24 30.20 -28.39
C LEU E 142 26.95 31.01 -28.18
N VAL E 143 25.83 30.31 -28.20
CA VAL E 143 24.50 30.91 -28.08
C VAL E 143 24.03 30.66 -26.65
N LYS E 144 24.02 31.69 -25.83
CA LYS E 144 24.03 31.50 -24.38
C LYS E 144 22.78 32.07 -23.73
N ASP E 145 22.27 31.36 -22.72
CA ASP E 145 21.29 31.86 -21.76
C ASP E 145 19.96 32.29 -22.41
N TYR E 146 19.26 31.29 -22.96
CA TYR E 146 17.95 31.51 -23.56
C TYR E 146 16.93 30.51 -23.05
N PHE E 147 15.65 30.89 -23.19
CA PHE E 147 14.54 30.09 -22.74
C PHE E 147 13.29 30.63 -23.42
N PRO E 148 12.35 29.76 -23.83
CA PRO E 148 12.49 28.31 -23.90
C PRO E 148 13.18 27.91 -25.20
N GLU E 149 13.30 26.60 -25.42
CA GLU E 149 13.84 26.09 -26.68
C GLU E 149 12.85 26.39 -27.81
N PRO E 150 13.32 26.50 -29.05
CA PRO E 150 14.68 26.34 -29.57
C PRO E 150 15.27 27.62 -30.18
N VAL E 151 16.52 27.52 -30.60
CA VAL E 151 17.15 28.53 -31.43
C VAL E 151 17.57 27.86 -32.74
N THR E 152 17.62 28.65 -33.80
CA THR E 152 18.10 28.19 -35.10
C THR E 152 19.34 28.99 -35.45
N VAL E 153 20.31 28.32 -36.08
CA VAL E 153 21.57 28.97 -36.45
C VAL E 153 21.89 28.67 -37.90
N SER E 154 22.21 29.73 -38.66
CA SER E 154 22.76 29.61 -40.00
C SER E 154 24.05 30.41 -40.02
N TRP E 155 24.82 30.22 -41.09
CA TRP E 155 26.09 30.91 -41.28
C TRP E 155 26.09 31.65 -42.61
N ASN E 156 26.50 32.92 -42.58
CA ASN E 156 26.49 33.79 -43.77
C ASN E 156 25.11 33.78 -44.42
N SER E 157 24.09 33.97 -43.59
CA SER E 157 22.68 33.97 -44.01
C SER E 157 22.32 32.75 -44.85
N GLY E 158 22.97 31.61 -44.61
CA GLY E 158 22.61 30.39 -45.29
C GLY E 158 23.45 30.06 -46.50
N ALA E 159 24.43 30.91 -46.86
CA ALA E 159 25.32 30.61 -47.97
C ALA E 159 26.34 29.55 -47.60
N LEU E 160 26.65 29.41 -46.30
CA LEU E 160 27.63 28.47 -45.81
C LEU E 160 26.90 27.36 -45.07
N THR E 161 26.87 26.16 -45.67
CA THR E 161 26.25 24.99 -45.05
C THR E 161 27.18 23.80 -44.93
N SER E 162 28.16 23.68 -45.82
CA SER E 162 29.13 22.61 -45.71
C SER E 162 30.01 22.79 -44.48
N GLY E 163 30.21 21.70 -43.73
CA GLY E 163 31.04 21.76 -42.54
C GLY E 163 30.41 22.40 -41.31
N VAL E 164 29.11 22.74 -41.38
CA VAL E 164 28.39 23.38 -40.29
C VAL E 164 27.71 22.33 -39.42
N HIS E 165 27.87 22.46 -38.11
CA HIS E 165 27.07 21.65 -37.21
C HIS E 165 26.65 22.49 -36.01
N THR E 166 25.37 22.38 -35.70
CA THR E 166 24.80 23.01 -34.53
C THR E 166 24.43 21.92 -33.53
N PHE E 167 24.98 22.03 -32.33
CA PHE E 167 24.83 21.03 -31.30
C PHE E 167 23.49 21.18 -30.61
N PRO E 168 23.03 20.12 -29.94
CA PRO E 168 21.88 20.26 -29.05
C PRO E 168 22.23 21.17 -27.88
N ALA E 169 21.17 21.72 -27.30
CA ALA E 169 21.31 22.64 -26.18
C ALA E 169 21.57 21.88 -24.89
N VAL E 170 22.14 22.59 -23.94
CA VAL E 170 22.26 22.14 -22.56
C VAL E 170 21.35 23.03 -21.71
N LEU E 171 20.74 22.43 -20.68
CA LEU E 171 19.96 23.15 -19.69
C LEU E 171 20.86 23.35 -18.48
N GLN E 172 21.33 24.58 -18.27
CA GLN E 172 22.26 24.89 -17.20
C GLN E 172 21.54 24.97 -15.85
N SER E 173 22.34 24.89 -14.78
CA SER E 173 21.82 25.15 -13.43
C SER E 173 20.97 26.42 -13.37
N SER E 174 21.31 27.41 -14.20
CA SER E 174 20.54 28.64 -14.34
C SER E 174 19.07 28.44 -14.68
N GLY E 175 18.69 27.30 -15.28
CA GLY E 175 17.37 27.18 -15.87
C GLY E 175 17.29 27.75 -17.26
N LEU E 176 18.43 28.14 -17.84
CA LEU E 176 18.53 28.66 -19.19
C LEU E 176 19.29 27.69 -20.07
N TYR E 177 18.97 27.72 -21.34
CA TYR E 177 19.64 26.86 -22.30
C TYR E 177 20.85 27.57 -22.92
N SER E 178 21.80 26.77 -23.37
CA SER E 178 22.95 27.26 -24.12
CA SER E 178 22.95 27.26 -24.14
C SER E 178 23.32 26.20 -25.16
N LEU E 179 23.71 26.65 -26.34
CA LEU E 179 24.23 25.73 -27.35
C LEU E 179 25.38 26.42 -28.10
N SER E 180 26.04 25.65 -28.96
CA SER E 180 27.10 26.12 -29.83
C SER E 180 26.82 25.71 -31.27
N SER E 181 27.38 26.48 -32.20
CA SER E 181 27.39 26.18 -33.63
C SER E 181 28.80 26.33 -34.15
N VAL E 182 29.26 25.33 -34.94
N VAL E 182 29.24 25.37 -34.98
CA VAL E 182 30.60 25.40 -35.52
CA VAL E 182 30.61 25.37 -35.49
C VAL E 182 30.54 25.20 -37.02
C VAL E 182 30.57 25.15 -37.00
N VAL E 183 31.55 25.74 -37.68
CA VAL E 183 31.81 25.50 -39.09
C VAL E 183 33.32 25.34 -39.18
N THR E 184 33.74 24.38 -39.99
CA THR E 184 35.15 24.16 -40.29
C THR E 184 35.45 24.75 -41.68
N VAL E 185 36.50 25.56 -41.77
CA VAL E 185 36.80 26.33 -42.97
C VAL E 185 38.26 26.25 -43.26
N PRO E 186 38.69 26.47 -44.50
CA PRO E 186 40.10 26.48 -44.84
C PRO E 186 40.79 27.64 -44.14
N SER E 187 41.96 27.38 -43.54
CA SER E 187 42.65 28.43 -42.81
C SER E 187 43.09 29.55 -43.74
N SER E 188 43.38 29.21 -45.01
CA SER E 188 43.79 30.23 -45.96
C SER E 188 42.69 31.24 -46.29
N SER E 189 41.46 31.02 -45.82
CA SER E 189 40.34 31.93 -46.08
C SER E 189 40.12 32.96 -44.97
N LEU E 190 40.87 32.85 -43.86
CA LEU E 190 40.51 33.60 -42.66
C LEU E 190 40.74 35.11 -42.85
N GLY E 191 41.80 35.50 -43.54
CA GLY E 191 42.06 36.89 -43.80
C GLY E 191 41.24 37.52 -44.90
N THR E 192 40.34 36.77 -45.53
CA THR E 192 39.66 37.27 -46.72
C THR E 192 38.15 37.08 -46.61
N GLN E 193 37.73 35.87 -46.29
CA GLN E 193 36.31 35.56 -46.17
C GLN E 193 35.78 35.96 -44.79
N THR E 194 34.56 36.48 -44.77
CA THR E 194 33.93 36.91 -43.52
C THR E 194 32.86 35.88 -43.16
N TYR E 195 32.88 35.44 -41.90
CA TYR E 195 32.00 34.40 -41.38
C TYR E 195 31.15 35.01 -40.27
N ILE E 196 29.85 35.00 -40.47
CA ILE E 196 28.89 35.55 -39.53
C ILE E 196 27.84 34.49 -39.24
N CYS E 197 27.58 34.25 -37.96
CA CYS E 197 26.51 33.32 -37.60
C CYS E 197 25.22 34.07 -37.38
N ASN E 198 24.14 33.56 -37.94
CA ASN E 198 22.83 34.17 -37.77
C ASN E 198 22.03 33.34 -36.78
N VAL E 199 21.68 33.94 -35.65
CA VAL E 199 21.00 33.27 -34.55
C VAL E 199 19.61 33.87 -34.44
N ASN E 200 18.60 33.03 -34.52
CA ASN E 200 17.23 33.50 -34.38
C ASN E 200 16.56 32.72 -33.26
N HIS E 201 16.01 33.47 -32.29
CA HIS E 201 15.22 32.92 -31.19
C HIS E 201 13.78 33.31 -31.46
N LYS E 202 12.98 32.37 -31.93
CA LYS E 202 11.61 32.72 -32.30
C LYS E 202 10.68 32.97 -31.10
N PRO E 203 10.85 32.32 -29.94
CA PRO E 203 9.99 32.68 -28.78
C PRO E 203 10.10 34.13 -28.34
N SER E 204 11.30 34.66 -28.26
CA SER E 204 11.47 36.08 -28.08
C SER E 204 11.39 36.70 -29.47
N ASN E 205 11.83 37.94 -29.62
CA ASN E 205 11.98 38.50 -30.95
C ASN E 205 13.44 38.75 -31.25
N THR E 206 14.32 37.93 -30.70
CA THR E 206 15.75 38.11 -30.90
C THR E 206 16.19 37.55 -32.24
N LYS E 207 16.91 38.38 -32.99
CA LYS E 207 17.57 37.97 -34.22
C LYS E 207 18.93 38.65 -34.16
N VAL E 208 19.99 37.87 -34.09
CA VAL E 208 21.32 38.41 -33.90
C VAL E 208 22.27 37.81 -34.92
N ASP E 209 23.14 38.66 -35.45
CA ASP E 209 24.18 38.27 -36.39
C ASP E 209 25.51 38.63 -35.75
N LYS E 210 26.38 37.63 -35.57
CA LYS E 210 27.69 37.89 -34.97
C LYS E 210 28.79 37.53 -35.97
N LYS E 211 29.61 38.53 -36.28
CA LYS E 211 30.80 38.32 -37.09
C LYS E 211 31.84 37.62 -36.23
N VAL E 212 32.41 36.55 -36.75
CA VAL E 212 33.47 35.80 -36.06
C VAL E 212 34.76 36.05 -36.82
N GLU E 213 35.66 36.84 -36.23
CA GLU E 213 36.93 37.22 -36.84
C GLU E 213 38.11 36.63 -36.07
N PRO E 214 39.26 36.47 -36.71
CA PRO E 214 40.45 36.01 -35.99
C PRO E 214 40.96 37.09 -35.03
N LYS E 215 41.77 36.66 -34.06
CA LYS E 215 42.31 37.58 -33.06
C LYS E 215 43.83 37.47 -32.98
N SER E 216 44.48 38.54 -32.53
CA SER E 216 45.91 38.55 -32.29
C SER E 216 46.19 38.43 -30.78
N GLN F 1 23.52 6.60 -9.52
CA GLN F 1 24.31 5.67 -10.31
C GLN F 1 23.51 4.36 -10.58
N SER F 2 24.05 3.48 -11.42
CA SER F 2 23.42 2.20 -11.74
C SER F 2 23.85 1.12 -10.78
N VAL F 3 22.90 0.32 -10.30
CA VAL F 3 23.29 -0.82 -9.48
C VAL F 3 23.92 -1.92 -10.34
N LEU F 4 23.32 -2.22 -11.51
CA LEU F 4 23.86 -3.22 -12.44
C LEU F 4 24.85 -2.52 -13.40
N THR F 5 25.91 -3.22 -13.78
CA THR F 5 26.95 -2.60 -14.62
C THR F 5 26.89 -3.18 -16.03
N GLN F 6 26.69 -2.30 -17.02
CA GLN F 6 26.80 -2.62 -18.43
C GLN F 6 27.92 -1.80 -19.10
N PRO F 7 28.53 -2.33 -20.15
CA PRO F 7 29.43 -1.51 -20.96
C PRO F 7 28.67 -0.33 -21.55
N PRO F 8 29.23 0.88 -21.50
CA PRO F 8 28.49 2.01 -22.05
C PRO F 8 28.31 1.92 -23.55
N SER F 9 29.17 1.20 -24.24
CA SER F 9 29.20 1.25 -25.70
C SER F 9 29.66 -0.11 -26.23
N VAL F 10 28.97 -0.59 -27.28
CA VAL F 10 29.39 -1.77 -28.02
C VAL F 10 29.06 -1.56 -29.50
N SER F 11 29.83 -2.22 -30.37
CA SER F 11 29.65 -2.12 -31.82
C SER F 11 30.04 -3.45 -32.47
N GLU F 12 29.34 -3.79 -33.55
CA GLU F 12 29.57 -5.01 -34.30
C GLU F 12 29.09 -4.84 -35.74
N ALA F 13 29.65 -5.66 -36.68
CA ALA F 13 29.23 -5.51 -38.07
C ALA F 13 27.85 -6.11 -38.29
N PRO F 14 27.11 -5.62 -39.28
CA PRO F 14 25.80 -6.23 -39.62
C PRO F 14 25.97 -7.70 -39.96
N ARG F 15 24.92 -8.46 -39.69
CA ARG F 15 24.83 -9.90 -39.94
C ARG F 15 25.70 -10.70 -38.99
N GLN F 16 26.39 -10.07 -38.05
CA GLN F 16 27.15 -10.83 -37.08
C GLN F 16 26.33 -10.92 -35.80
N ARG F 17 26.95 -11.45 -34.74
CA ARG F 17 26.31 -11.66 -33.45
C ARG F 17 27.04 -10.80 -32.43
N VAL F 18 26.28 -9.99 -31.69
CA VAL F 18 26.85 -9.17 -30.63
C VAL F 18 26.28 -9.62 -29.28
N THR F 19 27.04 -9.35 -28.23
CA THR F 19 26.69 -9.70 -26.87
C THR F 19 26.78 -8.42 -26.00
N ILE F 20 25.82 -8.23 -25.10
CA ILE F 20 25.82 -7.10 -24.17
C ILE F 20 25.76 -7.66 -22.75
N SER F 21 26.76 -7.29 -21.95
CA SER F 21 26.96 -7.77 -20.59
C SER F 21 26.15 -6.98 -19.57
N CYS F 22 25.68 -7.67 -18.52
CA CYS F 22 24.99 -7.09 -17.39
C CYS F 22 25.51 -7.78 -16.14
N SER F 23 26.21 -7.05 -15.27
CA SER F 23 26.85 -7.67 -14.12
C SER F 23 26.29 -7.11 -12.82
N GLY F 24 25.96 -8.00 -11.90
CA GLY F 24 25.38 -7.62 -10.64
C GLY F 24 26.09 -8.33 -9.50
N SER F 25 25.32 -8.64 -8.48
CA SER F 25 25.81 -9.35 -7.30
C SER F 25 24.71 -10.30 -6.85
N SER F 26 24.97 -10.99 -5.73
CA SER F 26 24.04 -11.99 -5.21
C SER F 26 22.68 -11.40 -4.86
N SER F 27 22.63 -10.13 -4.42
CA SER F 27 21.34 -9.60 -3.97
C SER F 27 20.41 -9.34 -5.14
N ASN F 28 20.94 -9.14 -6.36
CA ASN F 28 20.07 -8.85 -7.49
C ASN F 28 20.18 -10.04 -8.49
N ILE F 29 21.11 -10.00 -9.43
CA ILE F 29 21.14 -11.04 -10.46
C ILE F 29 21.31 -12.42 -9.85
N GLY F 30 22.05 -12.52 -8.74
CA GLY F 30 22.32 -13.82 -8.15
C GLY F 30 21.07 -14.59 -7.76
N HIS F 31 19.99 -13.89 -7.38
CA HIS F 31 18.78 -14.54 -6.87
C HIS F 31 17.53 -14.23 -7.67
N ASN F 32 17.60 -13.32 -8.65
CA ASN F 32 16.40 -12.83 -9.30
C ASN F 32 16.55 -12.81 -10.82
N ALA F 33 15.40 -12.80 -11.48
CA ALA F 33 15.36 -12.88 -12.93
C ALA F 33 15.75 -11.57 -13.59
N VAL F 34 16.49 -11.66 -14.68
CA VAL F 34 16.97 -10.50 -15.42
C VAL F 34 16.01 -10.21 -16.57
N HIS F 35 15.85 -8.94 -16.90
CA HIS F 35 15.00 -8.49 -17.98
C HIS F 35 15.78 -7.54 -18.86
N TRP F 36 15.43 -7.50 -20.16
CA TRP F 36 16.14 -6.68 -21.11
C TRP F 36 15.17 -5.80 -21.89
N TYR F 37 15.62 -4.59 -22.21
CA TYR F 37 14.84 -3.54 -22.83
C TYR F 37 15.64 -2.90 -23.94
N GLN F 38 14.95 -2.52 -25.01
CA GLN F 38 15.50 -1.79 -26.14
C GLN F 38 14.87 -0.41 -26.15
N GLN F 39 15.69 0.63 -26.27
CA GLN F 39 15.18 1.99 -26.41
C GLN F 39 15.75 2.59 -27.69
N LEU F 40 14.89 2.71 -28.70
CA LEU F 40 15.27 3.35 -29.95
C LEU F 40 15.38 4.86 -29.75
N PRO F 41 16.21 5.54 -30.55
CA PRO F 41 16.42 6.98 -30.34
C PRO F 41 15.11 7.76 -30.35
N GLY F 42 14.91 8.55 -29.29
CA GLY F 42 13.70 9.34 -29.20
C GLY F 42 12.44 8.56 -28.91
N LYS F 43 12.53 7.30 -28.50
CA LYS F 43 11.34 6.49 -28.22
C LYS F 43 11.35 5.96 -26.79
N ALA F 44 10.21 5.39 -26.38
CA ALA F 44 10.10 4.74 -25.08
C ALA F 44 10.76 3.36 -25.12
N PRO F 45 11.22 2.87 -23.97
CA PRO F 45 11.72 1.49 -23.92
C PRO F 45 10.64 0.47 -24.30
N LYS F 46 11.13 -0.71 -24.68
CA LYS F 46 10.32 -1.86 -25.01
C LYS F 46 10.96 -3.11 -24.42
N LEU F 47 10.14 -4.02 -23.88
CA LEU F 47 10.62 -5.28 -23.33
C LEU F 47 11.09 -6.23 -24.44
N LEU F 48 12.27 -6.81 -24.25
CA LEU F 48 12.90 -7.76 -25.17
C LEU F 48 12.99 -9.14 -24.58
N ILE F 49 13.42 -9.25 -23.33
CA ILE F 49 13.59 -10.52 -22.63
C ILE F 49 13.06 -10.35 -21.21
N TYR F 50 12.38 -11.36 -20.71
CA TYR F 50 11.93 -11.41 -19.33
C TYR F 50 12.28 -12.78 -18.77
N TYR F 51 12.42 -12.85 -17.43
CA TYR F 51 12.83 -14.05 -16.68
C TYR F 51 14.03 -14.74 -17.34
N ASP F 52 15.09 -13.93 -17.51
CA ASP F 52 16.42 -14.36 -17.98
C ASP F 52 16.46 -14.67 -19.47
N ASP F 53 15.62 -15.59 -19.94
CA ASP F 53 15.71 -16.03 -21.33
C ASP F 53 14.40 -16.06 -22.10
N LEU F 54 13.30 -15.66 -21.52
CA LEU F 54 12.01 -15.83 -22.21
C LEU F 54 11.71 -14.68 -23.16
N LEU F 55 11.06 -15.03 -24.27
CA LEU F 55 10.80 -14.05 -25.30
C LEU F 55 9.34 -13.65 -25.30
N PRO F 56 9.02 -12.35 -25.25
CA PRO F 56 7.63 -11.93 -25.39
C PRO F 56 7.14 -12.19 -26.80
N ALA F 57 5.83 -12.33 -26.92
CA ALA F 57 5.22 -12.57 -28.22
C ALA F 57 5.50 -11.42 -29.18
N GLY F 58 5.93 -11.76 -30.39
CA GLY F 58 6.18 -10.75 -31.40
C GLY F 58 7.56 -10.14 -31.38
N VAL F 59 8.42 -10.51 -30.43
CA VAL F 59 9.79 -10.04 -30.37
C VAL F 59 10.64 -11.02 -31.17
N SER F 60 11.44 -10.51 -32.10
CA SER F 60 12.18 -11.37 -33.02
C SER F 60 13.09 -12.33 -32.27
N ASP F 61 13.21 -13.55 -32.81
CA ASP F 61 14.04 -14.58 -32.22
C ASP F 61 15.52 -14.35 -32.45
N ARG F 62 15.90 -13.27 -33.15
CA ARG F 62 17.30 -12.87 -33.16
C ARG F 62 17.79 -12.47 -31.78
N PHE F 63 16.88 -12.09 -30.88
CA PHE F 63 17.23 -11.70 -29.52
C PHE F 63 17.12 -12.87 -28.54
N SER F 64 18.17 -13.11 -27.77
CA SER F 64 18.15 -14.15 -26.76
C SER F 64 18.90 -13.67 -25.52
N GLY F 65 18.62 -14.31 -24.40
CA GLY F 65 19.25 -13.91 -23.16
C GLY F 65 19.72 -15.13 -22.40
N SER F 66 20.70 -14.89 -21.53
CA SER F 66 21.21 -15.96 -20.69
C SER F 66 21.66 -15.36 -19.37
N LYS F 67 21.67 -16.19 -18.33
CA LYS F 67 22.07 -15.78 -17.00
C LYS F 67 23.03 -16.80 -16.44
N SER F 68 24.13 -16.36 -15.83
CA SER F 68 25.05 -17.28 -15.17
C SER F 68 25.60 -16.65 -13.90
N GLY F 69 25.21 -17.18 -12.74
CA GLY F 69 25.68 -16.64 -11.48
C GLY F 69 25.13 -15.23 -11.26
N THR F 70 26.02 -14.27 -11.07
CA THR F 70 25.62 -12.87 -10.87
C THR F 70 25.81 -12.04 -12.13
N SER F 71 25.63 -12.66 -13.29
CA SER F 71 25.89 -12.01 -14.56
C SER F 71 24.87 -12.47 -15.58
N ALA F 72 24.66 -11.65 -16.61
CA ALA F 72 23.69 -11.98 -17.63
C ALA F 72 24.13 -11.37 -18.95
N SER F 73 23.65 -11.94 -20.06
CA SER F 73 24.00 -11.42 -21.37
C SER F 73 22.76 -11.42 -22.25
N LEU F 74 22.68 -10.44 -23.11
CA LEU F 74 21.71 -10.38 -24.20
C LEU F 74 22.49 -10.63 -25.48
N ALA F 75 22.02 -11.55 -26.30
CA ALA F 75 22.69 -11.89 -27.54
C ALA F 75 21.77 -11.48 -28.69
N ILE F 76 22.31 -10.71 -29.63
CA ILE F 76 21.60 -10.32 -30.83
C ILE F 76 22.38 -10.90 -32.02
N SER F 77 21.78 -11.87 -32.71
CA SER F 77 22.39 -12.47 -33.90
C SER F 77 21.83 -11.83 -35.17
N GLY F 78 22.58 -11.99 -36.27
CA GLY F 78 22.18 -11.41 -37.54
C GLY F 78 21.91 -9.90 -37.47
N LEU F 79 22.84 -9.17 -36.86
CA LEU F 79 22.60 -7.76 -36.56
C LEU F 79 22.09 -7.02 -37.78
N GLN F 80 21.09 -6.18 -37.56
CA GLN F 80 20.51 -5.31 -38.57
C GLN F 80 20.68 -3.87 -38.12
N SER F 81 20.66 -2.95 -39.08
CA SER F 81 20.93 -1.57 -38.73
C SER F 81 19.82 -1.00 -37.86
N GLU F 82 18.58 -1.52 -38.01
CA GLU F 82 17.46 -1.16 -37.15
C GLU F 82 17.64 -1.59 -35.69
N ASP F 83 18.64 -2.41 -35.36
CA ASP F 83 18.91 -2.79 -33.99
C ASP F 83 19.68 -1.72 -33.22
N GLU F 84 20.15 -0.67 -33.90
CA GLU F 84 20.89 0.41 -33.21
C GLU F 84 20.00 1.10 -32.20
N ALA F 85 20.43 1.08 -30.93
CA ALA F 85 19.58 1.52 -29.82
C ALA F 85 20.40 1.46 -28.54
N ASP F 86 19.79 1.97 -27.47
CA ASP F 86 20.28 1.74 -26.13
C ASP F 86 19.60 0.50 -25.53
N TYR F 87 20.38 -0.33 -24.85
CA TYR F 87 19.89 -1.57 -24.25
C TYR F 87 20.13 -1.54 -22.74
N TYR F 88 19.10 -1.92 -21.99
CA TYR F 88 19.12 -1.86 -20.53
C TYR F 88 18.77 -3.23 -19.95
N CYS F 89 19.44 -3.62 -18.87
CA CYS F 89 18.99 -4.74 -18.07
C CYS F 89 18.30 -4.26 -16.79
N ALA F 90 17.47 -5.14 -16.20
CA ALA F 90 16.86 -4.85 -14.90
C ALA F 90 16.57 -6.12 -14.13
N ALA F 91 16.72 -6.06 -12.81
CA ALA F 91 16.39 -7.19 -11.97
C ALA F 91 15.96 -6.67 -10.59
N TRP F 92 15.23 -7.52 -9.88
CA TRP F 92 14.90 -7.24 -8.50
C TRP F 92 16.15 -7.32 -7.64
N ASP F 93 16.26 -6.43 -6.65
CA ASP F 93 17.34 -6.48 -5.68
C ASP F 93 16.74 -6.74 -4.31
N ASP F 94 17.19 -7.83 -3.67
CA ASP F 94 16.64 -8.22 -2.37
C ASP F 94 17.04 -7.27 -1.24
N ILE F 95 18.24 -6.67 -1.34
CA ILE F 95 18.71 -5.79 -0.27
C ILE F 95 18.02 -4.44 -0.32
N LEU F 96 17.89 -3.87 -1.51
CA LEU F 96 17.21 -2.59 -1.62
C LEU F 96 15.70 -2.75 -1.72
N ASN F 97 15.19 -3.97 -1.84
CA ASN F 97 13.75 -4.24 -1.89
C ASN F 97 13.08 -3.48 -3.05
N GLY F 98 13.67 -3.58 -4.24
CA GLY F 98 13.10 -2.97 -5.42
C GLY F 98 13.91 -3.31 -6.66
N PRO F 99 13.36 -3.01 -7.83
CA PRO F 99 14.07 -3.30 -9.09
C PRO F 99 15.17 -2.29 -9.34
N VAL F 100 16.31 -2.79 -9.81
CA VAL F 100 17.48 -1.98 -10.13
C VAL F 100 17.76 -2.05 -11.62
N PHE F 101 18.43 -1.01 -12.13
CA PHE F 101 18.77 -0.88 -13.54
C PHE F 101 20.26 -1.09 -13.77
N GLY F 102 20.58 -1.48 -15.03
CA GLY F 102 21.92 -1.26 -15.55
C GLY F 102 22.03 0.15 -16.12
N GLY F 103 23.26 0.61 -16.36
CA GLY F 103 23.47 1.94 -16.91
C GLY F 103 23.07 2.09 -18.37
N GLY F 104 22.85 0.99 -19.08
CA GLY F 104 22.53 1.10 -20.49
C GLY F 104 23.77 0.92 -21.35
N THR F 105 23.57 0.36 -22.54
CA THR F 105 24.63 0.10 -23.51
C THR F 105 24.21 0.63 -24.86
N LYS F 106 25.05 1.47 -25.46
CA LYS F 106 24.78 1.96 -26.81
C LYS F 106 25.32 0.94 -27.80
N LEU F 107 24.47 0.47 -28.69
CA LEU F 107 24.86 -0.48 -29.73
C LEU F 107 24.99 0.24 -31.07
N THR F 108 26.16 0.14 -31.68
CA THR F 108 26.36 0.62 -33.04
C THR F 108 26.49 -0.57 -33.98
N VAL F 109 25.72 -0.57 -35.07
CA VAL F 109 25.89 -1.55 -36.14
C VAL F 109 26.74 -0.87 -37.21
N LEU F 110 27.99 -1.30 -37.32
CA LEU F 110 28.99 -0.62 -38.15
C LEU F 110 28.60 -0.53 -39.62
N GLY F 111 28.20 0.65 -40.07
CA GLY F 111 27.82 0.86 -41.46
C GLY F 111 28.73 1.83 -42.18
N GLN F 112 29.82 2.21 -41.53
CA GLN F 112 30.82 3.09 -42.12
C GLN F 112 32.13 2.84 -41.38
N PRO F 113 33.24 3.39 -41.89
CA PRO F 113 34.53 3.16 -41.20
C PRO F 113 34.60 3.90 -39.88
N LYS F 114 35.37 3.35 -38.95
CA LYS F 114 35.59 4.05 -37.70
C LYS F 114 36.41 5.32 -37.96
N ALA F 115 36.09 6.38 -37.24
CA ALA F 115 36.76 7.66 -37.52
C ALA F 115 37.08 8.36 -36.21
N ASN F 116 38.31 8.82 -36.11
CA ASN F 116 38.79 9.48 -34.91
C ASN F 116 38.25 10.91 -34.83
N PRO F 117 38.02 11.42 -33.61
CA PRO F 117 37.48 12.79 -33.48
C PRO F 117 38.51 13.87 -33.74
N THR F 118 38.05 14.96 -34.36
CA THR F 118 38.80 16.21 -34.29
C THR F 118 38.23 17.04 -33.15
N VAL F 119 39.10 17.75 -32.46
CA VAL F 119 38.74 18.45 -31.23
C VAL F 119 39.25 19.88 -31.34
N THR F 120 38.43 20.84 -30.92
CA THR F 120 38.84 22.24 -30.81
C THR F 120 38.41 22.74 -29.44
N LEU F 121 39.37 23.26 -28.67
CA LEU F 121 39.12 23.85 -27.34
C LEU F 121 39.18 25.37 -27.47
N PHE F 122 38.03 26.03 -27.31
CA PHE F 122 37.99 27.49 -27.39
C PHE F 122 38.06 28.12 -26.00
N PRO F 123 38.95 29.07 -25.77
CA PRO F 123 38.95 29.81 -24.49
C PRO F 123 37.74 30.74 -24.39
N PRO F 124 37.41 31.24 -23.20
CA PRO F 124 36.35 32.24 -23.11
C PRO F 124 36.65 33.42 -24.04
N SER F 125 35.62 33.93 -24.71
CA SER F 125 35.82 35.11 -25.56
C SER F 125 35.96 36.38 -24.73
N SER F 126 36.63 37.38 -25.32
CA SER F 126 36.73 38.66 -24.62
C SER F 126 35.36 39.31 -24.42
N GLU F 127 34.44 39.15 -25.37
CA GLU F 127 33.06 39.61 -25.15
C GLU F 127 32.45 38.96 -23.92
N GLU F 128 32.58 37.63 -23.78
CA GLU F 128 31.93 36.97 -22.63
C GLU F 128 32.55 37.44 -21.31
N LEU F 129 33.89 37.54 -21.28
CA LEU F 129 34.58 38.01 -20.07
C LEU F 129 34.11 39.40 -19.67
N GLN F 130 33.82 40.26 -20.63
CA GLN F 130 33.29 41.58 -20.31
C GLN F 130 31.88 41.51 -19.75
N ALA F 131 31.17 40.40 -19.96
CA ALA F 131 29.89 40.16 -19.31
C ALA F 131 30.03 39.41 -18.01
N ASN F 132 31.27 39.25 -17.51
CA ASN F 132 31.53 38.63 -16.20
C ASN F 132 31.20 37.13 -16.20
N LYS F 133 31.37 36.48 -17.36
CA LYS F 133 31.28 35.03 -17.48
C LYS F 133 32.50 34.50 -18.23
N ALA F 134 32.77 33.21 -18.03
CA ALA F 134 33.91 32.57 -18.70
C ALA F 134 33.57 31.11 -18.97
N THR F 135 33.36 30.75 -20.24
CA THR F 135 33.02 29.39 -20.64
C THR F 135 34.09 28.85 -21.58
N LEU F 136 34.74 27.76 -21.17
CA LEU F 136 35.60 27.01 -22.06
C LEU F 136 34.74 26.05 -22.87
N VAL F 137 34.94 26.03 -24.18
CA VAL F 137 34.06 25.30 -25.09
C VAL F 137 34.88 24.31 -25.88
N CYS F 138 34.63 23.02 -25.62
CA CYS F 138 35.34 21.93 -26.27
C CYS F 138 34.40 21.26 -27.25
N LEU F 139 34.69 21.40 -28.54
CA LEU F 139 33.84 20.86 -29.57
C LEU F 139 34.55 19.69 -30.23
N ILE F 140 33.77 18.64 -30.47
CA ILE F 140 34.27 17.35 -30.90
C ILE F 140 33.43 16.93 -32.11
N SER F 141 34.09 16.58 -33.20
CA SER F 141 33.34 16.33 -34.43
C SER F 141 33.95 15.20 -35.23
N ASP F 142 33.14 14.67 -36.15
CA ASP F 142 33.59 13.73 -37.19
C ASP F 142 34.11 12.42 -36.62
N PHE F 143 33.42 11.85 -35.64
CA PHE F 143 33.87 10.56 -35.14
C PHE F 143 32.78 9.51 -35.34
N TYR F 144 33.22 8.25 -35.39
CA TYR F 144 32.35 7.08 -35.54
C TYR F 144 33.07 5.85 -35.01
N PRO F 145 32.41 5.02 -34.19
CA PRO F 145 31.04 5.13 -33.67
C PRO F 145 30.83 6.38 -32.76
N GLY F 146 29.56 6.78 -32.57
CA GLY F 146 29.24 7.96 -31.78
C GLY F 146 29.26 7.72 -30.29
N ALA F 147 30.44 7.49 -29.73
CA ALA F 147 30.60 7.29 -28.30
C ALA F 147 31.98 7.79 -27.93
N VAL F 148 32.03 8.74 -26.99
CA VAL F 148 33.27 9.31 -26.48
C VAL F 148 33.13 9.49 -24.98
N THR F 149 34.28 9.54 -24.30
CA THR F 149 34.35 10.03 -22.94
C THR F 149 35.21 11.29 -22.95
N VAL F 150 34.80 12.29 -22.18
CA VAL F 150 35.43 13.61 -22.11
C VAL F 150 35.91 13.86 -20.69
N ALA F 151 37.17 14.29 -20.54
CA ALA F 151 37.76 14.62 -19.25
C ALA F 151 38.40 16.00 -19.32
N TRP F 152 38.19 16.80 -18.28
CA TRP F 152 38.71 18.15 -18.17
C TRP F 152 39.78 18.21 -17.08
N LYS F 153 40.85 18.98 -17.33
CA LYS F 153 41.90 19.21 -16.35
C LYS F 153 42.26 20.69 -16.28
N ALA F 154 42.43 21.20 -15.06
CA ALA F 154 42.96 22.54 -14.80
C ALA F 154 44.33 22.39 -14.15
N ASP F 155 45.34 22.99 -14.75
CA ASP F 155 46.74 22.71 -14.40
C ASP F 155 46.93 21.22 -14.64
N GLY F 156 47.22 20.42 -13.62
CA GLY F 156 47.34 18.99 -13.86
C GLY F 156 46.27 18.18 -13.16
N SER F 157 45.19 18.83 -12.75
CA SER F 157 44.26 18.05 -11.93
C SER F 157 42.90 17.91 -12.59
N PRO F 158 42.22 16.79 -12.36
CA PRO F 158 40.87 16.62 -12.92
C PRO F 158 39.91 17.68 -12.41
N VAL F 159 39.07 18.17 -13.31
CA VAL F 159 38.03 19.12 -12.98
C VAL F 159 36.71 18.38 -12.93
N LYS F 160 36.03 18.39 -11.78
CA LYS F 160 34.72 17.76 -11.70
C LYS F 160 33.58 18.77 -11.78
N ALA F 161 33.64 19.89 -11.05
CA ALA F 161 32.55 20.85 -11.04
C ALA F 161 32.61 21.79 -12.24
N GLY F 162 31.44 22.23 -12.70
CA GLY F 162 31.30 23.18 -13.79
C GLY F 162 31.28 22.59 -15.20
N VAL F 163 31.20 21.28 -15.35
CA VAL F 163 31.28 20.61 -16.66
C VAL F 163 29.87 20.28 -17.10
N GLU F 164 29.56 20.57 -18.36
CA GLU F 164 28.35 20.08 -19.02
C GLU F 164 28.72 19.51 -20.39
N THR F 165 28.18 18.33 -20.72
CA THR F 165 28.52 17.62 -21.93
C THR F 165 27.27 17.11 -22.61
N THR F 166 27.18 17.30 -23.93
CA THR F 166 26.07 16.78 -24.69
C THR F 166 26.38 15.37 -25.16
N LYS F 167 25.34 14.52 -25.24
CA LYS F 167 25.52 13.20 -25.83
C LYS F 167 25.80 13.32 -27.33
N PRO F 168 26.65 12.47 -27.89
CA PRO F 168 26.94 12.56 -29.32
C PRO F 168 25.68 12.62 -30.17
N SER F 169 25.68 13.51 -31.16
CA SER F 169 24.58 13.70 -32.09
C SER F 169 25.12 13.51 -33.51
N LYS F 170 24.27 13.03 -34.40
CA LYS F 170 24.68 12.77 -35.78
C LYS F 170 24.83 14.06 -36.58
N GLN F 171 25.92 14.13 -37.35
CA GLN F 171 26.24 15.23 -38.25
C GLN F 171 25.57 15.01 -39.60
N SER F 172 25.63 16.03 -40.44
CA SER F 172 25.00 15.87 -41.75
C SER F 172 25.70 14.81 -42.59
N ASN F 173 27.00 14.59 -42.39
CA ASN F 173 27.71 13.55 -43.13
C ASN F 173 27.62 12.18 -42.48
N ASN F 174 26.76 12.02 -41.47
CA ASN F 174 26.48 10.80 -40.72
C ASN F 174 27.55 10.41 -39.69
N LYS F 175 28.63 11.18 -39.55
CA LYS F 175 29.48 11.02 -38.38
C LYS F 175 28.79 11.65 -37.18
N TYR F 176 29.42 11.58 -36.01
CA TYR F 176 28.86 12.14 -34.79
C TYR F 176 29.70 13.30 -34.26
N ALA F 177 29.06 14.12 -33.46
CA ALA F 177 29.71 15.27 -32.85
C ALA F 177 29.21 15.40 -31.43
N ALA F 178 30.03 15.99 -30.56
CA ALA F 178 29.59 16.25 -29.20
C ALA F 178 30.24 17.52 -28.68
N SER F 179 29.63 18.08 -27.65
CA SER F 179 30.13 19.34 -27.08
C SER F 179 30.29 19.19 -25.56
N SER F 180 31.28 19.91 -25.03
CA SER F 180 31.50 19.93 -23.60
C SER F 180 31.89 21.34 -23.18
N TYR F 181 31.35 21.79 -22.05
CA TYR F 181 31.55 23.13 -21.53
C TYR F 181 32.14 23.08 -20.13
N LEU F 182 33.07 23.97 -19.86
CA LEU F 182 33.57 24.21 -18.51
C LEU F 182 33.23 25.65 -18.15
N SER F 183 32.27 25.83 -17.24
CA SER F 183 31.78 27.16 -16.89
C SER F 183 32.46 27.64 -15.60
N LEU F 184 33.21 28.74 -15.70
CA LEU F 184 33.92 29.35 -14.57
C LEU F 184 33.62 30.84 -14.50
N THR F 185 33.95 31.44 -13.35
CA THR F 185 33.98 32.89 -13.29
C THR F 185 35.25 33.41 -13.97
N PRO F 186 35.27 34.69 -14.38
CA PRO F 186 36.51 35.22 -14.97
C PRO F 186 37.70 35.07 -14.06
N GLU F 187 37.51 35.16 -12.74
CA GLU F 187 38.62 35.05 -11.78
C GLU F 187 39.12 33.61 -11.66
N GLN F 188 38.20 32.63 -11.65
CA GLN F 188 38.65 31.24 -11.74
C GLN F 188 39.43 31.01 -13.03
N TRP F 189 38.96 31.59 -14.14
CA TRP F 189 39.59 31.35 -15.44
C TRP F 189 41.05 31.82 -15.45
N LYS F 190 41.32 33.05 -14.94
CA LYS F 190 42.67 33.62 -14.96
C LYS F 190 43.50 33.08 -13.79
N SER F 191 42.90 32.26 -12.91
CA SER F 191 43.58 31.73 -11.73
C SER F 191 44.41 30.49 -12.01
N HIS F 192 44.24 29.84 -13.16
CA HIS F 192 45.02 28.68 -13.54
C HIS F 192 45.88 29.04 -14.73
N ARG F 193 46.92 28.25 -14.94
CA ARG F 193 47.84 28.49 -16.04
C ARG F 193 47.47 27.69 -17.28
N SER F 194 46.90 26.50 -17.13
CA SER F 194 46.60 25.66 -18.31
C SER F 194 45.33 24.85 -18.08
N TYR F 195 44.55 24.71 -19.16
CA TYR F 195 43.38 23.86 -19.18
C TYR F 195 43.49 22.87 -20.32
N SER F 196 42.90 21.71 -20.13
CA SER F 196 42.95 20.67 -21.13
C SER F 196 41.59 20.00 -21.24
N CYS F 197 41.19 19.72 -22.48
CA CYS F 197 40.02 18.91 -22.79
C CYS F 197 40.54 17.63 -23.42
N GLN F 198 40.18 16.48 -22.83
CA GLN F 198 40.71 15.19 -23.23
C GLN F 198 39.58 14.28 -23.69
N VAL F 199 39.63 13.85 -24.96
CA VAL F 199 38.55 13.11 -25.59
C VAL F 199 39.08 11.73 -25.95
N THR F 200 38.49 10.70 -25.35
CA THR F 200 38.83 9.32 -25.63
C THR F 200 37.79 8.71 -26.56
N HIS F 201 38.27 8.06 -27.63
CA HIS F 201 37.43 7.43 -28.63
C HIS F 201 38.14 6.15 -29.05
N GLU F 202 37.39 5.04 -29.02
CA GLU F 202 37.88 3.72 -29.35
C GLU F 202 39.21 3.47 -28.63
N GLY F 203 39.27 3.84 -27.35
CA GLY F 203 40.47 3.61 -26.58
C GLY F 203 41.66 4.50 -26.86
N SER F 204 41.55 5.47 -27.77
CA SER F 204 42.61 6.44 -28.00
C SER F 204 42.16 7.83 -27.57
N THR F 205 43.09 8.61 -27.06
CA THR F 205 42.77 9.88 -26.42
C THR F 205 43.38 11.05 -27.18
N VAL F 206 42.54 12.02 -27.55
CA VAL F 206 42.98 13.26 -28.17
C VAL F 206 42.86 14.36 -27.10
N GLU F 207 43.76 15.34 -27.17
CA GLU F 207 43.83 16.37 -26.16
C GLU F 207 44.12 17.72 -26.79
N LYS F 208 43.40 18.74 -26.33
CA LYS F 208 43.69 20.14 -26.67
C LYS F 208 43.77 20.94 -25.37
N THR F 209 44.60 21.98 -25.39
CA THR F 209 44.85 22.76 -24.20
C THR F 209 44.81 24.25 -24.54
N VAL F 210 44.38 25.05 -23.57
CA VAL F 210 44.43 26.52 -23.67
C VAL F 210 45.05 27.06 -22.40
N ALA F 211 45.52 28.31 -22.48
CA ALA F 211 46.14 29.00 -21.34
C ALA F 211 45.73 30.47 -21.34
N PRO F 212 45.34 31.03 -20.19
CA PRO F 212 44.94 32.44 -20.17
C PRO F 212 46.00 33.38 -20.70
N THR F 213 47.28 33.05 -20.51
CA THR F 213 48.36 33.92 -20.95
C THR F 213 48.72 33.73 -22.43
N GLU F 214 48.49 32.54 -23.00
CA GLU F 214 48.84 32.30 -24.40
C GLU F 214 47.68 32.59 -25.35
N CYS F 215 48.03 32.78 -26.63
CA CYS F 215 47.08 33.00 -27.69
C CYS F 215 46.53 31.65 -28.18
N SER F 216 45.60 31.70 -29.13
CA SER F 216 44.80 30.54 -29.56
C SER F 216 44.13 29.82 -28.38
C1 NAG G . -13.41 48.96 30.70
C2 NAG G . -12.48 50.11 31.11
C3 NAG G . -12.84 50.61 32.50
C4 NAG G . -14.32 50.94 32.60
C5 NAG G . -15.17 49.77 32.12
C6 NAG G . -16.66 50.08 32.06
C7 NAG G . -10.14 50.34 30.38
C8 NAG G . -8.76 49.76 30.45
N2 NAG G . -11.08 49.69 31.07
O3 NAG G . -12.06 51.77 32.80
O4 NAG G . -14.64 51.21 33.96
O5 NAG G . -14.77 49.39 30.80
O6 NAG G . -16.99 50.90 30.95
O7 NAG G . -10.39 51.35 29.72
C1 NAG G . -15.35 52.33 34.29
C2 NAG G . -15.82 52.16 35.72
C3 NAG G . -16.71 53.33 36.14
C4 NAG G . -15.99 54.65 35.89
C5 NAG G . -15.53 54.72 34.44
C6 NAG G . -14.71 55.96 34.14
C7 NAG G . -16.06 49.83 36.53
C8 NAG G . -16.95 48.63 36.56
N2 NAG G . -16.55 50.90 35.87
O3 NAG G . -17.07 53.21 37.51
O4 NAG G . -16.83 55.76 36.19
O5 NAG G . -14.69 53.60 34.15
O6 NAG G . -13.34 55.76 34.47
O7 NAG G . -14.95 49.84 37.05
C1 BMA G . -16.53 56.30 37.41
C2 BMA G . -16.99 57.77 37.57
C3 BMA G . -16.61 58.30 38.95
C4 BMA G . -16.97 57.30 40.08
C5 BMA G . -16.44 55.87 39.77
C6 BMA G . -16.86 54.81 40.78
O2 BMA G . -18.41 57.86 37.47
O3 BMA G . -17.24 59.56 39.18
O4 BMA G . -16.42 57.74 41.31
O5 BMA G . -16.96 55.48 38.49
O6 BMA G . -16.34 55.15 42.07
C1 NAG H . -7.43 -37.89 -43.21
C2 NAG H . -7.77 -39.38 -43.42
C3 NAG H . -7.01 -39.95 -44.63
C4 NAG H . -7.20 -39.07 -45.86
C5 NAG H . -6.89 -37.62 -45.54
C6 NAG H . -7.21 -36.70 -46.71
C7 NAG H . -8.38 -40.92 -41.61
C8 NAG H . -7.90 -41.67 -40.41
N2 NAG H . -7.47 -40.16 -42.23
O3 NAG H . -7.46 -41.26 -44.93
O4 NAG H . -6.33 -39.49 -46.89
O5 NAG H . -7.68 -37.17 -44.43
O6 NAG H . -6.86 -35.35 -46.42
O7 NAG H . -9.55 -40.98 -41.99
C1 NAG H . -6.89 -40.10 -47.99
C2 NAG H . -5.90 -39.90 -49.13
C3 NAG H . -6.45 -40.50 -50.42
C4 NAG H . -6.83 -41.96 -50.20
C5 NAG H . -7.78 -42.07 -49.01
C6 NAG H . -8.11 -43.49 -48.65
C7 NAG H . -4.37 -38.00 -48.98
C8 NAG H . -4.18 -36.52 -49.22
N2 NAG H . -5.57 -38.49 -49.30
O3 NAG H . -5.49 -40.36 -51.46
O4 NAG H . -7.48 -42.51 -51.34
O5 NAG H . -7.18 -41.48 -47.84
O6 NAG H . -9.17 -43.51 -47.69
O7 NAG H . -3.47 -38.71 -48.52
C1 BMA H . -6.65 -43.04 -52.30
C2 BMA H . -7.35 -44.31 -52.74
C3 BMA H . -6.59 -44.97 -53.89
C4 BMA H . -6.18 -43.97 -54.99
C5 BMA H . -5.46 -42.73 -54.37
C6 BMA H . -5.11 -41.62 -55.39
O2 BMA H . -8.69 -44.06 -53.19
O3 BMA H . -7.35 -46.01 -54.44
O4 BMA H . -5.30 -44.60 -55.92
O5 BMA H . -6.36 -42.17 -53.39
O6 BMA H . -4.34 -40.58 -54.73
C1 MAN H . -7.04 -47.33 -54.17
C2 MAN H . -7.82 -48.33 -55.07
C3 MAN H . -9.31 -48.36 -54.62
C4 MAN H . -9.46 -48.55 -53.10
C5 MAN H . -8.64 -47.50 -52.34
C6 MAN H . -8.64 -47.69 -50.82
O2 MAN H . -7.28 -49.69 -54.97
O3 MAN H . -10.11 -49.32 -55.32
O4 MAN H . -10.84 -48.45 -52.73
O5 MAN H . -7.26 -47.53 -52.78
O6 MAN H . -9.97 -47.63 -50.36
C1 FUC H . -7.94 -34.53 -46.62
C2 FUC H . -7.61 -33.27 -45.78
C3 FUC H . -6.33 -32.60 -46.29
C4 FUC H . -6.43 -32.31 -47.82
C5 FUC H . -6.77 -33.61 -48.59
C6 FUC H . -7.03 -33.39 -50.10
O2 FUC H . -7.58 -33.51 -44.35
O3 FUC H . -6.09 -31.37 -45.62
O4 FUC H . -7.43 -31.35 -48.09
O5 FUC H . -7.96 -34.27 -48.02
#